data_5FG4
# 
_entry.id   5FG4 
# 
_audit_conform.dict_name       mmcif_pdbx.dic 
_audit_conform.dict_version    5.383 
_audit_conform.dict_location   http://mmcif.pdb.org/dictionaries/ascii/mmcif_pdbx.dic 
# 
loop_
_database_2.database_id 
_database_2.database_code 
_database_2.pdbx_database_accession 
_database_2.pdbx_DOI 
PDB   5FG4         pdb_00005fg4 10.2210/pdb5fg4/pdb 
WWPDB D_1000216535 ?            ?                   
# 
loop_
_pdbx_audit_revision_history.ordinal 
_pdbx_audit_revision_history.data_content_type 
_pdbx_audit_revision_history.major_revision 
_pdbx_audit_revision_history.minor_revision 
_pdbx_audit_revision_history.revision_date 
1 'Structure model' 1 0 2016-01-13 
2 'Structure model' 1 1 2024-01-10 
# 
_pdbx_audit_revision_details.ordinal             1 
_pdbx_audit_revision_details.revision_ordinal    1 
_pdbx_audit_revision_details.data_content_type   'Structure model' 
_pdbx_audit_revision_details.provider            repository 
_pdbx_audit_revision_details.type                'Initial release' 
_pdbx_audit_revision_details.description         ? 
_pdbx_audit_revision_details.details             ? 
# 
loop_
_pdbx_audit_revision_group.ordinal 
_pdbx_audit_revision_group.revision_ordinal 
_pdbx_audit_revision_group.data_content_type 
_pdbx_audit_revision_group.group 
1 2 'Structure model' 'Data collection'        
2 2 'Structure model' 'Database references'    
3 2 'Structure model' 'Refinement description' 
# 
loop_
_pdbx_audit_revision_category.ordinal 
_pdbx_audit_revision_category.revision_ordinal 
_pdbx_audit_revision_category.data_content_type 
_pdbx_audit_revision_category.category 
1 2 'Structure model' chem_comp_atom                
2 2 'Structure model' chem_comp_bond                
3 2 'Structure model' database_2                    
4 2 'Structure model' pdbx_initial_refinement_model 
# 
loop_
_pdbx_audit_revision_item.ordinal 
_pdbx_audit_revision_item.revision_ordinal 
_pdbx_audit_revision_item.data_content_type 
_pdbx_audit_revision_item.item 
1 2 'Structure model' '_database_2.pdbx_DOI'                
2 2 'Structure model' '_database_2.pdbx_database_accession' 
# 
_pdbx_database_status.status_code                     REL 
_pdbx_database_status.status_code_sf                  REL 
_pdbx_database_status.status_code_mr                  ? 
_pdbx_database_status.entry_id                        5FG4 
_pdbx_database_status.recvd_initial_deposition_date   2015-12-20 
_pdbx_database_status.SG_entry                        Y 
_pdbx_database_status.deposit_site                    RCSB 
_pdbx_database_status.process_site                    PDBE 
_pdbx_database_status.status_code_cs                  ? 
_pdbx_database_status.methods_development_category    ? 
_pdbx_database_status.pdb_format_compatible           Y 
_pdbx_database_status.status_code_nmr_data            ? 
# 
loop_
_audit_author.name 
_audit_author.pdbx_ordinal 
'Tallant, C.'         1  
'Owen, D.R.'          2  
'Gerstenberger, B.S.' 3  
'Savitsky, P.'        4  
'Chaikuad, A.'        5  
'Fedorov, O.'         6  
'Nunez-Alonso, G.'    7  
'Filippakopoulos, P.' 8  
'von Delft, F.'       9  
'Arrowsmith, C.H.'    10 
'Edwards, A.M.'       11 
'Bountra, C.'         12 
'Muller, S.'          13 
'Knapp, S.'           14 
# 
_citation.abstract                  ? 
_citation.abstract_id_CAS           ? 
_citation.book_id_ISBN              ? 
_citation.book_publisher            ? 
_citation.book_publisher_city       ? 
_citation.book_title                ? 
_citation.coordinate_linkage        ? 
_citation.country                   ? 
_citation.database_id_Medline       ? 
_citation.details                   ? 
_citation.id                        primary 
_citation.journal_abbrev            'To Be Published' 
_citation.journal_id_ASTM           ? 
_citation.journal_id_CSD            0353 
_citation.journal_id_ISSN           ? 
_citation.journal_full              ? 
_citation.journal_issue             ? 
_citation.journal_volume            ? 
_citation.language                  ? 
_citation.page_first                ? 
_citation.page_last                 ? 
_citation.title                     'Crystal structure of the bromodomain of human BRPF1 in complex with OF-1 chemical probe' 
_citation.year                      ? 
_citation.database_id_CSD           ? 
_citation.pdbx_database_id_DOI      ? 
_citation.pdbx_database_id_PubMed   ? 
_citation.unpublished_flag          ? 
# 
loop_
_citation_author.citation_id 
_citation_author.name 
_citation_author.ordinal 
_citation_author.identifier_ORCID 
primary 'Tallant, C.'         1  ? 
primary 'Owen, D.R.'          2  ? 
primary 'Gerstenberger, B.S.' 3  ? 
primary 'Savitsky, P.'        4  ? 
primary 'Chaikuad, A.'        5  ? 
primary 'Fedorov, O.'         6  ? 
primary 'Nunez-Alonso, G.'    7  ? 
primary 'Filippakopoulos, P.' 8  ? 
primary 'von Delft, F.'       9  ? 
primary 'Arrowsmith, C.H.'    10 ? 
primary 'Edwards, A.M.'       11 ? 
primary 'Bountra, C.'         12 ? 
primary 'Muller, S.'          13 ? 
primary 'Knapp, S.'           14 ? 
# 
loop_
_entity.id 
_entity.type 
_entity.src_method 
_entity.pdbx_description 
_entity.formula_weight 
_entity.pdbx_number_of_molecules 
_entity.pdbx_ec 
_entity.pdbx_mutation 
_entity.pdbx_fragment 
_entity.details 
1 polymer     man Peregrin                                                                                                 
13703.698 1  ? ? ? ? 
2 non-polymer syn '4-bromanyl-~{N}-(6-methoxy-1,3-dimethyl-2-oxidanylidene-benzimidazol-5-yl)-2-methyl-benzenesulfonamide' 440.312 
1  ? ? ? ? 
3 water       nat water                                                                                                    18.015 
73 ? ? ? ? 
# 
_entity_name_com.entity_id   1 
_entity_name_com.name        'Bromodomain and PHD finger-containing protein 1,Protein Br140' 
# 
_entity_poly.entity_id                      1 
_entity_poly.type                           'polypeptide(L)' 
_entity_poly.nstd_linkage                   no 
_entity_poly.nstd_monomer                   no 
_entity_poly.pdbx_seq_one_letter_code       
;SMEMQLTPFLILLRKTLEQLQEKDTGNIFSEPVPLSEVPDYLDHIKKPMDFFTMKQNLEAYRYLNFDDFEEDFNLIVSNC
LKYNAKDTIFYRAAVRLREQGGAVLRQARRQAEKMG
;
_entity_poly.pdbx_seq_one_letter_code_can   
;SMEMQLTPFLILLRKTLEQLQEKDTGNIFSEPVPLSEVPDYLDHIKKPMDFFTMKQNLEAYRYLNFDDFEEDFNLIVSNC
LKYNAKDTIFYRAAVRLREQGGAVLRQARRQAEKMG
;
_entity_poly.pdbx_strand_id                 A 
_entity_poly.pdbx_target_identifier         ? 
# 
loop_
_pdbx_entity_nonpoly.entity_id 
_pdbx_entity_nonpoly.name 
_pdbx_entity_nonpoly.comp_id 
2 '4-bromanyl-~{N}-(6-methoxy-1,3-dimethyl-2-oxidanylidene-benzimidazol-5-yl)-2-methyl-benzenesulfonamide' 5XE 
3 water                                                                                                    HOH 
# 
loop_
_entity_poly_seq.entity_id 
_entity_poly_seq.num 
_entity_poly_seq.mon_id 
_entity_poly_seq.hetero 
1 1   SER n 
1 2   MET n 
1 3   GLU n 
1 4   MET n 
1 5   GLN n 
1 6   LEU n 
1 7   THR n 
1 8   PRO n 
1 9   PHE n 
1 10  LEU n 
1 11  ILE n 
1 12  LEU n 
1 13  LEU n 
1 14  ARG n 
1 15  LYS n 
1 16  THR n 
1 17  LEU n 
1 18  GLU n 
1 19  GLN n 
1 20  LEU n 
1 21  GLN n 
1 22  GLU n 
1 23  LYS n 
1 24  ASP n 
1 25  THR n 
1 26  GLY n 
1 27  ASN n 
1 28  ILE n 
1 29  PHE n 
1 30  SER n 
1 31  GLU n 
1 32  PRO n 
1 33  VAL n 
1 34  PRO n 
1 35  LEU n 
1 36  SER n 
1 37  GLU n 
1 38  VAL n 
1 39  PRO n 
1 40  ASP n 
1 41  TYR n 
1 42  LEU n 
1 43  ASP n 
1 44  HIS n 
1 45  ILE n 
1 46  LYS n 
1 47  LYS n 
1 48  PRO n 
1 49  MET n 
1 50  ASP n 
1 51  PHE n 
1 52  PHE n 
1 53  THR n 
1 54  MET n 
1 55  LYS n 
1 56  GLN n 
1 57  ASN n 
1 58  LEU n 
1 59  GLU n 
1 60  ALA n 
1 61  TYR n 
1 62  ARG n 
1 63  TYR n 
1 64  LEU n 
1 65  ASN n 
1 66  PHE n 
1 67  ASP n 
1 68  ASP n 
1 69  PHE n 
1 70  GLU n 
1 71  GLU n 
1 72  ASP n 
1 73  PHE n 
1 74  ASN n 
1 75  LEU n 
1 76  ILE n 
1 77  VAL n 
1 78  SER n 
1 79  ASN n 
1 80  CYS n 
1 81  LEU n 
1 82  LYS n 
1 83  TYR n 
1 84  ASN n 
1 85  ALA n 
1 86  LYS n 
1 87  ASP n 
1 88  THR n 
1 89  ILE n 
1 90  PHE n 
1 91  TYR n 
1 92  ARG n 
1 93  ALA n 
1 94  ALA n 
1 95  VAL n 
1 96  ARG n 
1 97  LEU n 
1 98  ARG n 
1 99  GLU n 
1 100 GLN n 
1 101 GLY n 
1 102 GLY n 
1 103 ALA n 
1 104 VAL n 
1 105 LEU n 
1 106 ARG n 
1 107 GLN n 
1 108 ALA n 
1 109 ARG n 
1 110 ARG n 
1 111 GLN n 
1 112 ALA n 
1 113 GLU n 
1 114 LYS n 
1 115 MET n 
1 116 GLY n 
# 
_entity_src_gen.entity_id                          1 
_entity_src_gen.pdbx_src_id                        1 
_entity_src_gen.pdbx_alt_source_flag               sample 
_entity_src_gen.pdbx_seq_type                      'Biological sequence' 
_entity_src_gen.pdbx_beg_seq_num                   1 
_entity_src_gen.pdbx_end_seq_num                   116 
_entity_src_gen.gene_src_common_name               Human 
_entity_src_gen.gene_src_genus                     ? 
_entity_src_gen.pdbx_gene_src_gene                 'BRPF1, BR140' 
_entity_src_gen.gene_src_species                   ? 
_entity_src_gen.gene_src_strain                    ? 
_entity_src_gen.gene_src_tissue                    ? 
_entity_src_gen.gene_src_tissue_fraction           ? 
_entity_src_gen.gene_src_details                   ? 
_entity_src_gen.pdbx_gene_src_fragment             ? 
_entity_src_gen.pdbx_gene_src_scientific_name      'Homo sapiens' 
_entity_src_gen.pdbx_gene_src_ncbi_taxonomy_id     9606 
_entity_src_gen.pdbx_gene_src_variant              ? 
_entity_src_gen.pdbx_gene_src_cell_line            ? 
_entity_src_gen.pdbx_gene_src_atcc                 ? 
_entity_src_gen.pdbx_gene_src_organ                ? 
_entity_src_gen.pdbx_gene_src_organelle            ? 
_entity_src_gen.pdbx_gene_src_cell                 ? 
_entity_src_gen.pdbx_gene_src_cellular_location    ? 
_entity_src_gen.host_org_common_name               ? 
_entity_src_gen.pdbx_host_org_scientific_name      'Escherichia coli' 
_entity_src_gen.pdbx_host_org_ncbi_taxonomy_id     562 
_entity_src_gen.host_org_genus                     ? 
_entity_src_gen.pdbx_host_org_gene                 ? 
_entity_src_gen.pdbx_host_org_organ                ? 
_entity_src_gen.host_org_species                   ? 
_entity_src_gen.pdbx_host_org_tissue               ? 
_entity_src_gen.pdbx_host_org_tissue_fraction      ? 
_entity_src_gen.pdbx_host_org_strain               ? 
_entity_src_gen.pdbx_host_org_variant              ? 
_entity_src_gen.pdbx_host_org_cell_line            ? 
_entity_src_gen.pdbx_host_org_atcc                 ? 
_entity_src_gen.pdbx_host_org_culture_collection   ? 
_entity_src_gen.pdbx_host_org_cell                 ? 
_entity_src_gen.pdbx_host_org_organelle            ? 
_entity_src_gen.pdbx_host_org_cellular_location    ? 
_entity_src_gen.pdbx_host_org_vector_type          plasmid 
_entity_src_gen.pdbx_host_org_vector               ? 
_entity_src_gen.host_org_details                   ? 
_entity_src_gen.expression_system_id               ? 
_entity_src_gen.plasmid_name                       pNIC28-Bsa4 
_entity_src_gen.plasmid_details                    ? 
_entity_src_gen.pdbx_description                   ? 
# 
loop_
_chem_comp.id 
_chem_comp.type 
_chem_comp.mon_nstd_flag 
_chem_comp.name 
_chem_comp.pdbx_synonyms 
_chem_comp.formula 
_chem_comp.formula_weight 
5XE non-polymer         . '4-bromanyl-~{N}-(6-methoxy-1,3-dimethyl-2-oxidanylidene-benzimidazol-5-yl)-2-methyl-benzenesulfonamide' 
? 'C17 H18 Br N3 O4 S' 440.312 
ALA 'L-peptide linking' y ALANINE                                                                                                  
? 'C3 H7 N O2'         89.093  
ARG 'L-peptide linking' y ARGININE                                                                                                 
? 'C6 H15 N4 O2 1'     175.209 
ASN 'L-peptide linking' y ASPARAGINE                                                                                               
? 'C4 H8 N2 O3'        132.118 
ASP 'L-peptide linking' y 'ASPARTIC ACID'                                                                                          
? 'C4 H7 N O4'         133.103 
CYS 'L-peptide linking' y CYSTEINE                                                                                                 
? 'C3 H7 N O2 S'       121.158 
GLN 'L-peptide linking' y GLUTAMINE                                                                                                
? 'C5 H10 N2 O3'       146.144 
GLU 'L-peptide linking' y 'GLUTAMIC ACID'                                                                                          
? 'C5 H9 N O4'         147.129 
GLY 'peptide linking'   y GLYCINE                                                                                                  
? 'C2 H5 N O2'         75.067  
HIS 'L-peptide linking' y HISTIDINE                                                                                                
? 'C6 H10 N3 O2 1'     156.162 
HOH non-polymer         . WATER                                                                                                    
? 'H2 O'               18.015  
ILE 'L-peptide linking' y ISOLEUCINE                                                                                               
? 'C6 H13 N O2'        131.173 
LEU 'L-peptide linking' y LEUCINE                                                                                                  
? 'C6 H13 N O2'        131.173 
LYS 'L-peptide linking' y LYSINE                                                                                                   
? 'C6 H15 N2 O2 1'     147.195 
MET 'L-peptide linking' y METHIONINE                                                                                               
? 'C5 H11 N O2 S'      149.211 
PHE 'L-peptide linking' y PHENYLALANINE                                                                                            
? 'C9 H11 N O2'        165.189 
PRO 'L-peptide linking' y PROLINE                                                                                                  
? 'C5 H9 N O2'         115.130 
SER 'L-peptide linking' y SERINE                                                                                                   
? 'C3 H7 N O3'         105.093 
THR 'L-peptide linking' y THREONINE                                                                                                
? 'C4 H9 N O3'         119.119 
TYR 'L-peptide linking' y TYROSINE                                                                                                 
? 'C9 H11 N O3'        181.189 
VAL 'L-peptide linking' y VALINE                                                                                                   
? 'C5 H11 N O2'        117.146 
# 
loop_
_pdbx_poly_seq_scheme.asym_id 
_pdbx_poly_seq_scheme.entity_id 
_pdbx_poly_seq_scheme.seq_id 
_pdbx_poly_seq_scheme.mon_id 
_pdbx_poly_seq_scheme.ndb_seq_num 
_pdbx_poly_seq_scheme.pdb_seq_num 
_pdbx_poly_seq_scheme.auth_seq_num 
_pdbx_poly_seq_scheme.pdb_mon_id 
_pdbx_poly_seq_scheme.auth_mon_id 
_pdbx_poly_seq_scheme.pdb_strand_id 
_pdbx_poly_seq_scheme.pdb_ins_code 
_pdbx_poly_seq_scheme.hetero 
A 1 1   SER 1   625 ?   ?   ?   A . n 
A 1 2   MET 2   626 ?   ?   ?   A . n 
A 1 3   GLU 3   627 ?   ?   ?   A . n 
A 1 4   MET 4   628 628 MET MET A . n 
A 1 5   GLN 5   629 629 GLN GLN A . n 
A 1 6   LEU 6   630 630 LEU LEU A . n 
A 1 7   THR 7   631 631 THR THR A . n 
A 1 8   PRO 8   632 632 PRO PRO A . n 
A 1 9   PHE 9   633 633 PHE PHE A . n 
A 1 10  LEU 10  634 634 LEU LEU A . n 
A 1 11  ILE 11  635 635 ILE ILE A . n 
A 1 12  LEU 12  636 636 LEU LEU A . n 
A 1 13  LEU 13  637 637 LEU LEU A . n 
A 1 14  ARG 14  638 638 ARG ARG A . n 
A 1 15  LYS 15  639 639 LYS LYS A . n 
A 1 16  THR 16  640 640 THR THR A . n 
A 1 17  LEU 17  641 641 LEU LEU A . n 
A 1 18  GLU 18  642 642 GLU GLU A . n 
A 1 19  GLN 19  643 643 GLN GLN A . n 
A 1 20  LEU 20  644 644 LEU LEU A . n 
A 1 21  GLN 21  645 645 GLN GLN A . n 
A 1 22  GLU 22  646 646 GLU GLU A . n 
A 1 23  LYS 23  647 647 LYS LYS A . n 
A 1 24  ASP 24  648 648 ASP ASP A . n 
A 1 25  THR 25  649 649 THR THR A . n 
A 1 26  GLY 26  650 650 GLY GLY A . n 
A 1 27  ASN 27  651 651 ASN ASN A . n 
A 1 28  ILE 28  652 652 ILE ILE A . n 
A 1 29  PHE 29  653 653 PHE PHE A . n 
A 1 30  SER 30  654 654 SER SER A . n 
A 1 31  GLU 31  655 655 GLU GLU A . n 
A 1 32  PRO 32  656 656 PRO PRO A . n 
A 1 33  VAL 33  657 657 VAL VAL A . n 
A 1 34  PRO 34  658 658 PRO PRO A . n 
A 1 35  LEU 35  659 659 LEU LEU A . n 
A 1 36  SER 36  660 660 SER SER A . n 
A 1 37  GLU 37  661 661 GLU GLU A . n 
A 1 38  VAL 38  662 662 VAL VAL A . n 
A 1 39  PRO 39  663 663 PRO PRO A . n 
A 1 40  ASP 40  664 664 ASP ASP A . n 
A 1 41  TYR 41  665 665 TYR TYR A . n 
A 1 42  LEU 42  666 666 LEU LEU A . n 
A 1 43  ASP 43  667 667 ASP ASP A . n 
A 1 44  HIS 44  668 668 HIS HIS A . n 
A 1 45  ILE 45  669 669 ILE ILE A . n 
A 1 46  LYS 46  670 670 LYS LYS A . n 
A 1 47  LYS 47  671 671 LYS LYS A . n 
A 1 48  PRO 48  672 672 PRO PRO A . n 
A 1 49  MET 49  673 673 MET MET A . n 
A 1 50  ASP 50  674 674 ASP ASP A . n 
A 1 51  PHE 51  675 675 PHE PHE A . n 
A 1 52  PHE 52  676 676 PHE PHE A . n 
A 1 53  THR 53  677 677 THR THR A . n 
A 1 54  MET 54  678 678 MET MET A . n 
A 1 55  LYS 55  679 679 LYS LYS A . n 
A 1 56  GLN 56  680 680 GLN GLN A . n 
A 1 57  ASN 57  681 681 ASN ASN A . n 
A 1 58  LEU 58  682 682 LEU LEU A . n 
A 1 59  GLU 59  683 683 GLU GLU A . n 
A 1 60  ALA 60  684 684 ALA ALA A . n 
A 1 61  TYR 61  685 685 TYR TYR A . n 
A 1 62  ARG 62  686 686 ARG ARG A . n 
A 1 63  TYR 63  687 687 TYR TYR A . n 
A 1 64  LEU 64  688 688 LEU LEU A . n 
A 1 65  ASN 65  689 689 ASN ASN A . n 
A 1 66  PHE 66  690 690 PHE PHE A . n 
A 1 67  ASP 67  691 691 ASP ASP A . n 
A 1 68  ASP 68  692 692 ASP ASP A . n 
A 1 69  PHE 69  693 693 PHE PHE A . n 
A 1 70  GLU 70  694 694 GLU GLU A . n 
A 1 71  GLU 71  695 695 GLU GLU A . n 
A 1 72  ASP 72  696 696 ASP ASP A . n 
A 1 73  PHE 73  697 697 PHE PHE A . n 
A 1 74  ASN 74  698 698 ASN ASN A . n 
A 1 75  LEU 75  699 699 LEU LEU A . n 
A 1 76  ILE 76  700 700 ILE ILE A . n 
A 1 77  VAL 77  701 701 VAL VAL A . n 
A 1 78  SER 78  702 702 SER SER A . n 
A 1 79  ASN 79  703 703 ASN ASN A . n 
A 1 80  CYS 80  704 704 CYS CYS A . n 
A 1 81  LEU 81  705 705 LEU LEU A . n 
A 1 82  LYS 82  706 706 LYS LYS A . n 
A 1 83  TYR 83  707 707 TYR TYR A . n 
A 1 84  ASN 84  708 708 ASN ASN A . n 
A 1 85  ALA 85  709 709 ALA ALA A . n 
A 1 86  LYS 86  710 710 LYS LYS A . n 
A 1 87  ASP 87  711 711 ASP ASP A . n 
A 1 88  THR 88  712 712 THR THR A . n 
A 1 89  ILE 89  713 713 ILE ILE A . n 
A 1 90  PHE 90  714 714 PHE PHE A . n 
A 1 91  TYR 91  715 715 TYR TYR A . n 
A 1 92  ARG 92  716 716 ARG ARG A . n 
A 1 93  ALA 93  717 717 ALA ALA A . n 
A 1 94  ALA 94  718 718 ALA ALA A . n 
A 1 95  VAL 95  719 719 VAL VAL A . n 
A 1 96  ARG 96  720 720 ARG ARG A . n 
A 1 97  LEU 97  721 721 LEU LEU A . n 
A 1 98  ARG 98  722 722 ARG ARG A . n 
A 1 99  GLU 99  723 723 GLU GLU A . n 
A 1 100 GLN 100 724 724 GLN GLN A . n 
A 1 101 GLY 101 725 725 GLY GLY A . n 
A 1 102 GLY 102 726 726 GLY GLY A . n 
A 1 103 ALA 103 727 727 ALA ALA A . n 
A 1 104 VAL 104 728 728 VAL VAL A . n 
A 1 105 LEU 105 729 729 LEU LEU A . n 
A 1 106 ARG 106 730 730 ARG ARG A . n 
A 1 107 GLN 107 731 731 GLN GLN A . n 
A 1 108 ALA 108 732 732 ALA ALA A . n 
A 1 109 ARG 109 733 733 ARG ARG A . n 
A 1 110 ARG 110 734 734 ARG ARG A . n 
A 1 111 GLN 111 735 735 GLN GLN A . n 
A 1 112 ALA 112 736 736 ALA ALA A . n 
A 1 113 GLU 113 737 737 GLU GLU A . n 
A 1 114 LYS 114 738 738 LYS LYS A . n 
A 1 115 MET 115 739 739 MET MET A . n 
A 1 116 GLY 116 740 740 GLY GLY A . n 
# 
loop_
_pdbx_nonpoly_scheme.asym_id 
_pdbx_nonpoly_scheme.entity_id 
_pdbx_nonpoly_scheme.mon_id 
_pdbx_nonpoly_scheme.ndb_seq_num 
_pdbx_nonpoly_scheme.pdb_seq_num 
_pdbx_nonpoly_scheme.auth_seq_num 
_pdbx_nonpoly_scheme.pdb_mon_id 
_pdbx_nonpoly_scheme.auth_mon_id 
_pdbx_nonpoly_scheme.pdb_strand_id 
_pdbx_nonpoly_scheme.pdb_ins_code 
B 2 5XE 1  801 1  5XE DRG A . 
C 3 HOH 1  901 6  HOH HOH A . 
C 3 HOH 2  902 58 HOH HOH A . 
C 3 HOH 3  903 53 HOH HOH A . 
C 3 HOH 4  904 34 HOH HOH A . 
C 3 HOH 5  905 3  HOH HOH A . 
C 3 HOH 6  906 44 HOH HOH A . 
C 3 HOH 7  907 33 HOH HOH A . 
C 3 HOH 8  908 16 HOH HOH A . 
C 3 HOH 9  909 10 HOH HOH A . 
C 3 HOH 10 910 41 HOH HOH A . 
C 3 HOH 11 911 17 HOH HOH A . 
C 3 HOH 12 912 18 HOH HOH A . 
C 3 HOH 13 913 38 HOH HOH A . 
C 3 HOH 14 914 1  HOH HOH A . 
C 3 HOH 15 915 45 HOH HOH A . 
C 3 HOH 16 916 20 HOH HOH A . 
C 3 HOH 17 917 4  HOH HOH A . 
C 3 HOH 18 918 60 HOH HOH A . 
C 3 HOH 19 919 36 HOH HOH A . 
C 3 HOH 20 920 15 HOH HOH A . 
C 3 HOH 21 921 31 HOH HOH A . 
C 3 HOH 22 922 35 HOH HOH A . 
C 3 HOH 23 923 8  HOH HOH A . 
C 3 HOH 24 924 9  HOH HOH A . 
C 3 HOH 25 925 49 HOH HOH A . 
C 3 HOH 26 926 25 HOH HOH A . 
C 3 HOH 27 927 19 HOH HOH A . 
C 3 HOH 28 928 5  HOH HOH A . 
C 3 HOH 29 929 39 HOH HOH A . 
C 3 HOH 30 930 70 HOH HOH A . 
C 3 HOH 31 931 42 HOH HOH A . 
C 3 HOH 32 932 40 HOH HOH A . 
C 3 HOH 33 933 27 HOH HOH A . 
C 3 HOH 34 934 57 HOH HOH A . 
C 3 HOH 35 935 30 HOH HOH A . 
C 3 HOH 36 936 13 HOH HOH A . 
C 3 HOH 37 937 24 HOH HOH A . 
C 3 HOH 38 938 46 HOH HOH A . 
C 3 HOH 39 939 48 HOH HOH A . 
C 3 HOH 40 940 47 HOH HOH A . 
C 3 HOH 41 941 11 HOH HOH A . 
C 3 HOH 42 942 66 HOH HOH A . 
C 3 HOH 43 943 29 HOH HOH A . 
C 3 HOH 44 944 21 HOH HOH A . 
C 3 HOH 45 945 50 HOH HOH A . 
C 3 HOH 46 946 2  HOH HOH A . 
C 3 HOH 47 947 65 HOH HOH A . 
C 3 HOH 48 948 7  HOH HOH A . 
C 3 HOH 49 949 23 HOH HOH A . 
C 3 HOH 50 950 28 HOH HOH A . 
C 3 HOH 51 951 43 HOH HOH A . 
C 3 HOH 52 952 12 HOH HOH A . 
C 3 HOH 53 953 73 HOH HOH A . 
C 3 HOH 54 954 61 HOH HOH A . 
C 3 HOH 55 955 69 HOH HOH A . 
C 3 HOH 56 956 62 HOH HOH A . 
C 3 HOH 57 957 26 HOH HOH A . 
C 3 HOH 58 958 59 HOH HOH A . 
C 3 HOH 59 959 52 HOH HOH A . 
C 3 HOH 60 960 68 HOH HOH A . 
C 3 HOH 61 961 72 HOH HOH A . 
C 3 HOH 62 962 32 HOH HOH A . 
C 3 HOH 63 963 63 HOH HOH A . 
C 3 HOH 64 964 51 HOH HOH A . 
C 3 HOH 65 965 54 HOH HOH A . 
C 3 HOH 66 966 22 HOH HOH A . 
C 3 HOH 67 967 71 HOH HOH A . 
C 3 HOH 68 968 37 HOH HOH A . 
C 3 HOH 69 969 55 HOH HOH A . 
C 3 HOH 70 970 64 HOH HOH A . 
C 3 HOH 71 971 56 HOH HOH A . 
C 3 HOH 72 972 67 HOH HOH A . 
C 3 HOH 73 973 14 HOH HOH A . 
# 
loop_
_pdbx_unobs_or_zero_occ_atoms.id 
_pdbx_unobs_or_zero_occ_atoms.PDB_model_num 
_pdbx_unobs_or_zero_occ_atoms.polymer_flag 
_pdbx_unobs_or_zero_occ_atoms.occupancy_flag 
_pdbx_unobs_or_zero_occ_atoms.auth_asym_id 
_pdbx_unobs_or_zero_occ_atoms.auth_comp_id 
_pdbx_unobs_or_zero_occ_atoms.auth_seq_id 
_pdbx_unobs_or_zero_occ_atoms.PDB_ins_code 
_pdbx_unobs_or_zero_occ_atoms.auth_atom_id 
_pdbx_unobs_or_zero_occ_atoms.label_alt_id 
_pdbx_unobs_or_zero_occ_atoms.label_asym_id 
_pdbx_unobs_or_zero_occ_atoms.label_comp_id 
_pdbx_unobs_or_zero_occ_atoms.label_seq_id 
_pdbx_unobs_or_zero_occ_atoms.label_atom_id 
1 1 Y 1 A LYS 670 ? CD  ? A LYS 46  CD  
2 1 Y 1 A LYS 670 ? CE  ? A LYS 46  CE  
3 1 Y 1 A LYS 670 ? NZ  ? A LYS 46  NZ  
4 1 Y 1 A GLN 731 ? CD  ? A GLN 107 CD  
5 1 Y 1 A GLN 731 ? OE1 ? A GLN 107 OE1 
6 1 Y 1 A GLN 731 ? NE2 ? A GLN 107 NE2 
# 
loop_
_software.citation_id 
_software.classification 
_software.compiler_name 
_software.compiler_version 
_software.contact_author 
_software.contact_author_email 
_software.date 
_software.description 
_software.dependencies 
_software.hardware 
_software.language 
_software.location 
_software.mods 
_software.name 
_software.os 
_software.os_version 
_software.type 
_software.version 
_software.pdbx_ordinal 
? refinement       ? ? ? ? ? ? ? ? ? ? ? REFMAC  ? ? ? 5.8.0073 1 
? 'data reduction' ? ? ? ? ? ? ? ? ? ? ? XDS     ? ? ? .        2 
? 'data scaling'   ? ? ? ? ? ? ? ? ? ? ? Aimless ? ? ? .        3 
? phasing          ? ? ? ? ? ? ? ? ? ? ? PHASER  ? ? ? .        4 
# 
_cell.angle_alpha                  90.00 
_cell.angle_alpha_esd              ? 
_cell.angle_beta                   100.43 
_cell.angle_beta_esd               ? 
_cell.angle_gamma                  90.00 
_cell.angle_gamma_esd              ? 
_cell.entry_id                     5FG4 
_cell.details                      ? 
_cell.formula_units_Z              ? 
_cell.length_a                     47.802 
_cell.length_a_esd                 ? 
_cell.length_b                     60.704 
_cell.length_b_esd                 ? 
_cell.length_c                     51.171 
_cell.length_c_esd                 ? 
_cell.volume                       ? 
_cell.volume_esd                   ? 
_cell.Z_PDB                        4 
_cell.reciprocal_angle_alpha       ? 
_cell.reciprocal_angle_beta        ? 
_cell.reciprocal_angle_gamma       ? 
_cell.reciprocal_angle_alpha_esd   ? 
_cell.reciprocal_angle_beta_esd    ? 
_cell.reciprocal_angle_gamma_esd   ? 
_cell.reciprocal_length_a          ? 
_cell.reciprocal_length_b          ? 
_cell.reciprocal_length_c          ? 
_cell.reciprocal_length_a_esd      ? 
_cell.reciprocal_length_b_esd      ? 
_cell.reciprocal_length_c_esd      ? 
_cell.pdbx_unique_axis             ? 
# 
_symmetry.entry_id                         5FG4 
_symmetry.cell_setting                     ? 
_symmetry.Int_Tables_number                5 
_symmetry.space_group_name_Hall            ? 
_symmetry.space_group_name_H-M             'I 1 2 1' 
_symmetry.pdbx_full_space_group_name_H-M   ? 
# 
_exptl.absorpt_coefficient_mu     ? 
_exptl.absorpt_correction_T_max   ? 
_exptl.absorpt_correction_T_min   ? 
_exptl.absorpt_correction_type    ? 
_exptl.absorpt_process_details    ? 
_exptl.entry_id                   5FG4 
_exptl.crystals_number            ? 
_exptl.details                    ? 
_exptl.method                     'X-RAY DIFFRACTION' 
_exptl.method_details             ? 
# 
_exptl_crystal.colour                      ? 
_exptl_crystal.density_diffrn              ? 
_exptl_crystal.density_Matthews            2.67 
_exptl_crystal.density_method              ? 
_exptl_crystal.density_percent_sol         53.92 
_exptl_crystal.description                 Rod 
_exptl_crystal.F_000                       ? 
_exptl_crystal.id                          1 
_exptl_crystal.preparation                 ? 
_exptl_crystal.size_max                    ? 
_exptl_crystal.size_mid                    ? 
_exptl_crystal.size_min                    ? 
_exptl_crystal.size_rad                    ? 
_exptl_crystal.colour_lustre               ? 
_exptl_crystal.colour_modifier             ? 
_exptl_crystal.colour_primary              ? 
_exptl_crystal.density_meas                ? 
_exptl_crystal.density_meas_esd            ? 
_exptl_crystal.density_meas_gt             ? 
_exptl_crystal.density_meas_lt             ? 
_exptl_crystal.density_meas_temp           ? 
_exptl_crystal.density_meas_temp_esd       ? 
_exptl_crystal.density_meas_temp_gt        ? 
_exptl_crystal.density_meas_temp_lt        ? 
_exptl_crystal.pdbx_crystal_image_url      ? 
_exptl_crystal.pdbx_crystal_image_format   ? 
_exptl_crystal.pdbx_mosaicity              ? 
_exptl_crystal.pdbx_mosaicity_esd          ? 
# 
_exptl_crystal_grow.apparatus       ? 
_exptl_crystal_grow.atmosphere      ? 
_exptl_crystal_grow.crystal_id      1 
_exptl_crystal_grow.details         ? 
_exptl_crystal_grow.method          'VAPOR DIFFUSION, SITTING DROP' 
_exptl_crystal_grow.method_ref      ? 
_exptl_crystal_grow.pH              7.4 
_exptl_crystal_grow.pressure        ? 
_exptl_crystal_grow.pressure_esd    ? 
_exptl_crystal_grow.seeding         ? 
_exptl_crystal_grow.seeding_ref     ? 
_exptl_crystal_grow.temp            277.15 
_exptl_crystal_grow.temp_details    ? 
_exptl_crystal_grow.temp_esd        ? 
_exptl_crystal_grow.time            ? 
_exptl_crystal_grow.pdbx_details    '25% PEG3350, 0.1M bis-tris propane pH 7.4, 5% ethyleneglycol, 0.15M sodium nitrate' 
_exptl_crystal_grow.pdbx_pH_range   7.4 
# 
_diffrn.ambient_environment    ? 
_diffrn.ambient_temp           100 
_diffrn.ambient_temp_details   ? 
_diffrn.ambient_temp_esd       ? 
_diffrn.crystal_id             1 
_diffrn.crystal_support        ? 
_diffrn.crystal_treatment      ? 
_diffrn.details                ? 
_diffrn.id                     1 
_diffrn.ambient_pressure       ? 
_diffrn.ambient_pressure_esd   ? 
_diffrn.ambient_pressure_gt    ? 
_diffrn.ambient_pressure_lt    ? 
_diffrn.ambient_temp_gt        ? 
_diffrn.ambient_temp_lt        ? 
# 
_diffrn_detector.details                      ? 
_diffrn_detector.detector                     PIXEL 
_diffrn_detector.diffrn_id                    1 
_diffrn_detector.type                         'DECTRIS PILATUS 6M' 
_diffrn_detector.area_resol_mean              ? 
_diffrn_detector.dtime                        ? 
_diffrn_detector.pdbx_frames_total            ? 
_diffrn_detector.pdbx_collection_time_total   ? 
_diffrn_detector.pdbx_collection_date         2014-01-18 
# 
_diffrn_radiation.collimation                      ? 
_diffrn_radiation.diffrn_id                        1 
_diffrn_radiation.filter_edge                      ? 
_diffrn_radiation.inhomogeneity                    ? 
_diffrn_radiation.monochromator                    ? 
_diffrn_radiation.polarisn_norm                    ? 
_diffrn_radiation.polarisn_ratio                   ? 
_diffrn_radiation.probe                            ? 
_diffrn_radiation.type                             ? 
_diffrn_radiation.xray_symbol                      ? 
_diffrn_radiation.wavelength_id                    1 
_diffrn_radiation.pdbx_monochromatic_or_laue_m_l   M 
_diffrn_radiation.pdbx_wavelength_list             ? 
_diffrn_radiation.pdbx_wavelength                  ? 
_diffrn_radiation.pdbx_diffrn_protocol             'SINGLE WAVELENGTH' 
_diffrn_radiation.pdbx_analyzer                    ? 
_diffrn_radiation.pdbx_scattering_type             x-ray 
# 
_diffrn_radiation_wavelength.id           1 
_diffrn_radiation_wavelength.wavelength   0.9796 
_diffrn_radiation_wavelength.wt           1.0 
# 
_diffrn_source.current                     ? 
_diffrn_source.details                     ? 
_diffrn_source.diffrn_id                   1 
_diffrn_source.power                       ? 
_diffrn_source.size                        ? 
_diffrn_source.source                      SYNCHROTRON 
_diffrn_source.target                      ? 
_diffrn_source.type                        'DIAMOND BEAMLINE I03' 
_diffrn_source.voltage                     ? 
_diffrn_source.take-off_angle              ? 
_diffrn_source.pdbx_wavelength_list        0.9796 
_diffrn_source.pdbx_wavelength             ? 
_diffrn_source.pdbx_synchrotron_beamline   I03 
_diffrn_source.pdbx_synchrotron_site       Diamond 
# 
_reflns.B_iso_Wilson_estimate            24.6 
_reflns.entry_id                         5FG4 
_reflns.data_reduction_details           ? 
_reflns.data_reduction_method            ? 
_reflns.d_resolution_high                1.65 
_reflns.d_resolution_low                 25.16 
_reflns.details                          ? 
_reflns.limit_h_max                      ? 
_reflns.limit_h_min                      ? 
_reflns.limit_k_max                      ? 
_reflns.limit_k_min                      ? 
_reflns.limit_l_max                      ? 
_reflns.limit_l_min                      ? 
_reflns.number_all                       17300 
_reflns.number_obs                       17300 
_reflns.observed_criterion               ? 
_reflns.observed_criterion_F_max         ? 
_reflns.observed_criterion_F_min         ? 
_reflns.observed_criterion_I_max         ? 
_reflns.observed_criterion_I_min         ? 
_reflns.observed_criterion_sigma_F       ? 
_reflns.observed_criterion_sigma_I       ? 
_reflns.percent_possible_obs             99.4 
_reflns.R_free_details                   ? 
_reflns.Rmerge_F_all                     ? 
_reflns.Rmerge_F_obs                     ? 
_reflns.Friedel_coverage                 ? 
_reflns.number_gt                        ? 
_reflns.threshold_expression             ? 
_reflns.pdbx_redundancy                  5.9 
_reflns.pdbx_Rmerge_I_obs                0.042 
_reflns.pdbx_Rmerge_I_all                ? 
_reflns.pdbx_Rsym_value                  0.028 
_reflns.pdbx_netI_over_av_sigmaI         ? 
_reflns.pdbx_netI_over_sigmaI            18.4 
_reflns.pdbx_res_netI_over_av_sigmaI_2   ? 
_reflns.pdbx_res_netI_over_sigmaI_2      ? 
_reflns.pdbx_chi_squared                 ? 
_reflns.pdbx_scaling_rejects             ? 
_reflns.pdbx_d_res_high_opt              ? 
_reflns.pdbx_d_res_low_opt               ? 
_reflns.pdbx_d_res_opt_method            ? 
_reflns.phase_calculation_details        ? 
_reflns.pdbx_Rrim_I_all                  ? 
_reflns.pdbx_Rpim_I_all                  ? 
_reflns.pdbx_d_opt                       ? 
_reflns.pdbx_number_measured_all         ? 
_reflns.pdbx_diffrn_id                   1 
_reflns.pdbx_ordinal                     1 
_reflns.pdbx_CC_half                     ? 
_reflns.pdbx_R_split                     ? 
# 
_reflns_shell.d_res_high                  1.65 
_reflns_shell.d_res_low                   1.68 
_reflns_shell.meanI_over_sigI_all         ? 
_reflns_shell.meanI_over_sigI_obs         3.1 
_reflns_shell.number_measured_all         ? 
_reflns_shell.number_measured_obs         ? 
_reflns_shell.number_possible             ? 
_reflns_shell.number_unique_all           ? 
_reflns_shell.number_unique_obs           ? 
_reflns_shell.percent_possible_all        94.2 
_reflns_shell.percent_possible_obs        ? 
_reflns_shell.Rmerge_F_all                ? 
_reflns_shell.Rmerge_F_obs                ? 
_reflns_shell.Rmerge_I_all                ? 
_reflns_shell.Rmerge_I_obs                0.455 
_reflns_shell.meanI_over_sigI_gt          ? 
_reflns_shell.meanI_over_uI_all           ? 
_reflns_shell.meanI_over_uI_gt            ? 
_reflns_shell.number_measured_gt          ? 
_reflns_shell.number_unique_gt            ? 
_reflns_shell.percent_possible_gt         ? 
_reflns_shell.Rmerge_F_gt                 ? 
_reflns_shell.Rmerge_I_gt                 ? 
_reflns_shell.pdbx_redundancy             5.3 
_reflns_shell.pdbx_Rsym_value             ? 
_reflns_shell.pdbx_chi_squared            ? 
_reflns_shell.pdbx_netI_over_sigmaI_all   ? 
_reflns_shell.pdbx_netI_over_sigmaI_obs   ? 
_reflns_shell.pdbx_Rrim_I_all             ? 
_reflns_shell.pdbx_Rpim_I_all             ? 
_reflns_shell.pdbx_rejects                ? 
_reflns_shell.pdbx_ordinal                1 
_reflns_shell.pdbx_diffrn_id              1 
_reflns_shell.pdbx_CC_half                ? 
_reflns_shell.pdbx_R_split                ? 
# 
_refine.aniso_B[1][1]                            2.84 
_refine.aniso_B[1][2]                            0.00 
_refine.aniso_B[1][3]                            2.06 
_refine.aniso_B[2][2]                            -2.20 
_refine.aniso_B[2][3]                            0.00 
_refine.aniso_B[3][3]                            -1.31 
_refine.B_iso_max                                ? 
_refine.B_iso_mean                               40.602 
_refine.B_iso_min                                ? 
_refine.correlation_coeff_Fo_to_Fc               0.967 
_refine.correlation_coeff_Fo_to_Fc_free          0.949 
_refine.details                                  'HYDROGENS HAVE BEEN ADDED IN THE RIDING POSITIONS' 
_refine.diff_density_max                         ? 
_refine.diff_density_max_esd                     ? 
_refine.diff_density_min                         ? 
_refine.diff_density_min_esd                     ? 
_refine.diff_density_rms                         ? 
_refine.diff_density_rms_esd                     ? 
_refine.entry_id                                 5FG4 
_refine.pdbx_refine_id                           'X-RAY DIFFRACTION' 
_refine.ls_abs_structure_details                 ? 
_refine.ls_abs_structure_Flack                   ? 
_refine.ls_abs_structure_Flack_esd               ? 
_refine.ls_abs_structure_Rogers                  ? 
_refine.ls_abs_structure_Rogers_esd              ? 
_refine.ls_d_res_high                            1.65 
_refine.ls_d_res_low                             25.16 
_refine.ls_extinction_coef                       ? 
_refine.ls_extinction_coef_esd                   ? 
_refine.ls_extinction_expression                 ? 
_refine.ls_extinction_method                     ? 
_refine.ls_goodness_of_fit_all                   ? 
_refine.ls_goodness_of_fit_all_esd               ? 
_refine.ls_goodness_of_fit_obs                   ? 
_refine.ls_goodness_of_fit_obs_esd               ? 
_refine.ls_hydrogen_treatment                    ? 
_refine.ls_matrix_type                           ? 
_refine.ls_number_constraints                    ? 
_refine.ls_number_parameters                     ? 
_refine.ls_number_reflns_all                     ? 
_refine.ls_number_reflns_obs                     16439 
_refine.ls_number_reflns_R_free                  861 
_refine.ls_number_reflns_R_work                  ? 
_refine.ls_number_restraints                     ? 
_refine.ls_percent_reflns_obs                    99.37 
_refine.ls_percent_reflns_R_free                 5.0 
_refine.ls_R_factor_all                          ? 
_refine.ls_R_factor_obs                          0.20265 
_refine.ls_R_factor_R_free                       0.25416 
_refine.ls_R_factor_R_free_error                 ? 
_refine.ls_R_factor_R_free_error_details         ? 
_refine.ls_R_factor_R_work                       0.19977 
_refine.ls_R_Fsqd_factor_obs                     ? 
_refine.ls_R_I_factor_obs                        ? 
_refine.ls_redundancy_reflns_all                 ? 
_refine.ls_redundancy_reflns_obs                 ? 
_refine.ls_restrained_S_all                      ? 
_refine.ls_restrained_S_obs                      ? 
_refine.ls_shift_over_esd_max                    ? 
_refine.ls_shift_over_esd_mean                   ? 
_refine.ls_structure_factor_coef                 ? 
_refine.ls_weighting_details                     ? 
_refine.ls_weighting_scheme                      ? 
_refine.ls_wR_factor_all                         ? 
_refine.ls_wR_factor_obs                         ? 
_refine.ls_wR_factor_R_free                      ? 
_refine.ls_wR_factor_R_work                      ? 
_refine.occupancy_max                            ? 
_refine.occupancy_min                            ? 
_refine.solvent_model_details                    MASK 
_refine.solvent_model_param_bsol                 ? 
_refine.solvent_model_param_ksol                 ? 
_refine.ls_R_factor_gt                           ? 
_refine.ls_goodness_of_fit_gt                    ? 
_refine.ls_goodness_of_fit_ref                   ? 
_refine.ls_shift_over_su_max                     ? 
_refine.ls_shift_over_su_max_lt                  ? 
_refine.ls_shift_over_su_mean                    ? 
_refine.ls_shift_over_su_mean_lt                 ? 
_refine.pdbx_ls_sigma_I                          ? 
_refine.pdbx_ls_sigma_F                          ? 
_refine.pdbx_ls_sigma_Fsqd                       ? 
_refine.pdbx_data_cutoff_high_absF               ? 
_refine.pdbx_data_cutoff_high_rms_absF           ? 
_refine.pdbx_data_cutoff_low_absF                ? 
_refine.pdbx_isotropic_thermal_model             ? 
_refine.pdbx_ls_cross_valid_method               THROUGHOUT 
_refine.pdbx_method_to_determine_struct          'MOLECULAR REPLACEMENT' 
_refine.pdbx_starting_model                      4LC2 
_refine.pdbx_stereochemistry_target_values       'MAXIMUM LIKELIHOOD' 
_refine.pdbx_R_Free_selection_details            RANDOM 
_refine.pdbx_stereochem_target_val_spec_case     ? 
_refine.pdbx_overall_ESU_R                       0.098 
_refine.pdbx_overall_ESU_R_Free                  0.107 
_refine.pdbx_solvent_vdw_probe_radii             1.20 
_refine.pdbx_solvent_ion_probe_radii             0.80 
_refine.pdbx_solvent_shrinkage_radii             0.80 
_refine.pdbx_real_space_R                        ? 
_refine.pdbx_density_correlation                 ? 
_refine.pdbx_pd_number_of_powder_patterns        ? 
_refine.pdbx_pd_number_of_points                 ? 
_refine.pdbx_pd_meas_number_of_points            ? 
_refine.pdbx_pd_proc_ls_prof_R_factor            ? 
_refine.pdbx_pd_proc_ls_prof_wR_factor           ? 
_refine.pdbx_pd_Marquardt_correlation_coeff      ? 
_refine.pdbx_pd_Fsqrd_R_factor                   ? 
_refine.pdbx_pd_ls_matrix_band_width             ? 
_refine.pdbx_overall_phase_error                 ? 
_refine.pdbx_overall_SU_R_free_Cruickshank_DPI   ? 
_refine.pdbx_overall_SU_R_free_Blow_DPI          ? 
_refine.pdbx_overall_SU_R_Blow_DPI               ? 
_refine.pdbx_TLS_residual_ADP_flag               ? 
_refine.pdbx_diffrn_id                           1 
_refine.overall_SU_B                             2.791 
_refine.overall_SU_ML                            0.090 
_refine.overall_SU_R_Cruickshank_DPI             ? 
_refine.overall_SU_R_free                        ? 
_refine.overall_FOM_free_R_set                   ? 
_refine.overall_FOM_work_R_set                   ? 
_refine.pdbx_average_fsc_overall                 ? 
_refine.pdbx_average_fsc_work                    ? 
_refine.pdbx_average_fsc_free                    ? 
# 
_refine_hist.pdbx_refine_id                   'X-RAY DIFFRACTION' 
_refine_hist.cycle_id                         1 
_refine_hist.pdbx_number_atoms_protein        932 
_refine_hist.pdbx_number_atoms_nucleic_acid   0 
_refine_hist.pdbx_number_atoms_ligand         26 
_refine_hist.number_atoms_solvent             73 
_refine_hist.number_atoms_total               1031 
_refine_hist.d_res_high                       1.65 
_refine_hist.d_res_low                        25.16 
# 
loop_
_refine_ls_restr.pdbx_refine_id 
_refine_ls_restr.criterion 
_refine_ls_restr.dev_ideal 
_refine_ls_restr.dev_ideal_target 
_refine_ls_restr.number 
_refine_ls_restr.rejects 
_refine_ls_restr.type 
_refine_ls_restr.weight 
_refine_ls_restr.pdbx_restraint_function 
'X-RAY DIFFRACTION' ? 0.014  0.020  986  ? r_bond_refined_d             ? ? 
'X-RAY DIFFRACTION' ? 0.001  0.020  939  ? r_bond_other_d               ? ? 
'X-RAY DIFFRACTION' ? 1.589  2.015  1336 ? r_angle_refined_deg          ? ? 
'X-RAY DIFFRACTION' ? 0.819  3.006  2154 ? r_angle_other_deg            ? ? 
'X-RAY DIFFRACTION' ? 6.091  5.000  116  ? r_dihedral_angle_1_deg       ? ? 
'X-RAY DIFFRACTION' ? 31.708 24.118 51   ? r_dihedral_angle_2_deg       ? ? 
'X-RAY DIFFRACTION' ? 12.438 15.000 178  ? r_dihedral_angle_3_deg       ? ? 
'X-RAY DIFFRACTION' ? 21.164 15.000 8    ? r_dihedral_angle_4_deg       ? ? 
'X-RAY DIFFRACTION' ? 0.083  0.200  141  ? r_chiral_restr               ? ? 
'X-RAY DIFFRACTION' ? 0.008  0.021  1111 ? r_gen_planes_refined         ? ? 
'X-RAY DIFFRACTION' ? 0.001  0.020  235  ? r_gen_planes_other           ? ? 
'X-RAY DIFFRACTION' ? ?      ?      ?    ? r_nbd_refined                ? ? 
'X-RAY DIFFRACTION' ? ?      ?      ?    ? r_nbd_other                  ? ? 
'X-RAY DIFFRACTION' ? ?      ?      ?    ? r_nbtor_refined              ? ? 
'X-RAY DIFFRACTION' ? ?      ?      ?    ? r_nbtor_other                ? ? 
'X-RAY DIFFRACTION' ? ?      ?      ?    ? r_xyhbond_nbd_refined        ? ? 
'X-RAY DIFFRACTION' ? ?      ?      ?    ? r_xyhbond_nbd_other          ? ? 
'X-RAY DIFFRACTION' ? ?      ?      ?    ? r_metal_ion_refined          ? ? 
'X-RAY DIFFRACTION' ? ?      ?      ?    ? r_metal_ion_other            ? ? 
'X-RAY DIFFRACTION' ? ?      ?      ?    ? r_symmetry_vdw_refined       ? ? 
'X-RAY DIFFRACTION' ? ?      ?      ?    ? r_symmetry_vdw_other         ? ? 
'X-RAY DIFFRACTION' ? ?      ?      ?    ? r_symmetry_hbond_refined     ? ? 
'X-RAY DIFFRACTION' ? ?      ?      ?    ? r_symmetry_hbond_other       ? ? 
'X-RAY DIFFRACTION' ? ?      ?      ?    ? r_symmetry_metal_ion_refined ? ? 
'X-RAY DIFFRACTION' ? ?      ?      ?    ? r_symmetry_metal_ion_other   ? ? 
'X-RAY DIFFRACTION' ? 3.285  3.671  455  ? r_mcbond_it                  ? ? 
'X-RAY DIFFRACTION' ? 3.211  3.653  454  ? r_mcbond_other               ? ? 
'X-RAY DIFFRACTION' ? 4.748  5.469  568  ? r_mcangle_it                 ? ? 
'X-RAY DIFFRACTION' ? 4.755  5.484  569  ? r_mcangle_other              ? ? 
'X-RAY DIFFRACTION' ? 4.809  4.230  530  ? r_scbond_it                  ? ? 
'X-RAY DIFFRACTION' ? 4.805  4.230  531  ? r_scbond_other               ? ? 
'X-RAY DIFFRACTION' ? ?      ?      ?    ? r_scangle_it                 ? ? 
'X-RAY DIFFRACTION' ? 7.449  6.136  767  ? r_scangle_other              ? ? 
'X-RAY DIFFRACTION' ? 9.424  29.761 1226 ? r_long_range_B_refined       ? ? 
'X-RAY DIFFRACTION' ? 9.422  29.766 1227 ? r_long_range_B_other         ? ? 
'X-RAY DIFFRACTION' ? ?      ?      ?    ? r_rigid_bond_restr           ? ? 
'X-RAY DIFFRACTION' ? ?      ?      ?    ? r_sphericity_free            ? ? 
'X-RAY DIFFRACTION' ? ?      ?      ?    ? r_sphericity_bonded          ? ? 
# 
_refine_ls_shell.pdbx_refine_id                   'X-RAY DIFFRACTION' 
_refine_ls_shell.d_res_high                       1.649 
_refine_ls_shell.d_res_low                        1.692 
_refine_ls_shell.number_reflns_all                ? 
_refine_ls_shell.number_reflns_obs                ? 
_refine_ls_shell.number_reflns_R_free             52 
_refine_ls_shell.number_reflns_R_work             1193 
_refine_ls_shell.percent_reflns_obs               95.92 
_refine_ls_shell.percent_reflns_R_free            ? 
_refine_ls_shell.R_factor_all                     ? 
_refine_ls_shell.R_factor_obs                     ? 
_refine_ls_shell.R_factor_R_free                  0.425 
_refine_ls_shell.R_factor_R_free_error            ? 
_refine_ls_shell.R_factor_R_work                  0.298 
_refine_ls_shell.redundancy_reflns_all            ? 
_refine_ls_shell.redundancy_reflns_obs            ? 
_refine_ls_shell.wR_factor_all                    ? 
_refine_ls_shell.wR_factor_obs                    ? 
_refine_ls_shell.wR_factor_R_free                 ? 
_refine_ls_shell.wR_factor_R_work                 ? 
_refine_ls_shell.pdbx_total_number_of_bins_used   20 
_refine_ls_shell.pdbx_phase_error                 ? 
_refine_ls_shell.pdbx_fsc_work                    ? 
_refine_ls_shell.pdbx_fsc_free                    ? 
# 
_struct.entry_id                     5FG4 
_struct.title                        'Crystal structure of the bromodomain of human BRPF1 in complex with OF-1 chemical probe' 
_struct.pdbx_model_details           ? 
_struct.pdbx_formula_weight          ? 
_struct.pdbx_formula_weight_method   ? 
_struct.pdbx_model_type_details      ? 
_struct.pdbx_CASP_flag               ? 
# 
_struct_keywords.entry_id        5FG4 
_struct_keywords.text            'Peregrin, MOZ-MORF complex, transcription' 
_struct_keywords.pdbx_keywords   TRANSCRIPTION 
# 
loop_
_struct_asym.id 
_struct_asym.pdbx_blank_PDB_chainid_flag 
_struct_asym.pdbx_modified 
_struct_asym.entity_id 
_struct_asym.details 
A N N 1 ? 
B N N 2 ? 
C N N 3 ? 
# 
_struct_ref.id                         1 
_struct_ref.db_name                    UNP 
_struct_ref.db_code                    BRPF1_HUMAN 
_struct_ref.pdbx_db_accession          P55201 
_struct_ref.pdbx_db_isoform            ? 
_struct_ref.entity_id                  1 
_struct_ref.pdbx_seq_one_letter_code   
;MEMQLTPFLILLRKTLEQLQEKDTGNIFSEPVPLSEVPDYLDHIKKPMDFFTMKQNLEAYRYLNFDDFEEDFNLIVSNCL
KYNAKDTIFYRAAVRLREQGGAVLRQARRQAEKMG
;
_struct_ref.pdbx_align_begin           626 
# 
_struct_ref_seq.align_id                      1 
_struct_ref_seq.ref_id                        1 
_struct_ref_seq.pdbx_PDB_id_code              5FG4 
_struct_ref_seq.pdbx_strand_id                A 
_struct_ref_seq.seq_align_beg                 2 
_struct_ref_seq.pdbx_seq_align_beg_ins_code   ? 
_struct_ref_seq.seq_align_end                 116 
_struct_ref_seq.pdbx_seq_align_end_ins_code   ? 
_struct_ref_seq.pdbx_db_accession             P55201 
_struct_ref_seq.db_align_beg                  626 
_struct_ref_seq.pdbx_db_align_beg_ins_code    ? 
_struct_ref_seq.db_align_end                  740 
_struct_ref_seq.pdbx_db_align_end_ins_code    ? 
_struct_ref_seq.pdbx_auth_seq_align_beg       626 
_struct_ref_seq.pdbx_auth_seq_align_end       740 
# 
_struct_ref_seq_dif.align_id                     1 
_struct_ref_seq_dif.pdbx_pdb_id_code             5FG4 
_struct_ref_seq_dif.mon_id                       SER 
_struct_ref_seq_dif.pdbx_pdb_strand_id           A 
_struct_ref_seq_dif.seq_num                      1 
_struct_ref_seq_dif.pdbx_pdb_ins_code            ? 
_struct_ref_seq_dif.pdbx_seq_db_name             UNP 
_struct_ref_seq_dif.pdbx_seq_db_accession_code   P55201 
_struct_ref_seq_dif.db_mon_id                    ? 
_struct_ref_seq_dif.pdbx_seq_db_seq_num          ? 
_struct_ref_seq_dif.details                      'expression tag' 
_struct_ref_seq_dif.pdbx_auth_seq_num            625 
_struct_ref_seq_dif.pdbx_ordinal                 1 
# 
_pdbx_struct_assembly.id                   1 
_pdbx_struct_assembly.details              software_defined_assembly 
_pdbx_struct_assembly.method_details       PISA 
_pdbx_struct_assembly.oligomeric_details   monomeric 
_pdbx_struct_assembly.oligomeric_count     1 
# 
loop_
_pdbx_struct_assembly_prop.biol_id 
_pdbx_struct_assembly_prop.type 
_pdbx_struct_assembly_prop.value 
_pdbx_struct_assembly_prop.details 
1 'ABSA (A^2)' 0    ? 
1 MORE         0    ? 
1 'SSA (A^2)'  7180 ? 
# 
_pdbx_struct_assembly_gen.assembly_id       1 
_pdbx_struct_assembly_gen.oper_expression   1 
_pdbx_struct_assembly_gen.asym_id_list      A,B,C 
# 
_pdbx_struct_oper_list.id                   1 
_pdbx_struct_oper_list.type                 'identity operation' 
_pdbx_struct_oper_list.name                 1_555 
_pdbx_struct_oper_list.symmetry_operation   x,y,z 
_pdbx_struct_oper_list.matrix[1][1]         1.0000000000 
_pdbx_struct_oper_list.matrix[1][2]         0.0000000000 
_pdbx_struct_oper_list.matrix[1][3]         0.0000000000 
_pdbx_struct_oper_list.vector[1]            0.0000000000 
_pdbx_struct_oper_list.matrix[2][1]         0.0000000000 
_pdbx_struct_oper_list.matrix[2][2]         1.0000000000 
_pdbx_struct_oper_list.matrix[2][3]         0.0000000000 
_pdbx_struct_oper_list.vector[2]            0.0000000000 
_pdbx_struct_oper_list.matrix[3][1]         0.0000000000 
_pdbx_struct_oper_list.matrix[3][2]         0.0000000000 
_pdbx_struct_oper_list.matrix[3][3]         1.0000000000 
_pdbx_struct_oper_list.vector[3]            0.0000000000 
# 
loop_
_struct_conf.conf_type_id 
_struct_conf.id 
_struct_conf.pdbx_PDB_helix_id 
_struct_conf.beg_label_comp_id 
_struct_conf.beg_label_asym_id 
_struct_conf.beg_label_seq_id 
_struct_conf.pdbx_beg_PDB_ins_code 
_struct_conf.end_label_comp_id 
_struct_conf.end_label_asym_id 
_struct_conf.end_label_seq_id 
_struct_conf.pdbx_end_PDB_ins_code 
_struct_conf.beg_auth_comp_id 
_struct_conf.beg_auth_asym_id 
_struct_conf.beg_auth_seq_id 
_struct_conf.end_auth_comp_id 
_struct_conf.end_auth_asym_id 
_struct_conf.end_auth_seq_id 
_struct_conf.pdbx_PDB_helix_class 
_struct_conf.details 
_struct_conf.pdbx_PDB_helix_length 
HELX_P HELX_P1 AA1 THR A 7  ? ASP A 24  ? THR A 631 ASP A 648 1 ? 18 
HELX_P HELX_P2 AA2 ASP A 40 ? ILE A 45  ? ASP A 664 ILE A 669 1 ? 6  
HELX_P HELX_P3 AA3 ASP A 50 ? GLU A 59  ? ASP A 674 GLU A 683 1 ? 10 
HELX_P HELX_P4 AA4 ASN A 65 ? ASN A 84  ? ASN A 689 ASN A 708 1 ? 20 
HELX_P HELX_P5 AA5 THR A 88 ? LYS A 114 ? THR A 712 LYS A 738 1 ? 27 
# 
_struct_conf_type.id          HELX_P 
_struct_conf_type.criteria    ? 
_struct_conf_type.reference   ? 
# 
_struct_site.id                   AC1 
_struct_site.pdbx_evidence_code   Software 
_struct_site.pdbx_auth_asym_id    A 
_struct_site.pdbx_auth_comp_id    5XE 
_struct_site.pdbx_auth_seq_id     801 
_struct_site.pdbx_auth_ins_code   ? 
_struct_site.pdbx_num_residues    11 
_struct_site.details              'binding site for residue 5XE A 801' 
# 
loop_
_struct_site_gen.id 
_struct_site_gen.site_id 
_struct_site_gen.pdbx_num_res 
_struct_site_gen.label_comp_id 
_struct_site_gen.label_asym_id 
_struct_site_gen.label_seq_id 
_struct_site_gen.pdbx_auth_ins_code 
_struct_site_gen.auth_comp_id 
_struct_site_gen.auth_asym_id 
_struct_site_gen.auth_seq_id 
_struct_site_gen.label_atom_id 
_struct_site_gen.label_alt_id 
_struct_site_gen.symmetry 
_struct_site_gen.details 
1  AC1 11 LYS A 15 ? LYS A 639 . ? 4_444 ? 
2  AC1 11 ILE A 28 ? ILE A 652 . ? 1_555 ? 
3  AC1 11 PHE A 29 ? PHE A 653 . ? 1_555 ? 
4  AC1 11 VAL A 33 ? VAL A 657 . ? 1_555 ? 
5  AC1 11 PRO A 34 ? PRO A 658 . ? 1_555 ? 
6  AC1 11 GLU A 37 ? GLU A 661 . ? 1_555 ? 
7  AC1 11 VAL A 38 ? VAL A 662 . ? 1_555 ? 
8  AC1 11 ASN A 84 ? ASN A 708 . ? 1_555 ? 
9  AC1 11 PHE A 90 ? PHE A 714 . ? 1_555 ? 
10 AC1 11 HOH C .  ? HOH A 905 . ? 1_555 ? 
11 AC1 11 HOH C .  ? HOH A 938 . ? 1_555 ? 
# 
_pdbx_validate_torsion.id              1 
_pdbx_validate_torsion.PDB_model_num   1 
_pdbx_validate_torsion.auth_comp_id    MET 
_pdbx_validate_torsion.auth_asym_id    A 
_pdbx_validate_torsion.auth_seq_id     739 
_pdbx_validate_torsion.PDB_ins_code    ? 
_pdbx_validate_torsion.label_alt_id    ? 
_pdbx_validate_torsion.phi             -118.76 
_pdbx_validate_torsion.psi             64.54 
# 
loop_
_pdbx_struct_special_symmetry.id 
_pdbx_struct_special_symmetry.PDB_model_num 
_pdbx_struct_special_symmetry.auth_asym_id 
_pdbx_struct_special_symmetry.auth_comp_id 
_pdbx_struct_special_symmetry.auth_seq_id 
_pdbx_struct_special_symmetry.PDB_ins_code 
_pdbx_struct_special_symmetry.label_asym_id 
_pdbx_struct_special_symmetry.label_comp_id 
_pdbx_struct_special_symmetry.label_seq_id 
1 1 A HOH 936 ? C HOH . 
2 1 A HOH 958 ? C HOH . 
# 
loop_
_pdbx_unobs_or_zero_occ_residues.id 
_pdbx_unobs_or_zero_occ_residues.PDB_model_num 
_pdbx_unobs_or_zero_occ_residues.polymer_flag 
_pdbx_unobs_or_zero_occ_residues.occupancy_flag 
_pdbx_unobs_or_zero_occ_residues.auth_asym_id 
_pdbx_unobs_or_zero_occ_residues.auth_comp_id 
_pdbx_unobs_or_zero_occ_residues.auth_seq_id 
_pdbx_unobs_or_zero_occ_residues.PDB_ins_code 
_pdbx_unobs_or_zero_occ_residues.label_asym_id 
_pdbx_unobs_or_zero_occ_residues.label_comp_id 
_pdbx_unobs_or_zero_occ_residues.label_seq_id 
1 1 Y 1 A SER 625 ? A SER 1 
2 1 Y 1 A MET 626 ? A MET 2 
3 1 Y 1 A GLU 627 ? A GLU 3 
# 
loop_
_chem_comp_atom.comp_id 
_chem_comp_atom.atom_id 
_chem_comp_atom.type_symbol 
_chem_comp_atom.pdbx_aromatic_flag 
_chem_comp_atom.pdbx_stereo_config 
_chem_comp_atom.pdbx_ordinal 
5XE CAZ  C  N N 1   
5XE CAT  C  Y N 2   
5XE CAU  C  Y N 3   
5XE CAV  C  Y N 4   
5XE BR   BR N N 5   
5XE CAW  C  Y N 6   
5XE CAX  C  Y N 7   
5XE CAR  C  Y N 8   
5XE SAA  S  N N 9   
5XE OAC  O  N N 10  
5XE OAD  O  N N 11  
5XE NAB  N  N N 12  
5XE CAE  C  Y N 13  
5XE CAF  C  Y N 14  
5XE CAG  C  Y N 15  
5XE NAL  N  N N 16  
5XE CAP  C  N N 17  
5XE CAM  C  N N 18  
5XE OAO  O  N N 19  
5XE NAN  N  N N 20  
5XE CAQ  C  N N 21  
5XE CAH  C  Y N 22  
5XE CAI  C  Y N 23  
5XE CAJ  C  Y N 24  
5XE OAK  O  N N 25  
5XE CAS  C  N N 26  
5XE H1   H  N N 27  
5XE H2   H  N N 28  
5XE H3   H  N N 29  
5XE H4   H  N N 30  
5XE H5   H  N N 31  
5XE H6   H  N N 32  
5XE H7   H  N N 33  
5XE H8   H  N N 34  
5XE H9   H  N N 35  
5XE H10  H  N N 36  
5XE H11  H  N N 37  
5XE H12  H  N N 38  
5XE H13  H  N N 39  
5XE H14  H  N N 40  
5XE H15  H  N N 41  
5XE H16  H  N N 42  
5XE H17  H  N N 43  
5XE H18  H  N N 44  
ALA N    N  N N 45  
ALA CA   C  N S 46  
ALA C    C  N N 47  
ALA O    O  N N 48  
ALA CB   C  N N 49  
ALA OXT  O  N N 50  
ALA H    H  N N 51  
ALA H2   H  N N 52  
ALA HA   H  N N 53  
ALA HB1  H  N N 54  
ALA HB2  H  N N 55  
ALA HB3  H  N N 56  
ALA HXT  H  N N 57  
ARG N    N  N N 58  
ARG CA   C  N S 59  
ARG C    C  N N 60  
ARG O    O  N N 61  
ARG CB   C  N N 62  
ARG CG   C  N N 63  
ARG CD   C  N N 64  
ARG NE   N  N N 65  
ARG CZ   C  N N 66  
ARG NH1  N  N N 67  
ARG NH2  N  N N 68  
ARG OXT  O  N N 69  
ARG H    H  N N 70  
ARG H2   H  N N 71  
ARG HA   H  N N 72  
ARG HB2  H  N N 73  
ARG HB3  H  N N 74  
ARG HG2  H  N N 75  
ARG HG3  H  N N 76  
ARG HD2  H  N N 77  
ARG HD3  H  N N 78  
ARG HE   H  N N 79  
ARG HH11 H  N N 80  
ARG HH12 H  N N 81  
ARG HH21 H  N N 82  
ARG HH22 H  N N 83  
ARG HXT  H  N N 84  
ASN N    N  N N 85  
ASN CA   C  N S 86  
ASN C    C  N N 87  
ASN O    O  N N 88  
ASN CB   C  N N 89  
ASN CG   C  N N 90  
ASN OD1  O  N N 91  
ASN ND2  N  N N 92  
ASN OXT  O  N N 93  
ASN H    H  N N 94  
ASN H2   H  N N 95  
ASN HA   H  N N 96  
ASN HB2  H  N N 97  
ASN HB3  H  N N 98  
ASN HD21 H  N N 99  
ASN HD22 H  N N 100 
ASN HXT  H  N N 101 
ASP N    N  N N 102 
ASP CA   C  N S 103 
ASP C    C  N N 104 
ASP O    O  N N 105 
ASP CB   C  N N 106 
ASP CG   C  N N 107 
ASP OD1  O  N N 108 
ASP OD2  O  N N 109 
ASP OXT  O  N N 110 
ASP H    H  N N 111 
ASP H2   H  N N 112 
ASP HA   H  N N 113 
ASP HB2  H  N N 114 
ASP HB3  H  N N 115 
ASP HD2  H  N N 116 
ASP HXT  H  N N 117 
CYS N    N  N N 118 
CYS CA   C  N R 119 
CYS C    C  N N 120 
CYS O    O  N N 121 
CYS CB   C  N N 122 
CYS SG   S  N N 123 
CYS OXT  O  N N 124 
CYS H    H  N N 125 
CYS H2   H  N N 126 
CYS HA   H  N N 127 
CYS HB2  H  N N 128 
CYS HB3  H  N N 129 
CYS HG   H  N N 130 
CYS HXT  H  N N 131 
GLN N    N  N N 132 
GLN CA   C  N S 133 
GLN C    C  N N 134 
GLN O    O  N N 135 
GLN CB   C  N N 136 
GLN CG   C  N N 137 
GLN CD   C  N N 138 
GLN OE1  O  N N 139 
GLN NE2  N  N N 140 
GLN OXT  O  N N 141 
GLN H    H  N N 142 
GLN H2   H  N N 143 
GLN HA   H  N N 144 
GLN HB2  H  N N 145 
GLN HB3  H  N N 146 
GLN HG2  H  N N 147 
GLN HG3  H  N N 148 
GLN HE21 H  N N 149 
GLN HE22 H  N N 150 
GLN HXT  H  N N 151 
GLU N    N  N N 152 
GLU CA   C  N S 153 
GLU C    C  N N 154 
GLU O    O  N N 155 
GLU CB   C  N N 156 
GLU CG   C  N N 157 
GLU CD   C  N N 158 
GLU OE1  O  N N 159 
GLU OE2  O  N N 160 
GLU OXT  O  N N 161 
GLU H    H  N N 162 
GLU H2   H  N N 163 
GLU HA   H  N N 164 
GLU HB2  H  N N 165 
GLU HB3  H  N N 166 
GLU HG2  H  N N 167 
GLU HG3  H  N N 168 
GLU HE2  H  N N 169 
GLU HXT  H  N N 170 
GLY N    N  N N 171 
GLY CA   C  N N 172 
GLY C    C  N N 173 
GLY O    O  N N 174 
GLY OXT  O  N N 175 
GLY H    H  N N 176 
GLY H2   H  N N 177 
GLY HA2  H  N N 178 
GLY HA3  H  N N 179 
GLY HXT  H  N N 180 
HIS N    N  N N 181 
HIS CA   C  N S 182 
HIS C    C  N N 183 
HIS O    O  N N 184 
HIS CB   C  N N 185 
HIS CG   C  Y N 186 
HIS ND1  N  Y N 187 
HIS CD2  C  Y N 188 
HIS CE1  C  Y N 189 
HIS NE2  N  Y N 190 
HIS OXT  O  N N 191 
HIS H    H  N N 192 
HIS H2   H  N N 193 
HIS HA   H  N N 194 
HIS HB2  H  N N 195 
HIS HB3  H  N N 196 
HIS HD1  H  N N 197 
HIS HD2  H  N N 198 
HIS HE1  H  N N 199 
HIS HE2  H  N N 200 
HIS HXT  H  N N 201 
HOH O    O  N N 202 
HOH H1   H  N N 203 
HOH H2   H  N N 204 
ILE N    N  N N 205 
ILE CA   C  N S 206 
ILE C    C  N N 207 
ILE O    O  N N 208 
ILE CB   C  N S 209 
ILE CG1  C  N N 210 
ILE CG2  C  N N 211 
ILE CD1  C  N N 212 
ILE OXT  O  N N 213 
ILE H    H  N N 214 
ILE H2   H  N N 215 
ILE HA   H  N N 216 
ILE HB   H  N N 217 
ILE HG12 H  N N 218 
ILE HG13 H  N N 219 
ILE HG21 H  N N 220 
ILE HG22 H  N N 221 
ILE HG23 H  N N 222 
ILE HD11 H  N N 223 
ILE HD12 H  N N 224 
ILE HD13 H  N N 225 
ILE HXT  H  N N 226 
LEU N    N  N N 227 
LEU CA   C  N S 228 
LEU C    C  N N 229 
LEU O    O  N N 230 
LEU CB   C  N N 231 
LEU CG   C  N N 232 
LEU CD1  C  N N 233 
LEU CD2  C  N N 234 
LEU OXT  O  N N 235 
LEU H    H  N N 236 
LEU H2   H  N N 237 
LEU HA   H  N N 238 
LEU HB2  H  N N 239 
LEU HB3  H  N N 240 
LEU HG   H  N N 241 
LEU HD11 H  N N 242 
LEU HD12 H  N N 243 
LEU HD13 H  N N 244 
LEU HD21 H  N N 245 
LEU HD22 H  N N 246 
LEU HD23 H  N N 247 
LEU HXT  H  N N 248 
LYS N    N  N N 249 
LYS CA   C  N S 250 
LYS C    C  N N 251 
LYS O    O  N N 252 
LYS CB   C  N N 253 
LYS CG   C  N N 254 
LYS CD   C  N N 255 
LYS CE   C  N N 256 
LYS NZ   N  N N 257 
LYS OXT  O  N N 258 
LYS H    H  N N 259 
LYS H2   H  N N 260 
LYS HA   H  N N 261 
LYS HB2  H  N N 262 
LYS HB3  H  N N 263 
LYS HG2  H  N N 264 
LYS HG3  H  N N 265 
LYS HD2  H  N N 266 
LYS HD3  H  N N 267 
LYS HE2  H  N N 268 
LYS HE3  H  N N 269 
LYS HZ1  H  N N 270 
LYS HZ2  H  N N 271 
LYS HZ3  H  N N 272 
LYS HXT  H  N N 273 
MET N    N  N N 274 
MET CA   C  N S 275 
MET C    C  N N 276 
MET O    O  N N 277 
MET CB   C  N N 278 
MET CG   C  N N 279 
MET SD   S  N N 280 
MET CE   C  N N 281 
MET OXT  O  N N 282 
MET H    H  N N 283 
MET H2   H  N N 284 
MET HA   H  N N 285 
MET HB2  H  N N 286 
MET HB3  H  N N 287 
MET HG2  H  N N 288 
MET HG3  H  N N 289 
MET HE1  H  N N 290 
MET HE2  H  N N 291 
MET HE3  H  N N 292 
MET HXT  H  N N 293 
PHE N    N  N N 294 
PHE CA   C  N S 295 
PHE C    C  N N 296 
PHE O    O  N N 297 
PHE CB   C  N N 298 
PHE CG   C  Y N 299 
PHE CD1  C  Y N 300 
PHE CD2  C  Y N 301 
PHE CE1  C  Y N 302 
PHE CE2  C  Y N 303 
PHE CZ   C  Y N 304 
PHE OXT  O  N N 305 
PHE H    H  N N 306 
PHE H2   H  N N 307 
PHE HA   H  N N 308 
PHE HB2  H  N N 309 
PHE HB3  H  N N 310 
PHE HD1  H  N N 311 
PHE HD2  H  N N 312 
PHE HE1  H  N N 313 
PHE HE2  H  N N 314 
PHE HZ   H  N N 315 
PHE HXT  H  N N 316 
PRO N    N  N N 317 
PRO CA   C  N S 318 
PRO C    C  N N 319 
PRO O    O  N N 320 
PRO CB   C  N N 321 
PRO CG   C  N N 322 
PRO CD   C  N N 323 
PRO OXT  O  N N 324 
PRO H    H  N N 325 
PRO HA   H  N N 326 
PRO HB2  H  N N 327 
PRO HB3  H  N N 328 
PRO HG2  H  N N 329 
PRO HG3  H  N N 330 
PRO HD2  H  N N 331 
PRO HD3  H  N N 332 
PRO HXT  H  N N 333 
SER N    N  N N 334 
SER CA   C  N S 335 
SER C    C  N N 336 
SER O    O  N N 337 
SER CB   C  N N 338 
SER OG   O  N N 339 
SER OXT  O  N N 340 
SER H    H  N N 341 
SER H2   H  N N 342 
SER HA   H  N N 343 
SER HB2  H  N N 344 
SER HB3  H  N N 345 
SER HG   H  N N 346 
SER HXT  H  N N 347 
THR N    N  N N 348 
THR CA   C  N S 349 
THR C    C  N N 350 
THR O    O  N N 351 
THR CB   C  N R 352 
THR OG1  O  N N 353 
THR CG2  C  N N 354 
THR OXT  O  N N 355 
THR H    H  N N 356 
THR H2   H  N N 357 
THR HA   H  N N 358 
THR HB   H  N N 359 
THR HG1  H  N N 360 
THR HG21 H  N N 361 
THR HG22 H  N N 362 
THR HG23 H  N N 363 
THR HXT  H  N N 364 
TYR N    N  N N 365 
TYR CA   C  N S 366 
TYR C    C  N N 367 
TYR O    O  N N 368 
TYR CB   C  N N 369 
TYR CG   C  Y N 370 
TYR CD1  C  Y N 371 
TYR CD2  C  Y N 372 
TYR CE1  C  Y N 373 
TYR CE2  C  Y N 374 
TYR CZ   C  Y N 375 
TYR OH   O  N N 376 
TYR OXT  O  N N 377 
TYR H    H  N N 378 
TYR H2   H  N N 379 
TYR HA   H  N N 380 
TYR HB2  H  N N 381 
TYR HB3  H  N N 382 
TYR HD1  H  N N 383 
TYR HD2  H  N N 384 
TYR HE1  H  N N 385 
TYR HE2  H  N N 386 
TYR HH   H  N N 387 
TYR HXT  H  N N 388 
VAL N    N  N N 389 
VAL CA   C  N S 390 
VAL C    C  N N 391 
VAL O    O  N N 392 
VAL CB   C  N N 393 
VAL CG1  C  N N 394 
VAL CG2  C  N N 395 
VAL OXT  O  N N 396 
VAL H    H  N N 397 
VAL H2   H  N N 398 
VAL HA   H  N N 399 
VAL HB   H  N N 400 
VAL HG11 H  N N 401 
VAL HG12 H  N N 402 
VAL HG13 H  N N 403 
VAL HG21 H  N N 404 
VAL HG22 H  N N 405 
VAL HG23 H  N N 406 
VAL HXT  H  N N 407 
# 
loop_
_chem_comp_bond.comp_id 
_chem_comp_bond.atom_id_1 
_chem_comp_bond.atom_id_2 
_chem_comp_bond.value_order 
_chem_comp_bond.pdbx_aromatic_flag 
_chem_comp_bond.pdbx_stereo_config 
_chem_comp_bond.pdbx_ordinal 
5XE BR  CAV  sing N N 1   
5XE CAV CAW  doub Y N 2   
5XE CAV CAU  sing Y N 3   
5XE CAW CAX  sing Y N 4   
5XE CAU CAT  doub Y N 5   
5XE CAX CAR  doub Y N 6   
5XE CAT CAR  sing Y N 7   
5XE CAT CAZ  sing N N 8   
5XE CAR SAA  sing N N 9   
5XE OAC SAA  doub N N 10  
5XE SAA OAD  doub N N 11  
5XE SAA NAB  sing N N 12  
5XE NAB CAE  sing N N 13  
5XE CAE CAF  doub Y N 14  
5XE CAE CAJ  sing Y N 15  
5XE OAK CAJ  sing N N 16  
5XE OAK CAS  sing N N 17  
5XE CAF CAG  sing Y N 18  
5XE CAJ CAI  doub Y N 19  
5XE CAG NAL  sing N N 20  
5XE CAG CAH  doub Y N 21  
5XE CAP NAL  sing N N 22  
5XE CAI CAH  sing Y N 23  
5XE NAL CAM  sing N N 24  
5XE CAH NAN  sing N N 25  
5XE NAN CAM  sing N N 26  
5XE NAN CAQ  sing N N 27  
5XE CAM OAO  doub N N 28  
5XE CAZ H1   sing N N 29  
5XE CAZ H2   sing N N 30  
5XE CAZ H3   sing N N 31  
5XE CAU H4   sing N N 32  
5XE CAW H5   sing N N 33  
5XE CAX H6   sing N N 34  
5XE NAB H7   sing N N 35  
5XE CAF H8   sing N N 36  
5XE CAP H9   sing N N 37  
5XE CAP H10  sing N N 38  
5XE CAP H11  sing N N 39  
5XE CAQ H12  sing N N 40  
5XE CAQ H13  sing N N 41  
5XE CAQ H14  sing N N 42  
5XE CAI H15  sing N N 43  
5XE CAS H16  sing N N 44  
5XE CAS H17  sing N N 45  
5XE CAS H18  sing N N 46  
ALA N   CA   sing N N 47  
ALA N   H    sing N N 48  
ALA N   H2   sing N N 49  
ALA CA  C    sing N N 50  
ALA CA  CB   sing N N 51  
ALA CA  HA   sing N N 52  
ALA C   O    doub N N 53  
ALA C   OXT  sing N N 54  
ALA CB  HB1  sing N N 55  
ALA CB  HB2  sing N N 56  
ALA CB  HB3  sing N N 57  
ALA OXT HXT  sing N N 58  
ARG N   CA   sing N N 59  
ARG N   H    sing N N 60  
ARG N   H2   sing N N 61  
ARG CA  C    sing N N 62  
ARG CA  CB   sing N N 63  
ARG CA  HA   sing N N 64  
ARG C   O    doub N N 65  
ARG C   OXT  sing N N 66  
ARG CB  CG   sing N N 67  
ARG CB  HB2  sing N N 68  
ARG CB  HB3  sing N N 69  
ARG CG  CD   sing N N 70  
ARG CG  HG2  sing N N 71  
ARG CG  HG3  sing N N 72  
ARG CD  NE   sing N N 73  
ARG CD  HD2  sing N N 74  
ARG CD  HD3  sing N N 75  
ARG NE  CZ   sing N N 76  
ARG NE  HE   sing N N 77  
ARG CZ  NH1  sing N N 78  
ARG CZ  NH2  doub N N 79  
ARG NH1 HH11 sing N N 80  
ARG NH1 HH12 sing N N 81  
ARG NH2 HH21 sing N N 82  
ARG NH2 HH22 sing N N 83  
ARG OXT HXT  sing N N 84  
ASN N   CA   sing N N 85  
ASN N   H    sing N N 86  
ASN N   H2   sing N N 87  
ASN CA  C    sing N N 88  
ASN CA  CB   sing N N 89  
ASN CA  HA   sing N N 90  
ASN C   O    doub N N 91  
ASN C   OXT  sing N N 92  
ASN CB  CG   sing N N 93  
ASN CB  HB2  sing N N 94  
ASN CB  HB3  sing N N 95  
ASN CG  OD1  doub N N 96  
ASN CG  ND2  sing N N 97  
ASN ND2 HD21 sing N N 98  
ASN ND2 HD22 sing N N 99  
ASN OXT HXT  sing N N 100 
ASP N   CA   sing N N 101 
ASP N   H    sing N N 102 
ASP N   H2   sing N N 103 
ASP CA  C    sing N N 104 
ASP CA  CB   sing N N 105 
ASP CA  HA   sing N N 106 
ASP C   O    doub N N 107 
ASP C   OXT  sing N N 108 
ASP CB  CG   sing N N 109 
ASP CB  HB2  sing N N 110 
ASP CB  HB3  sing N N 111 
ASP CG  OD1  doub N N 112 
ASP CG  OD2  sing N N 113 
ASP OD2 HD2  sing N N 114 
ASP OXT HXT  sing N N 115 
CYS N   CA   sing N N 116 
CYS N   H    sing N N 117 
CYS N   H2   sing N N 118 
CYS CA  C    sing N N 119 
CYS CA  CB   sing N N 120 
CYS CA  HA   sing N N 121 
CYS C   O    doub N N 122 
CYS C   OXT  sing N N 123 
CYS CB  SG   sing N N 124 
CYS CB  HB2  sing N N 125 
CYS CB  HB3  sing N N 126 
CYS SG  HG   sing N N 127 
CYS OXT HXT  sing N N 128 
GLN N   CA   sing N N 129 
GLN N   H    sing N N 130 
GLN N   H2   sing N N 131 
GLN CA  C    sing N N 132 
GLN CA  CB   sing N N 133 
GLN CA  HA   sing N N 134 
GLN C   O    doub N N 135 
GLN C   OXT  sing N N 136 
GLN CB  CG   sing N N 137 
GLN CB  HB2  sing N N 138 
GLN CB  HB3  sing N N 139 
GLN CG  CD   sing N N 140 
GLN CG  HG2  sing N N 141 
GLN CG  HG3  sing N N 142 
GLN CD  OE1  doub N N 143 
GLN CD  NE2  sing N N 144 
GLN NE2 HE21 sing N N 145 
GLN NE2 HE22 sing N N 146 
GLN OXT HXT  sing N N 147 
GLU N   CA   sing N N 148 
GLU N   H    sing N N 149 
GLU N   H2   sing N N 150 
GLU CA  C    sing N N 151 
GLU CA  CB   sing N N 152 
GLU CA  HA   sing N N 153 
GLU C   O    doub N N 154 
GLU C   OXT  sing N N 155 
GLU CB  CG   sing N N 156 
GLU CB  HB2  sing N N 157 
GLU CB  HB3  sing N N 158 
GLU CG  CD   sing N N 159 
GLU CG  HG2  sing N N 160 
GLU CG  HG3  sing N N 161 
GLU CD  OE1  doub N N 162 
GLU CD  OE2  sing N N 163 
GLU OE2 HE2  sing N N 164 
GLU OXT HXT  sing N N 165 
GLY N   CA   sing N N 166 
GLY N   H    sing N N 167 
GLY N   H2   sing N N 168 
GLY CA  C    sing N N 169 
GLY CA  HA2  sing N N 170 
GLY CA  HA3  sing N N 171 
GLY C   O    doub N N 172 
GLY C   OXT  sing N N 173 
GLY OXT HXT  sing N N 174 
HIS N   CA   sing N N 175 
HIS N   H    sing N N 176 
HIS N   H2   sing N N 177 
HIS CA  C    sing N N 178 
HIS CA  CB   sing N N 179 
HIS CA  HA   sing N N 180 
HIS C   O    doub N N 181 
HIS C   OXT  sing N N 182 
HIS CB  CG   sing N N 183 
HIS CB  HB2  sing N N 184 
HIS CB  HB3  sing N N 185 
HIS CG  ND1  sing Y N 186 
HIS CG  CD2  doub Y N 187 
HIS ND1 CE1  doub Y N 188 
HIS ND1 HD1  sing N N 189 
HIS CD2 NE2  sing Y N 190 
HIS CD2 HD2  sing N N 191 
HIS CE1 NE2  sing Y N 192 
HIS CE1 HE1  sing N N 193 
HIS NE2 HE2  sing N N 194 
HIS OXT HXT  sing N N 195 
HOH O   H1   sing N N 196 
HOH O   H2   sing N N 197 
ILE N   CA   sing N N 198 
ILE N   H    sing N N 199 
ILE N   H2   sing N N 200 
ILE CA  C    sing N N 201 
ILE CA  CB   sing N N 202 
ILE CA  HA   sing N N 203 
ILE C   O    doub N N 204 
ILE C   OXT  sing N N 205 
ILE CB  CG1  sing N N 206 
ILE CB  CG2  sing N N 207 
ILE CB  HB   sing N N 208 
ILE CG1 CD1  sing N N 209 
ILE CG1 HG12 sing N N 210 
ILE CG1 HG13 sing N N 211 
ILE CG2 HG21 sing N N 212 
ILE CG2 HG22 sing N N 213 
ILE CG2 HG23 sing N N 214 
ILE CD1 HD11 sing N N 215 
ILE CD1 HD12 sing N N 216 
ILE CD1 HD13 sing N N 217 
ILE OXT HXT  sing N N 218 
LEU N   CA   sing N N 219 
LEU N   H    sing N N 220 
LEU N   H2   sing N N 221 
LEU CA  C    sing N N 222 
LEU CA  CB   sing N N 223 
LEU CA  HA   sing N N 224 
LEU C   O    doub N N 225 
LEU C   OXT  sing N N 226 
LEU CB  CG   sing N N 227 
LEU CB  HB2  sing N N 228 
LEU CB  HB3  sing N N 229 
LEU CG  CD1  sing N N 230 
LEU CG  CD2  sing N N 231 
LEU CG  HG   sing N N 232 
LEU CD1 HD11 sing N N 233 
LEU CD1 HD12 sing N N 234 
LEU CD1 HD13 sing N N 235 
LEU CD2 HD21 sing N N 236 
LEU CD2 HD22 sing N N 237 
LEU CD2 HD23 sing N N 238 
LEU OXT HXT  sing N N 239 
LYS N   CA   sing N N 240 
LYS N   H    sing N N 241 
LYS N   H2   sing N N 242 
LYS CA  C    sing N N 243 
LYS CA  CB   sing N N 244 
LYS CA  HA   sing N N 245 
LYS C   O    doub N N 246 
LYS C   OXT  sing N N 247 
LYS CB  CG   sing N N 248 
LYS CB  HB2  sing N N 249 
LYS CB  HB3  sing N N 250 
LYS CG  CD   sing N N 251 
LYS CG  HG2  sing N N 252 
LYS CG  HG3  sing N N 253 
LYS CD  CE   sing N N 254 
LYS CD  HD2  sing N N 255 
LYS CD  HD3  sing N N 256 
LYS CE  NZ   sing N N 257 
LYS CE  HE2  sing N N 258 
LYS CE  HE3  sing N N 259 
LYS NZ  HZ1  sing N N 260 
LYS NZ  HZ2  sing N N 261 
LYS NZ  HZ3  sing N N 262 
LYS OXT HXT  sing N N 263 
MET N   CA   sing N N 264 
MET N   H    sing N N 265 
MET N   H2   sing N N 266 
MET CA  C    sing N N 267 
MET CA  CB   sing N N 268 
MET CA  HA   sing N N 269 
MET C   O    doub N N 270 
MET C   OXT  sing N N 271 
MET CB  CG   sing N N 272 
MET CB  HB2  sing N N 273 
MET CB  HB3  sing N N 274 
MET CG  SD   sing N N 275 
MET CG  HG2  sing N N 276 
MET CG  HG3  sing N N 277 
MET SD  CE   sing N N 278 
MET CE  HE1  sing N N 279 
MET CE  HE2  sing N N 280 
MET CE  HE3  sing N N 281 
MET OXT HXT  sing N N 282 
PHE N   CA   sing N N 283 
PHE N   H    sing N N 284 
PHE N   H2   sing N N 285 
PHE CA  C    sing N N 286 
PHE CA  CB   sing N N 287 
PHE CA  HA   sing N N 288 
PHE C   O    doub N N 289 
PHE C   OXT  sing N N 290 
PHE CB  CG   sing N N 291 
PHE CB  HB2  sing N N 292 
PHE CB  HB3  sing N N 293 
PHE CG  CD1  doub Y N 294 
PHE CG  CD2  sing Y N 295 
PHE CD1 CE1  sing Y N 296 
PHE CD1 HD1  sing N N 297 
PHE CD2 CE2  doub Y N 298 
PHE CD2 HD2  sing N N 299 
PHE CE1 CZ   doub Y N 300 
PHE CE1 HE1  sing N N 301 
PHE CE2 CZ   sing Y N 302 
PHE CE2 HE2  sing N N 303 
PHE CZ  HZ   sing N N 304 
PHE OXT HXT  sing N N 305 
PRO N   CA   sing N N 306 
PRO N   CD   sing N N 307 
PRO N   H    sing N N 308 
PRO CA  C    sing N N 309 
PRO CA  CB   sing N N 310 
PRO CA  HA   sing N N 311 
PRO C   O    doub N N 312 
PRO C   OXT  sing N N 313 
PRO CB  CG   sing N N 314 
PRO CB  HB2  sing N N 315 
PRO CB  HB3  sing N N 316 
PRO CG  CD   sing N N 317 
PRO CG  HG2  sing N N 318 
PRO CG  HG3  sing N N 319 
PRO CD  HD2  sing N N 320 
PRO CD  HD3  sing N N 321 
PRO OXT HXT  sing N N 322 
SER N   CA   sing N N 323 
SER N   H    sing N N 324 
SER N   H2   sing N N 325 
SER CA  C    sing N N 326 
SER CA  CB   sing N N 327 
SER CA  HA   sing N N 328 
SER C   O    doub N N 329 
SER C   OXT  sing N N 330 
SER CB  OG   sing N N 331 
SER CB  HB2  sing N N 332 
SER CB  HB3  sing N N 333 
SER OG  HG   sing N N 334 
SER OXT HXT  sing N N 335 
THR N   CA   sing N N 336 
THR N   H    sing N N 337 
THR N   H2   sing N N 338 
THR CA  C    sing N N 339 
THR CA  CB   sing N N 340 
THR CA  HA   sing N N 341 
THR C   O    doub N N 342 
THR C   OXT  sing N N 343 
THR CB  OG1  sing N N 344 
THR CB  CG2  sing N N 345 
THR CB  HB   sing N N 346 
THR OG1 HG1  sing N N 347 
THR CG2 HG21 sing N N 348 
THR CG2 HG22 sing N N 349 
THR CG2 HG23 sing N N 350 
THR OXT HXT  sing N N 351 
TYR N   CA   sing N N 352 
TYR N   H    sing N N 353 
TYR N   H2   sing N N 354 
TYR CA  C    sing N N 355 
TYR CA  CB   sing N N 356 
TYR CA  HA   sing N N 357 
TYR C   O    doub N N 358 
TYR C   OXT  sing N N 359 
TYR CB  CG   sing N N 360 
TYR CB  HB2  sing N N 361 
TYR CB  HB3  sing N N 362 
TYR CG  CD1  doub Y N 363 
TYR CG  CD2  sing Y N 364 
TYR CD1 CE1  sing Y N 365 
TYR CD1 HD1  sing N N 366 
TYR CD2 CE2  doub Y N 367 
TYR CD2 HD2  sing N N 368 
TYR CE1 CZ   doub Y N 369 
TYR CE1 HE1  sing N N 370 
TYR CE2 CZ   sing Y N 371 
TYR CE2 HE2  sing N N 372 
TYR CZ  OH   sing N N 373 
TYR OH  HH   sing N N 374 
TYR OXT HXT  sing N N 375 
VAL N   CA   sing N N 376 
VAL N   H    sing N N 377 
VAL N   H2   sing N N 378 
VAL CA  C    sing N N 379 
VAL CA  CB   sing N N 380 
VAL CA  HA   sing N N 381 
VAL C   O    doub N N 382 
VAL C   OXT  sing N N 383 
VAL CB  CG1  sing N N 384 
VAL CB  CG2  sing N N 385 
VAL CB  HB   sing N N 386 
VAL CG1 HG11 sing N N 387 
VAL CG1 HG12 sing N N 388 
VAL CG1 HG13 sing N N 389 
VAL CG2 HG21 sing N N 390 
VAL CG2 HG22 sing N N 391 
VAL CG2 HG23 sing N N 392 
VAL OXT HXT  sing N N 393 
# 
_pdbx_initial_refinement_model.id               1 
_pdbx_initial_refinement_model.entity_id_list   ? 
_pdbx_initial_refinement_model.type             'experimental model' 
_pdbx_initial_refinement_model.source_name      PDB 
_pdbx_initial_refinement_model.accession_code   4LC2 
_pdbx_initial_refinement_model.details          ? 
# 
_atom_sites.entry_id                    5FG4 
_atom_sites.fract_transf_matrix[1][1]   0.00873292 
_atom_sites.fract_transf_matrix[1][2]   0.01937621 
_atom_sites.fract_transf_matrix[1][3]   0.00087600 
_atom_sites.fract_transf_matrix[2][1]   0.00198471 
_atom_sites.fract_transf_matrix[2][2]   -0.00015523 
_atom_sites.fract_transf_matrix[2][3]   -0.01635226 
_atom_sites.fract_transf_matrix[3][1]   -0.01618709 
_atom_sites.fract_transf_matrix[3][2]   0.01133757 
_atom_sites.fract_transf_matrix[3][3]   -0.00207228 
_atom_sites.fract_transf_vector[1]      -0.074956 
_atom_sites.fract_transf_vector[2]      -0.047809 
_atom_sites.fract_transf_vector[3]      -0.290878 
# 
loop_
_atom_type.symbol 
BR 
C  
N  
O  
S  
# 
loop_
_atom_site.group_PDB 
_atom_site.id 
_atom_site.type_symbol 
_atom_site.label_atom_id 
_atom_site.label_alt_id 
_atom_site.label_comp_id 
_atom_site.label_asym_id 
_atom_site.label_entity_id 
_atom_site.label_seq_id 
_atom_site.pdbx_PDB_ins_code 
_atom_site.Cartn_x 
_atom_site.Cartn_y 
_atom_site.Cartn_z 
_atom_site.occupancy 
_atom_site.B_iso_or_equiv 
_atom_site.pdbx_formal_charge 
_atom_site.auth_seq_id 
_atom_site.auth_comp_id 
_atom_site.auth_asym_id 
_atom_site.auth_atom_id 
_atom_site.pdbx_PDB_model_num 
ATOM   1    N  N   . MET A 1 4   ? -12.988 4.251   -18.962 1.00 98.91  ? 628 MET A N   1 
ATOM   2    C  CA  . MET A 1 4   ? -11.880 3.267   -19.128 1.00 97.82  ? 628 MET A CA  1 
ATOM   3    C  C   . MET A 1 4   ? -11.257 3.377   -20.526 1.00 100.31 ? 628 MET A C   1 
ATOM   4    O  O   . MET A 1 4   ? -11.765 2.804   -21.498 1.00 99.88  ? 628 MET A O   1 
ATOM   5    C  CB  . MET A 1 4   ? -12.362 1.824   -18.850 1.00 95.08  ? 628 MET A CB  1 
ATOM   6    C  CG  . MET A 1 4   ? -12.094 1.315   -17.433 1.00 95.12  ? 628 MET A CG  1 
ATOM   7    S  SD  . MET A 1 4   ? -12.921 -0.229  -16.909 1.00 97.29  ? 628 MET A SD  1 
ATOM   8    C  CE  . MET A 1 4   ? -12.812 -1.309  -18.340 1.00 95.29  ? 628 MET A CE  1 
ATOM   9    N  N   . GLN A 1 5   ? -10.188 4.168   -20.620 1.00 99.59  ? 629 GLN A N   1 
ATOM   10   C  CA  . GLN A 1 5   ? -9.176  3.973   -21.654 1.00 95.57  ? 629 GLN A CA  1 
ATOM   11   C  C   . GLN A 1 5   ? -8.065  3.188   -20.959 1.00 92.43  ? 629 GLN A C   1 
ATOM   12   O  O   . GLN A 1 5   ? -7.231  3.748   -20.229 1.00 92.07  ? 629 GLN A O   1 
ATOM   13   C  CB  . GLN A 1 5   ? -8.660  5.294   -22.227 1.00 99.16  ? 629 GLN A CB  1 
ATOM   14   C  CG  . GLN A 1 5   ? -7.461  5.162   -23.175 1.00 101.03 ? 629 GLN A CG  1 
ATOM   15   C  CD  . GLN A 1 5   ? -7.794  4.509   -24.511 1.00 97.24  ? 629 GLN A CD  1 
ATOM   16   O  OE1 . GLN A 1 5   ? -8.888  3.982   -24.711 1.00 97.16  ? 629 GLN A OE1 1 
ATOM   17   N  NE2 . GLN A 1 5   ? -6.843  4.552   -25.441 1.00 93.44  ? 629 GLN A NE2 1 
ATOM   18   N  N   . LEU A 1 6   ? -8.095  1.876   -21.186 1.00 82.57  ? 630 LEU A N   1 
ATOM   19   C  CA  . LEU A 1 6   ? -7.266  0.907   -20.472 1.00 66.84  ? 630 LEU A CA  1 
ATOM   20   C  C   . LEU A 1 6   ? -5.886  0.891   -21.040 1.00 54.21  ? 630 LEU A C   1 
ATOM   21   O  O   . LEU A 1 6   ? -5.726  0.929   -22.245 1.00 53.37  ? 630 LEU A O   1 
ATOM   22   C  CB  . LEU A 1 6   ? -7.861  -0.478  -20.650 1.00 68.80  ? 630 LEU A CB  1 
ATOM   23   C  CG  . LEU A 1 6   ? -9.225  -0.634  -19.986 1.00 72.46  ? 630 LEU A CG  1 
ATOM   24   C  CD1 . LEU A 1 6   ? -9.847  -1.980  -20.328 1.00 70.34  ? 630 LEU A CD1 1 
ATOM   25   C  CD2 . LEU A 1 6   ? -9.065  -0.429  -18.474 1.00 74.30  ? 630 LEU A CD2 1 
ATOM   26   N  N   . THR A 1 7   ? -4.877  0.851   -20.188 1.00 43.74  ? 631 THR A N   1 
ATOM   27   C  CA  . THR A 1 7   ? -3.501  0.817   -20.667 1.00 40.74  ? 631 THR A CA  1 
ATOM   28   C  C   . THR A 1 7   ? -2.768  -0.307  -19.966 1.00 33.47  ? 631 THR A C   1 
ATOM   29   O  O   . THR A 1 7   ? -3.162  -0.705  -18.869 1.00 33.58  ? 631 THR A O   1 
ATOM   30   C  CB  . THR A 1 7   ? -2.791  2.168   -20.514 1.00 48.00  ? 631 THR A CB  1 
ATOM   31   O  OG1 . THR A 1 7   ? -2.283  2.342   -19.177 1.00 47.03  ? 631 THR A OG1 1 
ATOM   32   C  CG2 . THR A 1 7   ? -3.765  3.295   -20.852 1.00 51.15  ? 631 THR A CG2 1 
ATOM   33   N  N   . PRO A 1 8   ? -1.724  -0.849  -20.607 1.00 34.45  ? 632 PRO A N   1 
ATOM   34   C  CA  . PRO A 1 8   ? -1.153  -2.013  -19.958 1.00 33.33  ? 632 PRO A CA  1 
ATOM   35   C  C   . PRO A 1 8   ? -0.576  -1.650  -18.589 1.00 33.73  ? 632 PRO A C   1 
ATOM   36   O  O   . PRO A 1 8   ? -0.606  -2.464  -17.660 1.00 32.85  ? 632 PRO A O   1 
ATOM   37   C  CB  . PRO A 1 8   ? -0.061  -2.452  -20.918 1.00 34.57  ? 632 PRO A CB  1 
ATOM   38   C  CG  . PRO A 1 8   ? -0.538  -1.955  -22.253 1.00 33.99  ? 632 PRO A CG  1 
ATOM   39   C  CD  . PRO A 1 8   ? -1.190  -0.658  -21.969 1.00 33.66  ? 632 PRO A CD  1 
ATOM   40   N  N   . PHE A 1 9   ? -0.054  -0.430  -18.489 1.00 34.54  ? 633 PHE A N   1 
ATOM   41   C  CA  . PHE A 1 9   ? 0.540   -0.012  -17.204 1.00 35.51  ? 633 PHE A CA  1 
ATOM   42   C  C   . PHE A 1 9   ? -0.512  0.110   -16.109 1.00 36.66  ? 633 PHE A C   1 
ATOM   43   O  O   . PHE A 1 9   ? -0.314  -0.397  -14.999 1.00 33.21  ? 633 PHE A O   1 
ATOM   44   C  CB  . PHE A 1 9   ? 1.311   1.275   -17.373 1.00 38.77  ? 633 PHE A CB  1 
ATOM   45   C  CG  . PHE A 1 9   ? 1.771   1.861   -16.060 1.00 39.52  ? 633 PHE A CG  1 
ATOM   46   C  CD1 . PHE A 1 9   ? 2.798   1.251   -15.370 1.00 42.62  ? 633 PHE A CD1 1 
ATOM   47   C  CD2 . PHE A 1 9   ? 1.147   2.970   -15.525 1.00 40.27  ? 633 PHE A CD2 1 
ATOM   48   C  CE1 . PHE A 1 9   ? 3.235   1.755   -14.162 1.00 41.88  ? 633 PHE A CE1 1 
ATOM   49   C  CE2 . PHE A 1 9   ? 1.571   3.487   -14.308 1.00 41.40  ? 633 PHE A CE2 1 
ATOM   50   C  CZ  . PHE A 1 9   ? 2.612   2.869   -13.643 1.00 39.45  ? 633 PHE A CZ  1 
ATOM   51   N  N   . LEU A 1 10  ? -1.621  0.786   -16.410 1.00 35.07  ? 634 LEU A N   1 
ATOM   52   C  CA  . LEU A 1 10  ? -2.704  0.908   -15.444 1.00 36.84  ? 634 LEU A CA  1 
ATOM   53   C  C   . LEU A 1 10  ? -3.295  -0.468  -15.071 1.00 33.23  ? 634 LEU A C   1 
ATOM   54   O  O   . LEU A 1 10  ? -3.707  -0.672  -13.932 1.00 32.03  ? 634 LEU A O   1 
ATOM   55   C  CB  . LEU A 1 10  ? -3.798  1.837   -15.944 1.00 40.24  ? 634 LEU A CB  1 
ATOM   56   C  CG  . LEU A 1 10  ? -3.484  3.345   -16.005 1.00 44.99  ? 634 LEU A CG  1 
ATOM   57   C  CD1 . LEU A 1 10  ? -4.748  4.104   -16.399 1.00 48.35  ? 634 LEU A CD1 1 
ATOM   58   C  CD2 . LEU A 1 10  ? -2.914  3.894   -14.694 1.00 44.14  ? 634 LEU A CD2 1 
ATOM   59   N  N   . ILE A 1 11  ? -3.378  -1.384  -16.037 1.00 30.74  ? 635 ILE A N   1 
ATOM   60   C  CA  . ILE A 1 11  ? -3.905  -2.687  -15.728 1.00 30.13  ? 635 ILE A CA  1 
ATOM   61   C  C   . ILE A 1 11  ? -2.910  -3.412  -14.786 1.00 28.15  ? 635 ILE A C   1 
ATOM   62   O  O   . ILE A 1 11  ? -3.331  -4.116  -13.849 1.00 27.98  ? 635 ILE A O   1 
ATOM   63   C  CB  . ILE A 1 11  ? -4.198  -3.511  -16.992 1.00 32.57  ? 635 ILE A CB  1 
ATOM   64   C  CG1 . ILE A 1 11  ? -5.435  -2.918  -17.667 1.00 32.88  ? 635 ILE A CG1 1 
ATOM   65   C  CG2 . ILE A 1 11  ? -4.472  -4.961  -16.636 1.00 31.32  ? 635 ILE A CG2 1 
ATOM   66   C  CD1 . ILE A 1 11  ? -5.663  -3.407  -19.067 1.00 37.30  ? 635 ILE A CD1 1 
ATOM   67   N  N   . LEU A 1 12  ? -1.617  -3.211  -15.031 1.00 27.57  ? 636 LEU A N   1 
ATOM   68   C  CA  . LEU A 1 12  ? -0.555  -3.818  -14.191 1.00 27.62  ? 636 LEU A CA  1 
ATOM   69   C  C   . LEU A 1 12  ? -0.674  -3.272  -12.757 1.00 27.59  ? 636 LEU A C   1 
ATOM   70   O  O   . LEU A 1 12  ? -0.609  -4.048  -11.784 1.00 28.62  ? 636 LEU A O   1 
ATOM   71   C  CB  . LEU A 1 12  ? 0.829   -3.499  -14.735 1.00 29.24  ? 636 LEU A CB  1 
ATOM   72   C  CG  . LEU A 1 12  ? 2.035   -3.901  -13.797 1.00 30.15  ? 636 LEU A CG  1 
ATOM   73   C  CD1 . LEU A 1 12  ? 2.123   -5.391  -13.532 1.00 31.26  ? 636 LEU A CD1 1 
ATOM   74   C  CD2 . LEU A 1 12  ? 3.347   -3.391  -14.364 1.00 34.42  ? 636 LEU A CD2 1 
ATOM   75   N  N   . LEU A 1 13  ? -0.956  -1.982  -12.613 1.00 26.92  ? 637 LEU A N   1 
ATOM   76   C  CA  . LEU A 1 13  ? -1.149  -1.413  -11.278 1.00 28.86  ? 637 LEU A CA  1 
ATOM   77   C  C   . LEU A 1 13  ? -2.383  -1.963  -10.556 1.00 26.54  ? 637 LEU A C   1 
ATOM   78   O  O   . LEU A 1 13  ? -2.323  -2.307  -9.392  1.00 26.82  ? 637 LEU A O   1 
ATOM   79   C  CB  . LEU A 1 13  ? -1.204  0.126   -11.312 1.00 30.66  ? 637 LEU A CB  1 
ATOM   80   C  CG  . LEU A 1 13  ? 0.098   0.843   -11.710 1.00 31.92  ? 637 LEU A CG  1 
ATOM   81   C  CD1 . LEU A 1 13  ? 0.029   2.280   -11.259 1.00 33.62  ? 637 LEU A CD1 1 
ATOM   82   C  CD2 . LEU A 1 13  ? 1.323   0.164   -11.128 1.00 32.60  ? 637 LEU A CD2 1 
ATOM   83   N  N   . ARG A 1 14  ? -3.490  -2.127  -11.274 1.00 26.04  ? 638 ARG A N   1 
ATOM   84   C  CA  . ARG A 1 14  ? -4.671  -2.699  -10.686 1.00 26.48  ? 638 ARG A CA  1 
ATOM   85   C  C   . ARG A 1 14  ? -4.444  -4.109  -10.178 1.00 23.49  ? 638 ARG A C   1 
ATOM   86   O  O   . ARG A 1 14  ? -4.867  -4.480  -9.079  1.00 25.01  ? 638 ARG A O   1 
ATOM   87   C  CB  . ARG A 1 14  ? -5.750  -2.771  -11.749 1.00 31.46  ? 638 ARG A CB  1 
ATOM   88   C  CG  . ARG A 1 14  ? -6.426  -1.477  -12.070 1.00 41.70  ? 638 ARG A CG  1 
ATOM   89   C  CD  . ARG A 1 14  ? -7.678  -1.696  -12.949 1.00 49.52  ? 638 ARG A CD  1 
ATOM   90   N  NE  . ARG A 1 14  ? -8.677  -0.660  -12.681 1.00 58.89  ? 638 ARG A NE  1 
ATOM   91   C  CZ  . ARG A 1 14  ? -8.535  0.624   -12.992 1.00 64.85  ? 638 ARG A CZ  1 
ATOM   92   N  NH1 . ARG A 1 14  ? -7.431  1.069   -13.602 1.00 69.60  ? 638 ARG A NH1 1 
ATOM   93   N  NH2 . ARG A 1 14  ? -9.504  1.476   -12.689 1.00 71.87  ? 638 ARG A NH2 1 
ATOM   94   N  N   . LYS A 1 15  ? -3.785  -4.890  -10.998 1.00 25.56  ? 639 LYS A N   1 
ATOM   95   C  CA  . LYS A 1 15  ? -3.470  -6.263  -10.673 1.00 25.00  ? 639 LYS A CA  1 
ATOM   96   C  C   . LYS A 1 15  ? -2.581  -6.368  -9.445  1.00 24.47  ? 639 LYS A C   1 
ATOM   97   O  O   . LYS A 1 15  ? -2.828  -7.149  -8.500  1.00 25.59  ? 639 LYS A O   1 
ATOM   98   C  CB  . LYS A 1 15  ? -2.753  -6.887  -11.851 1.00 26.47  ? 639 LYS A CB  1 
ATOM   99   C  CG  . LYS A 1 15  ? -2.357  -8.320  -11.576 1.00 29.63  ? 639 LYS A CG  1 
ATOM   100  C  CD  . LYS A 1 15  ? -1.676  -8.962  -12.761 1.00 34.44  ? 639 LYS A CD  1 
ATOM   101  C  CE  . LYS A 1 15  ? -1.170  -10.368 -12.462 1.00 40.99  ? 639 LYS A CE  1 
ATOM   102  N  NZ  . LYS A 1 15  ? -0.647  -10.962 -13.734 1.00 41.85  ? 639 LYS A NZ  1 
ATOM   103  N  N   . THR A 1 16  ? -1.548  -5.526  -9.482  1.00 23.79  ? 640 THR A N   1 
ATOM   104  C  CA  . THR A 1 16  ? -0.593  -5.439  -8.365  1.00 22.96  ? 640 THR A CA  1 
ATOM   105  C  C   . THR A 1 16  ? -1.262  -5.041  -7.063  1.00 23.17  ? 640 THR A C   1 
ATOM   106  O  O   . THR A 1 16  ? -0.972  -5.611  -6.023  1.00 24.39  ? 640 THR A O   1 
ATOM   107  C  CB  . THR A 1 16  ? 0.570   -4.492  -8.740  1.00 24.18  ? 640 THR A CB  1 
ATOM   108  O  OG1 . THR A 1 16  ? 1.148   -4.904  -9.979  1.00 26.26  ? 640 THR A OG1 1 
ATOM   109  C  CG2 . THR A 1 16  ? 1.655   -4.486  -7.710  1.00 25.79  ? 640 THR A CG2 1 
ATOM   110  N  N   . LEU A 1 17  ? -2.151  -4.057  -7.115  1.00 24.21  ? 641 LEU A N   1 
ATOM   111  C  CA  . LEU A 1 17  ? -2.866  -3.632  -5.951  1.00 24.37  ? 641 LEU A CA  1 
ATOM   112  C  C   . LEU A 1 17  ? -3.707  -4.787  -5.401  1.00 24.55  ? 641 LEU A C   1 
ATOM   113  O  O   . LEU A 1 17  ? -3.686  -5.021  -4.219  1.00 24.47  ? 641 LEU A O   1 
ATOM   114  C  CB  . LEU A 1 17  ? -3.711  -2.382  -6.247  1.00 25.68  ? 641 LEU A CB  1 
ATOM   115  C  CG  . LEU A 1 17  ? -4.376  -1.709  -5.061  1.00 29.93  ? 641 LEU A CG  1 
ATOM   116  C  CD1 . LEU A 1 17  ? -3.451  -1.336  -3.917  1.00 32.62  ? 641 LEU A CD1 1 
ATOM   117  C  CD2 . LEU A 1 17  ? -5.119  -0.500  -5.567  1.00 32.75  ? 641 LEU A CD2 1 
ATOM   118  N  N   . GLU A 1 18  ? -4.395  -5.520  -6.281  1.00 26.74  ? 642 GLU A N   1 
ATOM   119  C  CA  . GLU A 1 18  ? -5.158  -6.707  -5.831  1.00 28.39  ? 642 GLU A CA  1 
ATOM   120  C  C   . GLU A 1 18  ? -4.270  -7.764  -5.140  1.00 26.44  ? 642 GLU A C   1 
ATOM   121  O  O   . GLU A 1 18  ? -4.615  -8.336  -4.092  1.00 27.89  ? 642 GLU A O   1 
ATOM   122  C  CB  . GLU A 1 18  ? -5.878  -7.375  -7.016  1.00 33.10  ? 642 GLU A CB  1 
ATOM   123  C  CG  . GLU A 1 18  ? -6.988  -6.535  -7.642  1.00 40.53  ? 642 GLU A CG  1 
ATOM   124  C  CD  . GLU A 1 18  ? -7.934  -7.326  -8.562  1.00 50.08  ? 642 GLU A CD  1 
ATOM   125  O  OE1 . GLU A 1 18  ? -7.616  -8.502  -8.894  1.00 49.53  ? 642 GLU A OE1 1 
ATOM   126  O  OE2 . GLU A 1 18  ? -9.003  -6.762  -8.934  1.00 52.23  ? 642 GLU A OE2 1 
ATOM   127  N  N   . GLN A 1 19  ? -3.095  -8.007  -5.690  1.00 26.79  ? 643 GLN A N   1 
ATOM   128  C  CA  . GLN A 1 19  ? -2.136  -8.957  -5.108  1.00 26.26  ? 643 GLN A CA  1 
ATOM   129  C  C   . GLN A 1 19  ? -1.626  -8.484  -3.769  1.00 29.20  ? 643 GLN A C   1 
ATOM   130  O  O   . GLN A 1 19  ? -1.492  -9.293  -2.865  1.00 28.60  ? 643 GLN A O   1 
ATOM   131  C  CB  . GLN A 1 19  ? -0.970  -9.175  -6.061  1.00 26.95  ? 643 GLN A CB  1 
ATOM   132  C  CG  . GLN A 1 19  ? -1.341  -9.909  -7.354  1.00 31.23  ? 643 GLN A CG  1 
ATOM   133  C  CD  . GLN A 1 19  ? -0.188  -9.976  -8.348  1.00 33.28  ? 643 GLN A CD  1 
ATOM   134  O  OE1 . GLN A 1 19  ? 0.615   -9.032  -8.509  1.00 34.64  ? 643 GLN A OE1 1 
ATOM   135  N  NE2 . GLN A 1 19  ? -0.120  -11.089 -9.074  1.00 36.34  ? 643 GLN A NE2 1 
ATOM   136  N  N   . LEU A 1 20  ? -1.331  -7.180  -3.623  1.00 26.33  ? 644 LEU A N   1 
ATOM   137  C  CA  . LEU A 1 20  ? -0.943  -6.656  -2.315  1.00 28.13  ? 644 LEU A CA  1 
ATOM   138  C  C   . LEU A 1 20  ? -2.083  -6.831  -1.302  1.00 27.20  ? 644 LEU A C   1 
ATOM   139  O  O   . LEU A 1 20  ? -1.844  -7.208  -0.151  1.00 27.60  ? 644 LEU A O   1 
ATOM   140  C  CB  . LEU A 1 20  ? -0.465  -5.179  -2.361  1.00 28.56  ? 644 LEU A CB  1 
ATOM   141  C  CG  . LEU A 1 20  ? 0.776   -4.947  -3.238  1.00 28.72  ? 644 LEU A CG  1 
ATOM   142  C  CD1 . LEU A 1 20  ? 0.961   -3.470  -3.527  1.00 29.55  ? 644 LEU A CD1 1 
ATOM   143  C  CD2 . LEU A 1 20  ? 2.056   -5.554  -2.645  1.00 29.45  ? 644 LEU A CD2 1 
ATOM   144  N  N   . GLN A 1 21  ? -3.306  -6.542  -1.694  1.00 27.73  ? 645 GLN A N   1 
ATOM   145  C  CA  . GLN A 1 21  ? -4.425  -6.699  -0.744  1.00 30.07  ? 645 GLN A CA  1 
ATOM   146  C  C   . GLN A 1 21  ? -4.688  -8.128  -0.314  1.00 31.00  ? 645 GLN A C   1 
ATOM   147  O  O   . GLN A 1 21  ? -5.012  -8.365  0.866   1.00 31.62  ? 645 GLN A O   1 
ATOM   148  C  CB  . GLN A 1 21  ? -5.692  -6.060  -1.281  1.00 32.07  ? 645 GLN A CB  1 
ATOM   149  C  CG  . GLN A 1 21  ? -5.562  -4.574  -1.495  1.00 34.07  ? 645 GLN A CG  1 
ATOM   150  C  CD  . GLN A 1 21  ? -6.878  -3.881  -1.351  1.00 40.18  ? 645 GLN A CD  1 
ATOM   151  O  OE1 . GLN A 1 21  ? -7.389  -3.337  -2.332  1.00 39.56  ? 645 GLN A OE1 1 
ATOM   152  N  NE2 . GLN A 1 21  ? -7.414  -3.842  -0.095  1.00 37.08  ? 645 GLN A NE2 1 
ATOM   153  N  N   . GLU A 1 22  ? -4.477  -9.089  -1.208  1.00 32.96  ? 646 GLU A N   1 
ATOM   154  C  CA  . GLU A 1 22  ? -4.538  -10.540 -0.836  1.00 37.24  ? 646 GLU A CA  1 
ATOM   155  C  C   . GLU A 1 22  ? -3.547  -10.933 0.252   1.00 34.34  ? 646 GLU A C   1 
ATOM   156  O  O   . GLU A 1 22  ? -3.811  -11.821 1.062   1.00 32.64  ? 646 GLU A O   1 
ATOM   157  C  CB  . GLU A 1 22  ? -4.272  -11.453 -2.040  1.00 42.59  ? 646 GLU A CB  1 
ATOM   158  C  CG  . GLU A 1 22  ? -5.358  -11.510 -3.095  1.00 55.76  ? 646 GLU A CG  1 
ATOM   159  C  CD  . GLU A 1 22  ? -4.885  -12.239 -4.355  1.00 65.36  ? 646 GLU A CD  1 
ATOM   160  O  OE1 . GLU A 1 22  ? -4.074  -13.196 -4.217  1.00 73.82  ? 646 GLU A OE1 1 
ATOM   161  O  OE2 . GLU A 1 22  ? -5.308  -11.847 -5.478  1.00 70.00  ? 646 GLU A OE2 1 
ATOM   162  N  N   . LYS A 1 23  ? -2.388  -10.281 0.281   1.00 30.28  ? 647 LYS A N   1 
ATOM   163  C  CA  . LYS A 1 23  ? -1.414  -10.517 1.314   1.00 31.88  ? 647 LYS A CA  1 
ATOM   164  C  C   . LYS A 1 23  ? -1.862  -9.998  2.681   1.00 31.98  ? 647 LYS A C   1 
ATOM   165  O  O   . LYS A 1 23  ? -1.409  -10.494 3.710   1.00 36.22  ? 647 LYS A O   1 
ATOM   166  C  CB  . LYS A 1 23  ? -0.023  -9.927  0.964   1.00 33.26  ? 647 LYS A CB  1 
ATOM   167  C  CG  . LYS A 1 23  ? 0.589   -10.450 -0.332  1.00 33.30  ? 647 LYS A CG  1 
ATOM   168  C  CD  . LYS A 1 23  ? 0.665   -11.962 -0.394  1.00 34.45  ? 647 LYS A CD  1 
ATOM   169  C  CE  . LYS A 1 23  ? 1.531   -12.415 -1.551  1.00 39.42  ? 647 LYS A CE  1 
ATOM   170  N  NZ  . LYS A 1 23  ? 1.604   -13.910 -1.638  1.00 41.40  ? 647 LYS A NZ  1 
ATOM   171  N  N   . ASP A 1 24  ? -2.733  -8.997  2.686   1.00 29.97  ? 648 ASP A N   1 
ATOM   172  C  CA  . ASP A 1 24  ? -3.222  -8.404  3.915   1.00 30.48  ? 648 ASP A CA  1 
ATOM   173  C  C   . ASP A 1 24  ? -4.489  -9.201  4.338   1.00 29.68  ? 648 ASP A C   1 
ATOM   174  O  O   . ASP A 1 24  ? -5.643  -8.780  4.114   1.00 32.59  ? 648 ASP A O   1 
ATOM   175  C  CB  . ASP A 1 24  ? -3.566  -6.935  3.661   1.00 29.00  ? 648 ASP A CB  1 
ATOM   176  C  CG  . ASP A 1 24  ? -4.197  -6.235  4.858   1.00 29.40  ? 648 ASP A CG  1 
ATOM   177  O  OD1 . ASP A 1 24  ? -4.084  -6.723  6.021   1.00 29.76  ? 648 ASP A OD1 1 
ATOM   178  O  OD2 . ASP A 1 24  ? -4.856  -5.178  4.603   1.00 29.01  ? 648 ASP A OD2 1 
ATOM   179  N  N   . THR A 1 25  ? -4.258  -10.369 4.925   1.00 32.32  ? 649 THR A N   1 
ATOM   180  C  CA  . THR A 1 25  ? -5.365  -11.316 5.084   1.00 32.24  ? 649 THR A CA  1 
ATOM   181  C  C   . THR A 1 25  ? -6.345  -10.835 6.128   1.00 31.89  ? 649 THR A C   1 
ATOM   182  O  O   . THR A 1 25  ? -7.541  -11.168 6.057   1.00 32.81  ? 649 THR A O   1 
ATOM   183  C  CB  . THR A 1 25  ? -4.866  -12.735 5.437   1.00 32.22  ? 649 THR A CB  1 
ATOM   184  O  OG1 . THR A 1 25  ? -4.006  -12.674 6.580   1.00 34.80  ? 649 THR A OG1 1 
ATOM   185  C  CG2 . THR A 1 25  ? -4.080  -13.280 4.242   1.00 35.55  ? 649 THR A CG2 1 
ATOM   186  N  N   . GLY A 1 26  ? -5.852  -10.050 7.077   1.00 31.42  ? 650 GLY A N   1 
ATOM   187  C  CA  . GLY A 1 26  ? -6.747  -9.490  8.115   1.00 30.36  ? 650 GLY A CA  1 
ATOM   188  C  C   . GLY A 1 26  ? -7.475  -8.214  7.736   1.00 27.85  ? 650 GLY A C   1 
ATOM   189  O  O   . GLY A 1 26  ? -8.225  -7.666  8.529   1.00 29.42  ? 650 GLY A O   1 
ATOM   190  N  N   . ASN A 1 27  ? -7.257  -7.715  6.521   1.00 30.15  ? 651 ASN A N   1 
ATOM   191  C  CA  . ASN A 1 27  ? -7.778  -6.391  6.082   1.00 31.08  ? 651 ASN A CA  1 
ATOM   192  C  C   . ASN A 1 27  ? -7.378  -5.209  6.987   1.00 31.22  ? 651 ASN A C   1 
ATOM   193  O  O   . ASN A 1 27  ? -8.068  -4.189  7.067   1.00 30.97  ? 651 ASN A O   1 
ATOM   194  C  CB  . ASN A 1 27  ? -9.305  -6.432  5.849   1.00 32.35  ? 651 ASN A CB  1 
ATOM   195  C  CG  . ASN A 1 27  ? -9.681  -7.270  4.651   1.00 36.45  ? 651 ASN A CG  1 
ATOM   196  O  OD1 . ASN A 1 27  ? -8.844  -7.581  3.805   1.00 41.14  ? 651 ASN A OD1 1 
ATOM   197  N  ND2 . ASN A 1 27  ? -10.950 -7.682  4.585   1.00 40.93  ? 651 ASN A ND2 1 
ATOM   198  N  N   . ILE A 1 28  ? -6.231  -5.330  7.654   1.00 30.20  ? 652 ILE A N   1 
ATOM   199  C  CA  . ILE A 1 28  ? -5.700  -4.310  8.542   1.00 29.60  ? 652 ILE A CA  1 
ATOM   200  C  C   . ILE A 1 28  ? -5.429  -2.993  7.769   1.00 27.26  ? 652 ILE A C   1 
ATOM   201  O  O   . ILE A 1 28  ? -5.570  -1.900  8.352   1.00 28.08  ? 652 ILE A O   1 
ATOM   202  C  CB  . ILE A 1 28  ? -4.437  -4.863  9.253   1.00 32.11  ? 652 ILE A CB  1 
ATOM   203  C  CG1 . ILE A 1 28  ? -4.900  -5.884  10.296  1.00 34.21  ? 652 ILE A CG1 1 
ATOM   204  C  CG2 . ILE A 1 28  ? -3.630  -3.778  9.957   1.00 32.92  ? 652 ILE A CG2 1 
ATOM   205  C  CD1 . ILE A 1 28  ? -3.815  -6.793  10.828  1.00 38.39  ? 652 ILE A CD1 1 
ATOM   206  N  N   . PHE A 1 29  ? -5.056  -3.106  6.489   1.00 25.24  ? 653 PHE A N   1 
ATOM   207  C  CA  . PHE A 1 29  ? -4.596  -1.959  5.718   1.00 24.35  ? 653 PHE A CA  1 
ATOM   208  C  C   . PHE A 1 29  ? -5.568  -1.554  4.629   1.00 26.66  ? 653 PHE A C   1 
ATOM   209  O  O   . PHE A 1 29  ? -5.209  -0.763  3.774   1.00 24.63  ? 653 PHE A O   1 
ATOM   210  C  CB  . PHE A 1 29  ? -3.199  -2.297  5.132   1.00 24.53  ? 653 PHE A CB  1 
ATOM   211  C  CG  . PHE A 1 29  ? -2.207  -2.686  6.183   1.00 24.26  ? 653 PHE A CG  1 
ATOM   212  C  CD1 . PHE A 1 29  ? -1.711  -1.764  7.028   1.00 25.04  ? 653 PHE A CD1 1 
ATOM   213  C  CD2 . PHE A 1 29  ? -1.782  -4.036  6.330   1.00 23.98  ? 653 PHE A CD2 1 
ATOM   214  C  CE1 . PHE A 1 29  ? -0.800  -2.104  8.037   1.00 27.56  ? 653 PHE A CE1 1 
ATOM   215  C  CE2 . PHE A 1 29  ? -0.889  -4.380  7.356   1.00 24.99  ? 653 PHE A CE2 1 
ATOM   216  C  CZ  . PHE A 1 29  ? -0.370  -3.411  8.175   1.00 25.57  ? 653 PHE A CZ  1 
ATOM   217  N  N   . SER A 1 30  ? -6.792  -2.114  4.639   1.00 27.48  ? 654 SER A N   1 
ATOM   218  C  CA  A SER A 1 30  ? -7.761  -1.927  3.567   0.50 26.75  ? 654 SER A CA  1 
ATOM   219  C  CA  B SER A 1 30  ? -7.731  -1.915  3.546   0.50 27.91  ? 654 SER A CA  1 
ATOM   220  C  C   . SER A 1 30  ? -8.284  -0.491  3.517   1.00 29.78  ? 654 SER A C   1 
ATOM   221  O  O   . SER A 1 30  ? -8.525  0.054   2.430   1.00 31.95  ? 654 SER A O   1 
ATOM   222  C  CB  A SER A 1 30  ? -8.949  -2.898  3.736   0.50 27.52  ? 654 SER A CB  1 
ATOM   223  C  CB  B SER A 1 30  ? -8.873  -2.947  3.593   0.50 30.08  ? 654 SER A CB  1 
ATOM   224  O  OG  A SER A 1 30  ? -8.563  -4.265  3.635   0.50 26.87  ? 654 SER A OG  1 
ATOM   225  O  OG  B SER A 1 30  ? -9.501  -2.991  4.863   0.50 32.35  ? 654 SER A OG  1 
ATOM   226  N  N   . GLU A 1 31  ? -8.429  0.108   4.691   1.00 28.06  ? 655 GLU A N   1 
ATOM   227  C  CA  . GLU A 1 31  ? -9.051  1.426   4.836   1.00 31.62  ? 655 GLU A CA  1 
ATOM   228  C  C   . GLU A 1 31  ? -8.209  2.288   5.735   1.00 30.64  ? 655 GLU A C   1 
ATOM   229  O  O   . GLU A 1 31  ? -7.337  1.797   6.463   1.00 29.99  ? 655 GLU A O   1 
ATOM   230  C  CB  . GLU A 1 31  ? -10.493 1.253   5.365   1.00 35.12  ? 655 GLU A CB  1 
ATOM   231  C  CG  . GLU A 1 31  ? -11.313 0.320   4.481   1.00 43.47  ? 655 GLU A CG  1 
ATOM   232  C  CD  . GLU A 1 31  ? -12.827 0.378   4.683   1.00 52.40  ? 655 GLU A CD  1 
ATOM   233  O  OE1 . GLU A 1 31  ? -13.329 1.206   5.484   1.00 57.95  ? 655 GLU A OE1 1 
ATOM   234  O  OE2 . GLU A 1 31  ? -13.524 -0.428  4.019   1.00 58.96  ? 655 GLU A OE2 1 
ATOM   235  N  N   . PRO A 1 32  ? -8.438  3.612   5.730   1.00 27.51  ? 656 PRO A N   1 
ATOM   236  C  CA  . PRO A 1 32  ? -7.642  4.433   6.608   1.00 28.02  ? 656 PRO A CA  1 
ATOM   237  C  C   . PRO A 1 32  ? -7.711  4.016   8.078   1.00 30.18  ? 656 PRO A C   1 
ATOM   238  O  O   . PRO A 1 32  ? -8.745  3.524   8.559   1.00 32.84  ? 656 PRO A O   1 
ATOM   239  C  CB  . PRO A 1 32  ? -8.252  5.841   6.404   1.00 29.66  ? 656 PRO A CB  1 
ATOM   240  C  CG  . PRO A 1 32  ? -8.779  5.804   5.036   1.00 29.28  ? 656 PRO A CG  1 
ATOM   241  C  CD  . PRO A 1 32  ? -9.288  4.423   4.822   1.00 31.04  ? 656 PRO A CD  1 
ATOM   242  N  N   . VAL A 1 33  ? -6.621  4.234   8.810   1.00 30.08  ? 657 VAL A N   1 
ATOM   243  C  CA  . VAL A 1 33  ? -6.623  4.026   10.233  1.00 28.62  ? 657 VAL A CA  1 
ATOM   244  C  C   . VAL A 1 33  ? -7.692  4.959   10.808  1.00 32.15  ? 657 VAL A C   1 
ATOM   245  O  O   . VAL A 1 33  ? -7.678  6.160   10.494  1.00 32.65  ? 657 VAL A O   1 
ATOM   246  C  CB  . VAL A 1 33  ? -5.271  4.374   10.835  1.00 29.93  ? 657 VAL A CB  1 
ATOM   247  C  CG1 . VAL A 1 33  ? -5.314  4.327   12.354  1.00 32.50  ? 657 VAL A CG1 1 
ATOM   248  C  CG2 . VAL A 1 33  ? -4.212  3.444   10.259  1.00 30.50  ? 657 VAL A CG2 1 
ATOM   249  N  N   . PRO A 1 34  ? -8.595  4.399   11.608  1.00 33.19  ? 658 PRO A N   1 
ATOM   250  C  CA  . PRO A 1 34  ? -9.762  5.194   12.055  1.00 36.05  ? 658 PRO A CA  1 
ATOM   251  C  C   . PRO A 1 34  ? -9.431  6.129   13.214  1.00 36.06  ? 658 PRO A C   1 
ATOM   252  O  O   . PRO A 1 34  ? -9.111  5.700   14.345  1.00 35.02  ? 658 PRO A O   1 
ATOM   253  C  CB  . PRO A 1 34  ? -10.768 4.122   12.405  1.00 36.12  ? 658 PRO A CB  1 
ATOM   254  C  CG  . PRO A 1 34  ? -9.904  2.994   12.905  1.00 36.80  ? 658 PRO A CG  1 
ATOM   255  C  CD  . PRO A 1 34  ? -8.806  2.977   11.893  1.00 33.05  ? 658 PRO A CD  1 
ATOM   256  N  N   . LEU A 1 35  ? -9.557  7.430   12.926  1.00 38.95  ? 659 LEU A N   1 
ATOM   257  C  CA  . LEU A 1 35  ? -9.251  8.493   13.900  1.00 42.89  ? 659 LEU A CA  1 
ATOM   258  C  C   . LEU A 1 35  ? -10.203 8.482   15.106  1.00 39.70  ? 659 LEU A C   1 
ATOM   259  O  O   . LEU A 1 35  ? -9.795  8.808   16.214  1.00 38.32  ? 659 LEU A O   1 
ATOM   260  C  CB  . LEU A 1 35  ? -9.164  9.864   13.192  1.00 47.09  ? 659 LEU A CB  1 
ATOM   261  C  CG  . LEU A 1 35  ? -8.259  9.881   11.935  1.00 52.72  ? 659 LEU A CG  1 
ATOM   262  C  CD1 . LEU A 1 35  ? -8.178  11.263  11.291  1.00 55.41  ? 659 LEU A CD1 1 
ATOM   263  C  CD2 . LEU A 1 35  ? -6.853  9.358   12.230  1.00 54.39  ? 659 LEU A CD2 1 
ATOM   264  N  N   . SER A 1 36  ? -11.421 7.989   14.921  1.00 40.43  ? 660 SER A N   1 
ATOM   265  C  CA  . SER A 1 36  ? -12.313 7.727   16.057  1.00 44.52  ? 660 SER A CA  1 
ATOM   266  C  C   . SER A 1 36  ? -11.688 6.776   17.083  1.00 47.30  ? 660 SER A C   1 
ATOM   267  O  O   . SER A 1 36  ? -11.839 6.975   18.283  1.00 45.26  ? 660 SER A O   1 
ATOM   268  C  CB  . SER A 1 36  ? -13.691 7.194   15.611  1.00 48.00  ? 660 SER A CB  1 
ATOM   269  O  OG  . SER A 1 36  ? -13.616 5.974   14.883  1.00 49.47  ? 660 SER A OG  1 
ATOM   270  N  N   . GLU A 1 37  ? -10.967 5.751   16.612  1.00 42.25  ? 661 GLU A N   1 
ATOM   271  C  CA  . GLU A 1 37  ? -10.375 4.759   17.494  1.00 42.50  ? 661 GLU A CA  1 
ATOM   272  C  C   . GLU A 1 37  ? -8.967  5.125   17.847  1.00 36.67  ? 661 GLU A C   1 
ATOM   273  O  O   . GLU A 1 37  ? -8.482  4.731   18.907  1.00 42.45  ? 661 GLU A O   1 
ATOM   274  C  CB  . GLU A 1 37  ? -10.363 3.376   16.845  1.00 43.55  ? 661 GLU A CB  1 
ATOM   275  C  CG  . GLU A 1 37  ? -11.729 2.833   16.488  1.00 50.97  ? 661 GLU A CG  1 
ATOM   276  C  CD  . GLU A 1 37  ? -12.569 2.509   17.693  1.00 56.68  ? 661 GLU A CD  1 
ATOM   277  O  OE1 . GLU A 1 37  ? -12.010 2.205   18.772  1.00 59.97  ? 661 GLU A OE1 1 
ATOM   278  O  OE2 . GLU A 1 37  ? -13.806 2.546   17.541  1.00 68.11  ? 661 GLU A OE2 1 
ATOM   279  N  N   . VAL A 1 38  ? -8.303  5.906   16.995  1.00 36.29  ? 662 VAL A N   1 
ATOM   280  C  CA  . VAL A 1 38  ? -6.914  6.251   17.204  1.00 38.21  ? 662 VAL A CA  1 
ATOM   281  C  C   . VAL A 1 38  ? -6.719  7.762   17.155  1.00 42.32  ? 662 VAL A C   1 
ATOM   282  O  O   . VAL A 1 38  ? -6.146  8.308   16.210  1.00 37.11  ? 662 VAL A O   1 
ATOM   283  C  CB  . VAL A 1 38  ? -5.994  5.546   16.145  1.00 37.04  ? 662 VAL A CB  1 
ATOM   284  C  CG1 . VAL A 1 38  ? -4.552  5.551   16.643  1.00 35.86  ? 662 VAL A CG1 1 
ATOM   285  C  CG2 . VAL A 1 38  ? -6.467  4.134   15.871  1.00 35.77  ? 662 VAL A CG2 1 
ATOM   286  N  N   . PRO A 1 39  ? -7.196  8.474   18.195  1.00 48.32  ? 663 PRO A N   1 
ATOM   287  C  CA  . PRO A 1 39  ? -7.273  9.953   18.095  1.00 46.71  ? 663 PRO A CA  1 
ATOM   288  C  C   . PRO A 1 39  ? -5.954  10.700  17.928  1.00 43.79  ? 663 PRO A C   1 
ATOM   289  O  O   . PRO A 1 39  ? -5.960  11.789  17.331  1.00 44.38  ? 663 PRO A O   1 
ATOM   290  C  CB  . PRO A 1 39  ? -7.938  10.370  19.418  1.00 46.47  ? 663 PRO A CB  1 
ATOM   291  C  CG  . PRO A 1 39  ? -8.577  9.140   19.966  1.00 50.01  ? 663 PRO A CG  1 
ATOM   292  C  CD  . PRO A 1 39  ? -7.865  7.945   19.402  1.00 49.84  ? 663 PRO A CD  1 
ATOM   293  N  N   . ASP A 1 40  ? -4.839  10.132  18.432  1.00 39.51  ? 664 ASP A N   1 
ATOM   294  C  CA  . ASP A 1 40  ? -3.514  10.730  18.290  1.00 40.71  ? 664 ASP A CA  1 
ATOM   295  C  C   . ASP A 1 40  ? -2.750  10.397  16.986  1.00 39.57  ? 664 ASP A C   1 
ATOM   296  O  O   . ASP A 1 40  ? -1.653  10.928  16.771  1.00 44.20  ? 664 ASP A O   1 
ATOM   297  C  CB  . ASP A 1 40  ? -2.618  10.360  19.487  1.00 43.60  ? 664 ASP A CB  1 
ATOM   298  C  CG  . ASP A 1 40  ? -2.306  8.859   19.580  1.00 46.42  ? 664 ASP A CG  1 
ATOM   299  O  OD1 . ASP A 1 40  ? -3.101  8.037   19.071  1.00 49.69  ? 664 ASP A OD1 1 
ATOM   300  O  OD2 . ASP A 1 40  ? -1.286  8.495   20.230  1.00 57.17  ? 664 ASP A OD2 1 
ATOM   301  N  N   . TYR A 1 41  ? -3.332  9.556   16.129  1.00 39.22  ? 665 TYR A N   1 
ATOM   302  C  CA  . TYR A 1 41  ? -2.619  9.071   14.928  1.00 35.91  ? 665 TYR A CA  1 
ATOM   303  C  C   . TYR A 1 41  ? -1.935  10.184  14.110  1.00 36.16  ? 665 TYR A C   1 
ATOM   304  O  O   . TYR A 1 41  ? -0.774  10.092  13.766  1.00 35.49  ? 665 TYR A O   1 
ATOM   305  C  CB  . TYR A 1 41  ? -3.599  8.277   14.051  1.00 32.59  ? 665 TYR A CB  1 
ATOM   306  C  CG  . TYR A 1 41  ? -2.878  7.453   12.969  1.00 30.58  ? 665 TYR A CG  1 
ATOM   307  C  CD1 . TYR A 1 41  ? -2.108  6.367   13.322  1.00 32.27  ? 665 TYR A CD1 1 
ATOM   308  C  CD2 . TYR A 1 41  ? -3.002  7.773   11.612  1.00 29.96  ? 665 TYR A CD2 1 
ATOM   309  C  CE1 . TYR A 1 41  ? -1.467  5.604   12.367  1.00 30.58  ? 665 TYR A CE1 1 
ATOM   310  C  CE2 . TYR A 1 41  ? -2.335  7.038   10.639  1.00 32.57  ? 665 TYR A CE2 1 
ATOM   311  C  CZ  . TYR A 1 41  ? -1.570  5.954   11.029  1.00 30.35  ? 665 TYR A CZ  1 
ATOM   312  O  OH  . TYR A 1 41  ? -0.916  5.190   10.065  1.00 26.35  ? 665 TYR A OH  1 
ATOM   313  N  N   . LEU A 1 42  ? -2.658  11.278  13.828  1.00 40.78  ? 666 LEU A N   1 
ATOM   314  C  CA  . LEU A 1 42  ? -2.084  12.356  13.014  1.00 45.16  ? 666 LEU A CA  1 
ATOM   315  C  C   . LEU A 1 42  ? -1.099  13.284  13.749  1.00 47.17  ? 666 LEU A C   1 
ATOM   316  O  O   . LEU A 1 42  ? -0.480  14.142  13.123  1.00 51.49  ? 666 LEU A O   1 
ATOM   317  C  CB  . LEU A 1 42  ? -3.190  13.174  12.349  1.00 47.15  ? 666 LEU A CB  1 
ATOM   318  C  CG  . LEU A 1 42  ? -4.145  12.336  11.495  1.00 49.66  ? 666 LEU A CG  1 
ATOM   319  C  CD1 . LEU A 1 42  ? -5.297  13.196  10.994  1.00 52.55  ? 666 LEU A CD1 1 
ATOM   320  C  CD2 . LEU A 1 42  ? -3.407  11.684  10.341  1.00 49.96  ? 666 LEU A CD2 1 
ATOM   321  N  N   . ASP A 1 43  ? -0.930  13.095  15.056  1.00 47.05  ? 667 ASP A N   1 
ATOM   322  C  CA  . ASP A 1 43  ? 0.157   13.752  15.776  1.00 50.05  ? 667 ASP A CA  1 
ATOM   323  C  C   . ASP A 1 43  ? 1.473   13.138  15.332  1.00 53.56  ? 667 ASP A C   1 
ATOM   324  O  O   . ASP A 1 43  ? 2.503   13.815  15.297  1.00 51.42  ? 667 ASP A O   1 
ATOM   325  C  CB  . ASP A 1 43  ? -0.024  13.600  17.294  1.00 52.22  ? 667 ASP A CB  1 
ATOM   326  C  CG  . ASP A 1 43  ? -1.281  14.305  17.812  1.00 57.59  ? 667 ASP A CG  1 
ATOM   327  O  OD1 . ASP A 1 43  ? -1.849  15.181  17.094  1.00 59.72  ? 667 ASP A OD1 1 
ATOM   328  O  OD2 . ASP A 1 43  ? -1.715  13.962  18.935  1.00 63.11  ? 667 ASP A OD2 1 
ATOM   329  N  N   . HIS A 1 44  ? 1.423   11.861  14.947  1.00 49.15  ? 668 HIS A N   1 
ATOM   330  C  CA  . HIS A 1 44  ? 2.621   11.115  14.615  1.00 47.12  ? 668 HIS A CA  1 
ATOM   331  C  C   . HIS A 1 44  ? 2.816   10.873  13.124  1.00 43.92  ? 668 HIS A C   1 
ATOM   332  O  O   . HIS A 1 44  ? 3.951   10.812  12.638  1.00 43.08  ? 668 HIS A O   1 
ATOM   333  C  CB  . HIS A 1 44  ? 2.579   9.785   15.333  1.00 50.28  ? 668 HIS A CB  1 
ATOM   334  C  CG  . HIS A 1 44  ? 2.488   9.910   16.823  1.00 57.06  ? 668 HIS A CG  1 
ATOM   335  N  ND1 . HIS A 1 44  ? 1.284   9.950   17.498  1.00 59.58  ? 668 HIS A ND1 1 
ATOM   336  C  CD2 . HIS A 1 44  ? 3.455   9.996   17.768  1.00 57.19  ? 668 HIS A CD2 1 
ATOM   337  C  CE1 . HIS A 1 44  ? 1.512   10.058  18.794  1.00 61.61  ? 668 HIS A CE1 1 
ATOM   338  N  NE2 . HIS A 1 44  ? 2.821   10.085  18.983  1.00 62.56  ? 668 HIS A NE2 1 
ATOM   339  N  N   . ILE A 1 45  ? 1.714   10.700  12.403  1.00 39.85  ? 669 ILE A N   1 
ATOM   340  C  CA  . ILE A 1 45  ? 1.787   10.276  11.015  1.00 37.19  ? 669 ILE A CA  1 
ATOM   341  C  C   . ILE A 1 45  ? 1.363   11.407  10.083  1.00 36.76  ? 669 ILE A C   1 
ATOM   342  O  O   . ILE A 1 45  ? 0.194   11.797  10.036  1.00 39.65  ? 669 ILE A O   1 
ATOM   343  C  CB  . ILE A 1 45  ? 0.893   9.051   10.792  1.00 34.56  ? 669 ILE A CB  1 
ATOM   344  C  CG1 . ILE A 1 45  ? 1.327   7.891   11.693  1.00 36.66  ? 669 ILE A CG1 1 
ATOM   345  C  CG2 . ILE A 1 45  ? 0.879   8.668   9.330   1.00 35.68  ? 669 ILE A CG2 1 
ATOM   346  C  CD1 . ILE A 1 45  ? 2.778   7.455   11.539  1.00 36.13  ? 669 ILE A CD1 1 
ATOM   347  N  N   . LYS A 1 46  ? 2.330   11.904  9.341   1.00 38.24  ? 670 LYS A N   1 
ATOM   348  C  CA  . LYS A 1 46  ? 2.159   13.070  8.468   1.00 43.95  ? 670 LYS A CA  1 
ATOM   349  C  C   . LYS A 1 46  ? 1.339   12.701  7.238   1.00 42.04  ? 670 LYS A C   1 
ATOM   350  O  O   . LYS A 1 46  ? 0.441   13.445  6.860   1.00 45.62  ? 670 LYS A O   1 
ATOM   351  C  CB  . LYS A 1 46  ? 3.525   13.627  8.065   1.00 48.32  ? 670 LYS A CB  1 
ATOM   352  C  CG  . LYS A 1 46  ? 3.492   14.984  7.377   1.00 54.32  ? 670 LYS A CG  1 
ATOM   353  N  N   . LYS A 1 47  ? 1.601   11.533  6.647   1.00 37.88  ? 671 LYS A N   1 
ATOM   354  C  CA  . LYS A 1 47  ? 0.890   11.132  5.444   1.00 40.38  ? 671 LYS A CA  1 
ATOM   355  C  C   . LYS A 1 47  ? 0.264   9.710   5.527   1.00 33.76  ? 671 LYS A C   1 
ATOM   356  O  O   . LYS A 1 47  ? 0.881   8.735   5.089   1.00 31.23  ? 671 LYS A O   1 
ATOM   357  C  CB  . LYS A 1 47  ? 1.792   11.277  4.209   1.00 44.76  ? 671 LYS A CB  1 
ATOM   358  C  CG  . LYS A 1 47  ? 0.994   11.111  2.911   1.00 51.65  ? 671 LYS A CG  1 
ATOM   359  C  CD  . LYS A 1 47  ? 1.715   11.646  1.684   1.00 55.49  ? 671 LYS A CD  1 
ATOM   360  C  CE  . LYS A 1 47  ? 1.064   11.120  0.416   1.00 59.60  ? 671 LYS A CE  1 
ATOM   361  N  NZ  . LYS A 1 47  ? -0.420  11.231  0.434   1.00 64.76  ? 671 LYS A NZ  1 
ATOM   362  N  N   . PRO A 1 48  ? -0.949  9.619   6.067   1.00 34.05  ? 672 PRO A N   1 
ATOM   363  C  CA  . PRO A 1 48  ? -1.637  8.350   6.181   1.00 33.16  ? 672 PRO A CA  1 
ATOM   364  C  C   . PRO A 1 48  ? -1.835  7.711   4.807   1.00 31.86  ? 672 PRO A C   1 
ATOM   365  O  O   . PRO A 1 48  ? -1.954  8.402   3.789   1.00 31.46  ? 672 PRO A O   1 
ATOM   366  C  CB  . PRO A 1 48  ? -2.966  8.712   6.836   1.00 36.68  ? 672 PRO A CB  1 
ATOM   367  C  CG  . PRO A 1 48  ? -2.676  9.983   7.560   1.00 41.35  ? 672 PRO A CG  1 
ATOM   368  C  CD  . PRO A 1 48  ? -1.739  10.710  6.658   1.00 36.99  ? 672 PRO A CD  1 
ATOM   369  N  N   . MET A 1 49  ? -1.779  6.394   4.763   1.00 27.43  ? 673 MET A N   1 
ATOM   370  C  CA  . MET A 1 49  ? -2.011  5.683   3.538   1.00 28.74  ? 673 MET A CA  1 
ATOM   371  C  C   . MET A 1 49  ? -2.641  4.317   3.829   1.00 28.86  ? 673 MET A C   1 
ATOM   372  O  O   . MET A 1 49  ? -2.468  3.748   4.917   1.00 28.58  ? 673 MET A O   1 
ATOM   373  C  CB  . MET A 1 49  ? -0.698  5.546   2.759   1.00 28.66  ? 673 MET A CB  1 
ATOM   374  C  CG  . MET A 1 49  ? -0.838  4.986   1.347   1.00 29.04  ? 673 MET A CG  1 
ATOM   375  S  SD  . MET A 1 49  ? -1.959  5.884   0.246   1.00 32.18  ? 673 MET A SD  1 
ATOM   376  C  CE  . MET A 1 49  ? -1.091  7.470   0.311   1.00 34.94  ? 673 MET A CE  1 
ATOM   377  N  N   . ASP A 1 50  ? -3.388  3.812   2.842   1.00 27.89  ? 674 ASP A N   1 
ATOM   378  C  CA  . ASP A 1 50  ? -4.117  2.576   2.976   1.00 27.50  ? 674 ASP A CA  1 
ATOM   379  C  C   . ASP A 1 50  ? -4.511  2.152   1.558   1.00 25.41  ? 674 ASP A C   1 
ATOM   380  O  O   . ASP A 1 50  ? -4.356  2.922   0.598   1.00 27.68  ? 674 ASP A O   1 
ATOM   381  C  CB  . ASP A 1 50  ? -5.338  2.749   3.834   1.00 29.04  ? 674 ASP A CB  1 
ATOM   382  C  CG  . ASP A 1 50  ? -6.336  3.718   3.189   1.00 32.69  ? 674 ASP A CG  1 
ATOM   383  O  OD1 . ASP A 1 50  ? -6.099  4.947   3.256   1.00 35.28  ? 674 ASP A OD1 1 
ATOM   384  O  OD2 . ASP A 1 50  ? -7.268  3.217   2.545   1.00 33.83  ? 674 ASP A OD2 1 
ATOM   385  N  N   . PHE A 1 51  ? -4.973  0.916   1.400   1.00 25.73  ? 675 PHE A N   1 
ATOM   386  C  CA  . PHE A 1 51  ? -5.214  0.361   0.070   1.00 24.06  ? 675 PHE A CA  1 
ATOM   387  C  C   . PHE A 1 51  ? -6.443  1.008   -0.604  1.00 24.99  ? 675 PHE A C   1 
ATOM   388  O  O   . PHE A 1 51  ? -6.491  1.089   -1.833  1.00 27.73  ? 675 PHE A O   1 
ATOM   389  C  CB  . PHE A 1 51  ? -5.398  -1.129  0.121   1.00 25.39  ? 675 PHE A CB  1 
ATOM   390  C  CG  . PHE A 1 51  ? -4.120  -1.892  0.366   1.00 23.77  ? 675 PHE A CG  1 
ATOM   391  C  CD1 . PHE A 1 51  ? -3.000  -1.639  -0.423  1.00 24.77  ? 675 PHE A CD1 1 
ATOM   392  C  CD2 . PHE A 1 51  ? -4.038  -2.833  1.368   1.00 24.06  ? 675 PHE A CD2 1 
ATOM   393  C  CE1 . PHE A 1 51  ? -1.832  -2.353  -0.224  1.00 26.75  ? 675 PHE A CE1 1 
ATOM   394  C  CE2 . PHE A 1 51  ? -2.872  -3.585  1.546   1.00 26.57  ? 675 PHE A CE2 1 
ATOM   395  C  CZ  . PHE A 1 51  ? -1.770  -3.310  0.759   1.00 26.15  ? 675 PHE A CZ  1 
ATOM   396  N  N   . PHE A 1 52  ? -7.390  1.495   0.191   1.00 27.32  ? 676 PHE A N   1 
ATOM   397  C  CA  . PHE A 1 52  ? -8.583  2.190   -0.412  1.00 31.40  ? 676 PHE A CA  1 
ATOM   398  C  C   . PHE A 1 52  ? -8.186  3.541   -1.029  1.00 32.07  ? 676 PHE A C   1 
ATOM   399  O  O   . PHE A 1 52  ? -8.584  3.874   -2.149  1.00 32.24  ? 676 PHE A O   1 
ATOM   400  C  CB  . PHE A 1 52  ? -9.671  2.315   0.639   1.00 33.02  ? 676 PHE A CB  1 
ATOM   401  C  CG  . PHE A 1 52  ? -10.956 2.908   0.129   1.00 37.79  ? 676 PHE A CG  1 
ATOM   402  C  CD1 . PHE A 1 52  ? -11.872 2.123   -0.528  1.00 42.05  ? 676 PHE A CD1 1 
ATOM   403  C  CD2 . PHE A 1 52  ? -11.220 4.243   0.299   1.00 42.76  ? 676 PHE A CD2 1 
ATOM   404  C  CE1 . PHE A 1 52  ? -13.067 2.659   -0.999  1.00 46.78  ? 676 PHE A CE1 1 
ATOM   405  C  CE2 . PHE A 1 52  ? -12.405 4.799   -0.200  1.00 42.09  ? 676 PHE A CE2 1 
ATOM   406  C  CZ  . PHE A 1 52  ? -13.324 4.009   -0.828  1.00 39.86  ? 676 PHE A CZ  1 
ATOM   407  N  N   . THR A 1 53  ? -7.362  4.310   -0.330  1.00 31.03  ? 677 THR A N   1 
ATOM   408  C  CA  . THR A 1 53  ? -6.743  5.507   -0.854  1.00 31.10  ? 677 THR A CA  1 
ATOM   409  C  C   . THR A 1 53  ? -5.869  5.247   -2.087  1.00 33.17  ? 677 THR A C   1 
ATOM   410  O  O   . THR A 1 53  ? -5.867  6.010   -3.075  1.00 31.32  ? 677 THR A O   1 
ATOM   411  C  CB  . THR A 1 53  ? -5.954  6.206   0.288   1.00 31.82  ? 677 THR A CB  1 
ATOM   412  O  OG1 . THR A 1 53  ? -6.875  6.546   1.347   1.00 33.94  ? 677 THR A OG1 1 
ATOM   413  C  CG2 . THR A 1 53  ? -5.221  7.420   -0.208  1.00 33.11  ? 677 THR A CG2 1 
ATOM   414  N  N   . MET A 1 54  ? -5.130  4.128   -2.072  1.00 30.34  ? 678 MET A N   1 
ATOM   415  C  CA  . MET A 1 54  ? -4.369  3.746   -3.264  1.00 28.92  ? 678 MET A CA  1 
ATOM   416  C  C   . MET A 1 54  ? -5.289  3.458   -4.476  1.00 28.46  ? 678 MET A C   1 
ATOM   417  O  O   . MET A 1 54  ? -4.960  3.854   -5.595  1.00 33.05  ? 678 MET A O   1 
ATOM   418  C  CB  . MET A 1 54  ? -3.429  2.550   -2.999  1.00 28.93  ? 678 MET A CB  1 
ATOM   419  C  CG  . MET A 1 54  ? -2.242  2.887   -2.098  1.00 27.61  ? 678 MET A CG  1 
ATOM   420  S  SD  . MET A 1 54  ? -1.009  1.599   -1.996  1.00 27.40  ? 678 MET A SD  1 
ATOM   421  C  CE  . MET A 1 54  ? -0.274  1.702   -3.605  1.00 29.65  ? 678 MET A CE  1 
ATOM   422  N  N   . LYS A 1 55  ? -6.415  2.808   -4.232  1.00 29.26  ? 679 LYS A N   1 
ATOM   423  C  CA  . LYS A 1 55  ? -7.341  2.424   -5.296  1.00 31.41  ? 679 LYS A CA  1 
ATOM   424  C  C   . LYS A 1 55  ? -7.922  3.706   -5.887  1.00 35.87  ? 679 LYS A C   1 
ATOM   425  O  O   . LYS A 1 55  ? -7.944  3.900   -7.114  1.00 33.95  ? 679 LYS A O   1 
ATOM   426  C  CB  . LYS A 1 55  ? -8.418  1.514   -4.738  1.00 35.59  ? 679 LYS A CB  1 
ATOM   427  C  CG  . LYS A 1 55  ? -9.465  1.021   -5.753  1.00 42.32  ? 679 LYS A CG  1 
ATOM   428  C  CD  . LYS A 1 55  ? -8.792  0.444   -6.999  1.00 50.76  ? 679 LYS A CD  1 
ATOM   429  C  CE  . LYS A 1 55  ? -9.747  -0.399  -7.867  1.00 61.45  ? 679 LYS A CE  1 
ATOM   430  N  NZ  . LYS A 1 55  ? -9.033  -1.208  -8.909  1.00 63.53  ? 679 LYS A NZ  1 
ATOM   431  N  N   . GLN A 1 56  ? -8.304  4.605   -4.985  1.00 37.73  ? 680 GLN A N   1 
ATOM   432  C  CA  . GLN A 1 56  ? -8.778  5.952   -5.404  1.00 42.16  ? 680 GLN A CA  1 
ATOM   433  C  C   . GLN A 1 56  ? -7.737  6.736   -6.208  1.00 39.53  ? 680 GLN A C   1 
ATOM   434  O  O   . GLN A 1 56  ? -8.078  7.355   -7.235  1.00 43.17  ? 680 GLN A O   1 
ATOM   435  C  CB  . GLN A 1 56  ? -9.277  6.732   -4.171  1.00 44.89  ? 680 GLN A CB  1 
ATOM   436  C  CG  . GLN A 1 56  ? -10.438 6.016   -3.460  1.00 53.29  ? 680 GLN A CG  1 
ATOM   437  C  CD  . GLN A 1 56  ? -11.278 6.927   -2.565  1.00 59.48  ? 680 GLN A CD  1 
ATOM   438  O  OE1 . GLN A 1 56  ? -10.803 7.457   -1.537  1.00 64.99  ? 680 GLN A OE1 1 
ATOM   439  N  NE2 . GLN A 1 56  ? -12.542 7.080   -2.924  1.00 57.01  ? 680 GLN A NE2 1 
ATOM   440  N  N   . ASN A 1 57  ? -6.466  6.715   -5.808  1.00 35.73  ? 681 ASN A N   1 
ATOM   441  C  CA  . ASN A 1 57  ? -5.436  7.361   -6.571  1.00 37.34  ? 681 ASN A CA  1 
ATOM   442  C  C   . ASN A 1 57  ? -5.268  6.711   -7.944  1.00 46.13  ? 681 ASN A C   1 
ATOM   443  O  O   . ASN A 1 57  ? -5.052  7.414   -8.937  1.00 40.42  ? 681 ASN A O   1 
ATOM   444  C  CB  . ASN A 1 57  ? -4.091  7.375   -5.858  1.00 38.53  ? 681 ASN A CB  1 
ATOM   445  C  CG  . ASN A 1 57  ? -4.109  8.199   -4.584  1.00 39.06  ? 681 ASN A CG  1 
ATOM   446  O  OD1 . ASN A 1 57  ? -4.972  9.055   -4.399  1.00 44.52  ? 681 ASN A OD1 1 
ATOM   447  N  ND2 . ASN A 1 57  ? -3.158  7.939   -3.686  1.00 38.54  ? 681 ASN A ND2 1 
ATOM   448  N  N   . LEU A 1 58  ? -5.353  5.375   -8.004  1.00 39.52  ? 682 LEU A N   1 
ATOM   449  C  CA  . LEU A 1 58  ? -5.072  4.649   -9.239  1.00 42.84  ? 682 LEU A CA  1 
ATOM   450  C  C   . LEU A 1 58  ? -6.083  5.070   -10.287 1.00 41.64  ? 682 LEU A C   1 
ATOM   451  O  O   . LEU A 1 58  ? -5.725  5.346   -11.454 1.00 44.16  ? 682 LEU A O   1 
ATOM   452  C  CB  . LEU A 1 58  ? -5.176  3.127   -8.988  1.00 43.03  ? 682 LEU A CB  1 
ATOM   453  C  CG  . LEU A 1 58  ? -4.754  2.148   -10.083 1.00 45.99  ? 682 LEU A CG  1 
ATOM   454  C  CD1 . LEU A 1 58  ? -4.889  0.721   -9.549  1.00 48.20  ? 682 LEU A CD1 1 
ATOM   455  C  CD2 . LEU A 1 58  ? -5.584  2.292   -11.329 1.00 48.38  ? 682 LEU A CD2 1 
ATOM   456  N  N   . GLU A 1 59  ? -7.343  5.092   -9.882  1.00 39.20  ? 683 GLU A N   1 
ATOM   457  C  CA  . GLU A 1 59  ? -8.406  5.428   -10.816 1.00 49.10  ? 683 GLU A CA  1 
ATOM   458  C  C   . GLU A 1 59  ? -8.695  6.913   -11.062 1.00 50.28  ? 683 GLU A C   1 
ATOM   459  O  O   . GLU A 1 59  ? -9.734  7.230   -11.660 1.00 49.52  ? 683 GLU A O   1 
ATOM   460  C  CB  . GLU A 1 59  ? -9.676  4.657   -10.510 1.00 47.85  ? 683 GLU A CB  1 
ATOM   461  C  CG  . GLU A 1 59  ? -10.426 4.910   -9.232  1.00 54.68  ? 683 GLU A CG  1 
ATOM   462  C  CD  . GLU A 1 59  ? -11.143 3.649   -8.799  1.00 52.95  ? 683 GLU A CD  1 
ATOM   463  O  OE1 . GLU A 1 59  ? -11.960 3.695   -7.847  1.00 64.12  ? 683 GLU A OE1 1 
ATOM   464  O  OE2 . GLU A 1 59  ? -10.870 2.591   -9.410  1.00 57.62  ? 683 GLU A OE2 1 
ATOM   465  N  N   . ALA A 1 60  ? -7.772  7.773   -10.604 1.00 45.21  ? 684 ALA A N   1 
ATOM   466  C  CA  . ALA A 1 60  ? -7.646  9.178   -11.017 1.00 43.90  ? 684 ALA A CA  1 
ATOM   467  C  C   . ALA A 1 60  ? -6.299  9.389   -11.738 1.00 50.33  ? 684 ALA A C   1 
ATOM   468  O  O   . ALA A 1 60  ? -5.778  10.503  -11.848 1.00 52.12  ? 684 ALA A O   1 
ATOM   469  C  CB  . ALA A 1 60  ? -7.730  10.074  -9.787  1.00 49.52  ? 684 ALA A CB  1 
ATOM   470  N  N   . TYR A 1 61  ? -5.716  8.307   -12.221 1.00 49.42  ? 685 TYR A N   1 
ATOM   471  C  CA  . TYR A 1 61  ? -4.479  8.367   -13.000 1.00 53.97  ? 685 TYR A CA  1 
ATOM   472  C  C   . TYR A 1 61  ? -3.318  9.157   -12.298 1.00 53.42  ? 685 TYR A C   1 
ATOM   473  O  O   . TYR A 1 61  ? -2.492  9.785   -12.979 1.00 51.96  ? 685 TYR A O   1 
ATOM   474  C  CB  . TYR A 1 61  ? -4.831  8.859   -14.435 1.00 58.00  ? 685 TYR A CB  1 
ATOM   475  C  CG  . TYR A 1 61  ? -6.082  8.150   -14.984 1.00 55.81  ? 685 TYR A CG  1 
ATOM   476  C  CD1 . TYR A 1 61  ? -7.349  8.476   -14.511 1.00 55.72  ? 685 TYR A CD1 1 
ATOM   477  C  CD2 . TYR A 1 61  ? -5.985  7.130   -15.937 1.00 56.57  ? 685 TYR A CD2 1 
ATOM   478  C  CE1 . TYR A 1 61  ? -8.478  7.813   -14.952 1.00 61.08  ? 685 TYR A CE1 1 
ATOM   479  C  CE2 . TYR A 1 61  ? -7.117  6.463   -16.397 1.00 56.02  ? 685 TYR A CE2 1 
ATOM   480  C  CZ  . TYR A 1 61  ? -8.358  6.809   -15.894 1.00 58.19  ? 685 TYR A CZ  1 
ATOM   481  O  OH  . TYR A 1 61  ? -9.508  6.185   -16.301 1.00 60.79  ? 685 TYR A OH  1 
ATOM   482  N  N   . ARG A 1 62  ? -3.229  9.064   -10.952 1.00 51.91  ? 686 ARG A N   1 
ATOM   483  C  CA  . ARG A 1 62  ? -2.203  9.779   -10.166 1.00 45.93  ? 686 ARG A CA  1 
ATOM   484  C  C   . ARG A 1 62  ? -0.872  9.008   -10.143 1.00 53.76  ? 686 ARG A C   1 
ATOM   485  O  O   . ARG A 1 62  ? 0.198   9.568   -9.814  1.00 52.67  ? 686 ARG A O   1 
ATOM   486  C  CB  . ARG A 1 62  ? -2.672  10.058  -8.734  1.00 50.34  ? 686 ARG A CB  1 
ATOM   487  C  CG  . ARG A 1 62  ? -4.118  10.481  -8.600  1.00 52.35  ? 686 ARG A CG  1 
ATOM   488  C  CD  . ARG A 1 62  ? -4.394  11.383  -7.384  1.00 62.31  ? 686 ARG A CD  1 
ATOM   489  N  NE  . ARG A 1 62  ? -5.802  11.834  -7.382  1.00 63.22  ? 686 ARG A NE  1 
ATOM   490  C  CZ  . ARG A 1 62  ? -6.761  11.448  -6.537  1.00 56.50  ? 686 ARG A CZ  1 
ATOM   491  N  NH1 . ARG A 1 62  ? -6.507  10.615  -5.551  1.00 63.62  ? 686 ARG A NH1 1 
ATOM   492  N  NH2 . ARG A 1 62  ? -7.998  11.897  -6.680  1.00 51.04  ? 686 ARG A NH2 1 
ATOM   493  N  N   . TYR A 1 63  ? -0.921  7.721   -10.494 1.00 42.19  ? 687 TYR A N   1 
ATOM   494  C  CA  . TYR A 1 63  ? 0.280   6.942   -10.554 1.00 46.36  ? 687 TYR A CA  1 
ATOM   495  C  C   . TYR A 1 63  ? 0.794   6.979   -11.984 1.00 49.31  ? 687 TYR A C   1 
ATOM   496  O  O   . TYR A 1 63  ? 0.176   6.433   -12.888 1.00 46.64  ? 687 TYR A O   1 
ATOM   497  C  CB  . TYR A 1 63  ? 0.015   5.523   -10.043 1.00 41.36  ? 687 TYR A CB  1 
ATOM   498  C  CG  . TYR A 1 63  ? -0.354  5.467   -8.567  1.00 39.33  ? 687 TYR A CG  1 
ATOM   499  C  CD1 . TYR A 1 63  ? 0.511   5.977   -7.601  1.00 37.43  ? 687 TYR A CD1 1 
ATOM   500  C  CD2 . TYR A 1 63  ? -1.563  4.909   -8.134  1.00 37.69  ? 687 TYR A CD2 1 
ATOM   501  C  CE1 . TYR A 1 63  ? 0.184   5.949   -6.248  1.00 39.49  ? 687 TYR A CE1 1 
ATOM   502  C  CE2 . TYR A 1 63  ? -1.884  4.847   -6.769  1.00 36.97  ? 687 TYR A CE2 1 
ATOM   503  C  CZ  . TYR A 1 63  ? -1.009  5.384   -5.830  1.00 35.36  ? 687 TYR A CZ  1 
ATOM   504  O  OH  . TYR A 1 63  ? -1.295  5.352   -4.485  1.00 35.73  ? 687 TYR A OH  1 
ATOM   505  N  N   . LEU A 1 64  ? 1.929   7.640   -12.171 1.00 51.55  ? 688 LEU A N   1 
ATOM   506  C  CA  . LEU A 1 64  ? 2.487   7.869   -13.485 1.00 53.37  ? 688 LEU A CA  1 
ATOM   507  C  C   . LEU A 1 64  ? 3.582   6.876   -13.811 1.00 52.42  ? 688 LEU A C   1 
ATOM   508  O  O   . LEU A 1 64  ? 3.858   6.627   -14.986 1.00 55.37  ? 688 LEU A O   1 
ATOM   509  C  CB  . LEU A 1 64  ? 3.033   9.290   -13.553 1.00 65.02  ? 688 LEU A CB  1 
ATOM   510  C  CG  . LEU A 1 64  ? 1.970   10.354  -13.226 1.00 73.88  ? 688 LEU A CG  1 
ATOM   511  C  CD1 . LEU A 1 64  ? 2.617   11.690  -12.888 1.00 77.75  ? 688 LEU A CD1 1 
ATOM   512  C  CD2 . LEU A 1 64  ? 0.952   10.505  -14.355 1.00 74.10  ? 688 LEU A CD2 1 
ATOM   513  N  N   . ASN A 1 65  ? 4.206   6.295   -12.785 1.00 36.56  ? 689 ASN A N   1 
ATOM   514  C  CA  . ASN A 1 65  ? 5.258   5.330   -12.989 1.00 39.67  ? 689 ASN A CA  1 
ATOM   515  C  C   . ASN A 1 65  ? 5.195   4.374   -11.799 1.00 28.82  ? 689 ASN A C   1 
ATOM   516  O  O   . ASN A 1 65  ? 4.451   4.626   -10.853 1.00 36.92  ? 689 ASN A O   1 
ATOM   517  C  CB  . ASN A 1 65  ? 6.603   6.058   -13.034 1.00 44.63  ? 689 ASN A CB  1 
ATOM   518  C  CG  . ASN A 1 65  ? 6.784   6.950   -11.829 1.00 50.00  ? 689 ASN A CG  1 
ATOM   519  O  OD1 . ASN A 1 65  ? 7.029   6.448   -10.744 1.00 52.19  ? 689 ASN A OD1 1 
ATOM   520  N  ND2 . ASN A 1 65  ? 6.555   8.251   -11.984 1.00 53.73  ? 689 ASN A ND2 1 
ATOM   521  N  N   . PHE A 1 66  ? 5.920   3.279   -11.894 1.00 35.48  ? 690 PHE A N   1 
ATOM   522  C  CA  . PHE A 1 66  ? 5.861   2.252   -10.892 1.00 34.39  ? 690 PHE A CA  1 
ATOM   523  C  C   . PHE A 1 66  ? 6.374   2.782   -9.523  1.00 40.44  ? 690 PHE A C   1 
ATOM   524  O  O   . PHE A 1 66  ? 5.758   2.582   -8.484  1.00 33.74  ? 690 PHE A O   1 
ATOM   525  C  CB  . PHE A 1 66  ? 6.663   1.069   -11.332 1.00 39.50  ? 690 PHE A CB  1 
ATOM   526  C  CG  . PHE A 1 66  ? 6.421   -0.137  -10.508 1.00 41.87  ? 690 PHE A CG  1 
ATOM   527  C  CD1 . PHE A 1 66  ? 5.330   -0.948  -10.768 1.00 44.58  ? 690 PHE A CD1 1 
ATOM   528  C  CD2 . PHE A 1 66  ? 7.258   -0.455  -9.464  1.00 41.53  ? 690 PHE A CD2 1 
ATOM   529  C  CE1 . PHE A 1 66  ? 5.093   -2.075  -9.996  1.00 45.38  ? 690 PHE A CE1 1 
ATOM   530  C  CE2 . PHE A 1 66  ? 7.041   -1.582  -8.703  1.00 42.09  ? 690 PHE A CE2 1 
ATOM   531  C  CZ  . PHE A 1 66  ? 5.960   -2.401  -8.972  1.00 42.14  ? 690 PHE A CZ  1 
ATOM   532  N  N   . ASP A 1 67  ? 7.487   3.501   -9.537  1.00 39.94  ? 691 ASP A N   1 
ATOM   533  C  CA  . ASP A 1 67  ? 8.034   4.072   -8.288  1.00 38.71  ? 691 ASP A CA  1 
ATOM   534  C  C   . ASP A 1 67  ? 7.047   4.856   -7.405  1.00 35.68  ? 691 ASP A C   1 
ATOM   535  O  O   . ASP A 1 67  ? 7.048   4.694   -6.172  1.00 34.96  ? 691 ASP A O   1 
ATOM   536  C  CB  . ASP A 1 67  ? 9.262   4.951   -8.661  1.00 45.84  ? 691 ASP A CB  1 
ATOM   537  C  CG  . ASP A 1 67  ? 10.482  4.105   -9.072  1.00 52.30  ? 691 ASP A CG  1 
ATOM   538  O  OD1 . ASP A 1 67  ? 10.496  2.882   -8.745  1.00 60.18  ? 691 ASP A OD1 1 
ATOM   539  O  OD2 . ASP A 1 67  ? 11.427  4.656   -9.703  1.00 65.74  ? 691 ASP A OD2 1 
ATOM   540  N  N   . ASP A 1 68  ? 6.201   5.705   -7.984  1.00 35.38  ? 692 ASP A N   1 
ATOM   541  C  CA  . ASP A 1 68  ? 5.200   6.449   -7.242  1.00 35.08  ? 692 ASP A CA  1 
ATOM   542  C  C   . ASP A 1 68  ? 4.207   5.503   -6.528  1.00 36.31  ? 692 ASP A C   1 
ATOM   543  O  O   . ASP A 1 68  ? 3.738   5.765   -5.429  1.00 34.65  ? 692 ASP A O   1 
ATOM   544  C  CB  . ASP A 1 68  ? 4.369   7.397   -8.127  1.00 43.70  ? 692 ASP A CB  1 
ATOM   545  C  CG  . ASP A 1 68  ? 5.079   8.762   -8.425  1.00 54.52  ? 692 ASP A CG  1 
ATOM   546  O  OD1 . ASP A 1 68  ? 6.288   8.920   -8.125  1.00 52.70  ? 692 ASP A OD1 1 
ATOM   547  O  OD2 . ASP A 1 68  ? 4.389   9.661   -8.973  1.00 59.75  ? 692 ASP A OD2 1 
ATOM   548  N  N   . PHE A 1 69  ? 3.823   4.457   -7.235  1.00 33.07  ? 693 PHE A N   1 
ATOM   549  C  CA  . PHE A 1 69  ? 2.873   3.504   -6.679  1.00 29.23  ? 693 PHE A CA  1 
ATOM   550  C  C   . PHE A 1 69  ? 3.557   2.783   -5.497  1.00 27.26  ? 693 PHE A C   1 
ATOM   551  O  O   . PHE A 1 69  ? 2.953   2.605   -4.424  1.00 28.83  ? 693 PHE A O   1 
ATOM   552  C  CB  . PHE A 1 69  ? 2.452   2.566   -7.811  1.00 30.44  ? 693 PHE A CB  1 
ATOM   553  C  CG  . PHE A 1 69  ? 1.590   1.378   -7.381  1.00 27.24  ? 693 PHE A CG  1 
ATOM   554  C  CD1 . PHE A 1 69  ? 0.226   1.493   -7.322  1.00 28.44  ? 693 PHE A CD1 1 
ATOM   555  C  CD2 . PHE A 1 69  ? 2.182   0.144   -7.128  1.00 29.30  ? 693 PHE A CD2 1 
ATOM   556  C  CE1 . PHE A 1 69  ? -0.579  0.397   -6.980  1.00 27.91  ? 693 PHE A CE1 1 
ATOM   557  C  CE2 . PHE A 1 69  ? 1.395   -0.973  -6.772  1.00 31.14  ? 693 PHE A CE2 1 
ATOM   558  C  CZ  . PHE A 1 69  ? 0.018   -0.829  -6.702  1.00 29.17  ? 693 PHE A CZ  1 
ATOM   559  N  N   . GLU A 1 70  ? 4.794   2.362   -5.705  1.00 30.63  ? 694 GLU A N   1 
ATOM   560  C  CA  . GLU A 1 70  ? 5.572   1.596   -4.724  1.00 31.26  ? 694 GLU A CA  1 
ATOM   561  C  C   . GLU A 1 70  ? 5.773   2.471   -3.465  1.00 31.47  ? 694 GLU A C   1 
ATOM   562  O  O   . GLU A 1 70  ? 5.758   1.972   -2.341  1.00 28.94  ? 694 GLU A O   1 
ATOM   563  C  CB  . GLU A 1 70  ? 6.916   1.083   -5.316  1.00 34.31  ? 694 GLU A CB  1 
ATOM   564  C  CG  . GLU A 1 70  ? 7.758   0.318   -4.311  1.00 42.14  ? 694 GLU A CG  1 
ATOM   565  C  CD  . GLU A 1 70  ? 8.962   -0.441  -4.887  1.00 51.84  ? 694 GLU A CD  1 
ATOM   566  O  OE1 . GLU A 1 70  ? 8.821   -1.298  -5.792  1.00 52.58  ? 694 GLU A OE1 1 
ATOM   567  O  OE2 . GLU A 1 70  ? 10.072  -0.226  -4.362  1.00 60.17  ? 694 GLU A OE2 1 
ATOM   568  N  N   . GLU A 1 71  ? 5.912   3.781   -3.680  1.00 32.58  ? 695 GLU A N   1 
ATOM   569  C  CA  . GLU A 1 71  ? 6.176   4.700   -2.567  1.00 35.75  ? 695 GLU A CA  1 
ATOM   570  C  C   . GLU A 1 71  ? 4.968   4.754   -1.621  1.00 34.98  ? 695 GLU A C   1 
ATOM   571  O  O   . GLU A 1 71  ? 5.122   4.762   -0.386  1.00 31.91  ? 695 GLU A O   1 
ATOM   572  C  CB  . GLU A 1 71  ? 6.555   6.060   -3.135  1.00 39.77  ? 695 GLU A CB  1 
ATOM   573  C  CG  . GLU A 1 71  ? 6.702   7.191   -2.144  1.00 48.46  ? 695 GLU A CG  1 
ATOM   574  C  CD  . GLU A 1 71  ? 7.145   8.465   -2.872  1.00 55.28  ? 695 GLU A CD  1 
ATOM   575  O  OE1 . GLU A 1 71  ? 8.184   8.394   -3.567  1.00 54.65  ? 695 GLU A OE1 1 
ATOM   576  O  OE2 . GLU A 1 71  ? 6.438   9.504   -2.792  1.00 57.81  ? 695 GLU A OE2 1 
ATOM   577  N  N   . ASP A 1 72  ? 3.761   4.761   -2.181  1.00 29.81  ? 696 ASP A N   1 
ATOM   578  C  CA  . ASP A 1 72  ? 2.543   4.736   -1.372  1.00 28.84  ? 696 ASP A CA  1 
ATOM   579  C  C   . ASP A 1 72  ? 2.385   3.404   -0.620  1.00 24.99  ? 696 ASP A C   1 
ATOM   580  O  O   . ASP A 1 72  ? 1.987   3.404   0.544   1.00 24.88  ? 696 ASP A O   1 
ATOM   581  C  CB  . ASP A 1 72  ? 1.307   5.045   -2.234  1.00 33.36  ? 696 ASP A CB  1 
ATOM   582  C  CG  . ASP A 1 72  ? 1.023   6.542   -2.336  1.00 39.08  ? 696 ASP A CG  1 
ATOM   583  O  OD1 . ASP A 1 72  ? 1.801   7.346   -1.774  1.00 40.09  ? 696 ASP A OD1 1 
ATOM   584  O  OD2 . ASP A 1 72  ? 0.013   6.907   -2.957  1.00 40.36  ? 696 ASP A OD2 1 
ATOM   585  N  N   . PHE A 1 73  ? 2.716   2.265   -1.259  1.00 25.40  ? 697 PHE A N   1 
ATOM   586  C  CA  . PHE A 1 73  ? 2.712   0.972   -0.540  1.00 25.35  ? 697 PHE A CA  1 
ATOM   587  C  C   . PHE A 1 73  ? 3.689   1.027   0.650   1.00 24.72  ? 697 PHE A C   1 
ATOM   588  O  O   . PHE A 1 73  ? 3.417   0.614   1.761   1.00 25.15  ? 697 PHE A O   1 
ATOM   589  C  CB  . PHE A 1 73  ? 3.094   -0.183  -1.445  1.00 26.39  ? 697 PHE A CB  1 
ATOM   590  C  CG  . PHE A 1 73  ? 3.348   -1.461  -0.700  1.00 25.09  ? 697 PHE A CG  1 
ATOM   591  C  CD1 . PHE A 1 73  ? 2.270   -2.177  -0.161  1.00 26.35  ? 697 PHE A CD1 1 
ATOM   592  C  CD2 . PHE A 1 73  ? 4.650   -1.915  -0.441  1.00 26.85  ? 697 PHE A CD2 1 
ATOM   593  C  CE1 . PHE A 1 73  ? 2.477   -3.318  0.549   1.00 26.94  ? 697 PHE A CE1 1 
ATOM   594  C  CE2 . PHE A 1 73  ? 4.862   -3.062  0.300   1.00 28.64  ? 697 PHE A CE2 1 
ATOM   595  C  CZ  . PHE A 1 73  ? 3.777   -3.762  0.795   1.00 29.41  ? 697 PHE A CZ  1 
ATOM   596  N  N   . ASN A 1 74  ? 4.870   1.586   0.385   1.00 25.45  ? 698 ASN A N   1 
ATOM   597  C  CA  . ASN A 1 74  ? 5.882   1.636   1.430   1.00 26.89  ? 698 ASN A CA  1 
ATOM   598  C  C   . ASN A 1 74  ? 5.456   2.496   2.591   1.00 26.64  ? 698 ASN A C   1 
ATOM   599  O  O   . ASN A 1 74  ? 5.850   2.221   3.726   1.00 27.53  ? 698 ASN A O   1 
ATOM   600  C  CB  . ASN A 1 74  ? 7.210   2.127   0.836   1.00 27.71  ? 698 ASN A CB  1 
ATOM   601  C  CG  . ASN A 1 74  ? 7.926   1.062   0.037   1.00 27.63  ? 698 ASN A CG  1 
ATOM   602  O  OD1 . ASN A 1 74  ? 7.658   -0.138  0.142   1.00 32.96  ? 698 ASN A OD1 1 
ATOM   603  N  ND2 . ASN A 1 74  ? 8.848   1.512   -0.798  1.00 34.35  ? 698 ASN A ND2 1 
ATOM   604  N  N   . LEU A 1 75  ? 4.685   3.551   2.339   1.00 26.44  ? 699 LEU A N   1 
ATOM   605  C  CA  . LEU A 1 75  ? 4.081   4.389   3.387   1.00 29.03  ? 699 LEU A CA  1 
ATOM   606  C  C   . LEU A 1 75  ? 3.100   3.611   4.291   1.00 26.04  ? 699 LEU A C   1 
ATOM   607  O  O   . LEU A 1 75  ? 3.079   3.793   5.488   1.00 25.10  ? 699 LEU A O   1 
ATOM   608  C  CB  . LEU A 1 75  ? 3.371   5.545   2.720   1.00 31.12  ? 699 LEU A CB  1 
ATOM   609  C  CG  . LEU A 1 75  ? 3.324   6.965   3.205   1.00 36.89  ? 699 LEU A CG  1 
ATOM   610  C  CD1 . LEU A 1 75  ? 4.620   7.429   3.834   1.00 36.30  ? 699 LEU A CD1 1 
ATOM   611  C  CD2 . LEU A 1 75  ? 2.965   7.803   1.992   1.00 36.13  ? 699 LEU A CD2 1 
ATOM   612  N  N   . ILE A 1 76  ? 2.293   2.733   3.718   1.00 25.03  ? 700 ILE A N   1 
ATOM   613  C  CA  . ILE A 1 76  ? 1.357   1.892   4.483   1.00 24.02  ? 700 ILE A CA  1 
ATOM   614  C  C   . ILE A 1 76  ? 2.152   1.132   5.550   1.00 24.89  ? 700 ILE A C   1 
ATOM   615  O  O   . ILE A 1 76  ? 1.809   1.094   6.732   1.00 23.44  ? 700 ILE A O   1 
ATOM   616  C  CB  . ILE A 1 76  ? 0.575   0.883   3.589   1.00 22.64  ? 700 ILE A CB  1 
ATOM   617  C  CG1 . ILE A 1 76  ? -0.323  1.640   2.598   1.00 21.10  ? 700 ILE A CG1 1 
ATOM   618  C  CG2 . ILE A 1 76  ? -0.184  -0.127  4.441   1.00 22.96  ? 700 ILE A CG2 1 
ATOM   619  C  CD1 . ILE A 1 76  ? -1.053  0.756   1.637   1.00 21.89  ? 700 ILE A CD1 1 
ATOM   620  N  N   . VAL A 1 77  ? 3.273   0.576   5.129   1.00 25.18  ? 701 VAL A N   1 
ATOM   621  C  CA  . VAL A 1 77  ? 4.087   -0.229  6.014   1.00 24.31  ? 701 VAL A CA  1 
ATOM   622  C  C   . VAL A 1 77  ? 4.846   0.638   7.029   1.00 24.23  ? 701 VAL A C   1 
ATOM   623  O  O   . VAL A 1 77  ? 4.796   0.385   8.236   1.00 26.12  ? 701 VAL A O   1 
ATOM   624  C  CB  . VAL A 1 77  ? 5.065   -1.095  5.178   1.00 24.78  ? 701 VAL A CB  1 
ATOM   625  C  CG1 . VAL A 1 77  ? 6.070   -1.806  6.088   1.00 27.50  ? 701 VAL A CG1 1 
ATOM   626  C  CG2 . VAL A 1 77  ? 4.298   -2.047  4.255   1.00 25.91  ? 701 VAL A CG2 1 
ATOM   627  N  N   . SER A 1 78  ? 5.506   1.677   6.536   1.00 22.97  ? 702 SER A N   1 
ATOM   628  C  CA  A SER A 1 78  ? 6.375   2.530   7.385   0.50 24.12  ? 702 SER A CA  1 
ATOM   629  C  CA  B SER A 1 78  ? 6.369   2.496   7.397   0.50 26.75  ? 702 SER A CA  1 
ATOM   630  C  C   . SER A 1 78  ? 5.566   3.276   8.432   1.00 26.25  ? 702 SER A C   1 
ATOM   631  O  O   . SER A 1 78  ? 5.986   3.397   9.586   1.00 27.03  ? 702 SER A O   1 
ATOM   632  C  CB  A SER A 1 78  ? 7.244   3.503   6.569   0.50 23.81  ? 702 SER A CB  1 
ATOM   633  C  CB  B SER A 1 78  ? 7.250   3.405   6.558   0.50 29.10  ? 702 SER A CB  1 
ATOM   634  O  OG  A SER A 1 78  ? 6.517   4.500   5.874   0.50 22.24  ? 702 SER A OG  1 
ATOM   635  O  OG  B SER A 1 78  ? 8.193   2.600   5.855   0.50 34.60  ? 702 SER A OG  1 
ATOM   636  N  N   . ASN A 1 79  ? 4.382   3.769   8.051   1.00 27.30  ? 703 ASN A N   1 
ATOM   637  C  CA  . ASN A 1 79  ? 3.520   4.441   9.005   1.00 27.08  ? 703 ASN A CA  1 
ATOM   638  C  C   . ASN A 1 79  ? 3.175   3.485   10.140  1.00 25.53  ? 703 ASN A C   1 
ATOM   639  O  O   . ASN A 1 79  ? 3.168   3.892   11.302  1.00 27.61  ? 703 ASN A O   1 
ATOM   640  C  CB  . ASN A 1 79  ? 2.200   4.916   8.358   1.00 27.80  ? 703 ASN A CB  1 
ATOM   641  C  CG  . ASN A 1 79  ? 2.367   6.095   7.431   1.00 30.61  ? 703 ASN A CG  1 
ATOM   642  O  OD1 . ASN A 1 79  ? 3.406   6.773   7.394   1.00 32.03  ? 703 ASN A OD1 1 
ATOM   643  N  ND2 . ASN A 1 79  ? 1.371   6.318   6.644   1.00 28.24  ? 703 ASN A ND2 1 
ATOM   644  N  N   . CYS A 1 80  ? 2.893   2.226   9.803   1.00 25.12  ? 704 CYS A N   1 
ATOM   645  C  CA  . CYS A 1 80  ? 2.426   1.240   10.752  1.00 25.62  ? 704 CYS A CA  1 
ATOM   646  C  C   . CYS A 1 80  ? 3.548   0.852   11.720  1.00 27.83  ? 704 CYS A C   1 
ATOM   647  O  O   . CYS A 1 80  ? 3.351   0.768   12.922  1.00 26.12  ? 704 CYS A O   1 
ATOM   648  C  CB  . CYS A 1 80  ? 1.867   0.025   10.053  1.00 24.53  ? 704 CYS A CB  1 
ATOM   649  S  SG  . CYS A 1 80  ? 1.097   -1.168  11.138  1.00 27.34  ? 704 CYS A SG  1 
ATOM   650  N  N   . LEU A 1 81  ? 4.738   0.660   11.185  1.00 26.09  ? 705 LEU A N   1 
ATOM   651  C  CA  . LEU A 1 81  ? 5.918   0.421   12.051  1.00 26.11  ? 705 LEU A CA  1 
ATOM   652  C  C   . LEU A 1 81  ? 6.260   1.656   12.915  1.00 29.79  ? 705 LEU A C   1 
ATOM   653  O  O   . LEU A 1 81  ? 6.693   1.519   14.079  1.00 29.36  ? 705 LEU A O   1 
ATOM   654  C  CB  . LEU A 1 81  ? 7.125   0.037   11.170  1.00 26.75  ? 705 LEU A CB  1 
ATOM   655  C  CG  . LEU A 1 81  ? 7.009   -1.205  10.277  1.00 25.56  ? 705 LEU A CG  1 
ATOM   656  C  CD1 . LEU A 1 81  ? 8.238   -1.354  9.397   1.00 26.39  ? 705 LEU A CD1 1 
ATOM   657  C  CD2 . LEU A 1 81  ? 6.700   -2.478  11.038  1.00 26.81  ? 705 LEU A CD2 1 
ATOM   658  N  N   . LYS A 1 82  ? 6.084   2.865   12.383  1.00 27.41  ? 706 LYS A N   1 
ATOM   659  C  CA  . LYS A 1 82  ? 6.390   4.050   13.145  1.00 30.07  ? 706 LYS A CA  1 
ATOM   660  C  C   . LYS A 1 82  ? 5.420   4.217   14.312  1.00 31.16  ? 706 LYS A C   1 
ATOM   661  O  O   . LYS A 1 82  ? 5.831   4.491   15.440  1.00 30.20  ? 706 LYS A O   1 
ATOM   662  C  CB  . LYS A 1 82  ? 6.337   5.267   12.272  1.00 30.23  ? 706 LYS A CB  1 
ATOM   663  C  CG  . LYS A 1 82  ? 6.528   6.568   13.012  1.00 35.33  ? 706 LYS A CG  1 
ATOM   664  C  CD  . LYS A 1 82  ? 6.624   7.768   12.096  1.00 37.07  ? 706 LYS A CD  1 
ATOM   665  C  CE  . LYS A 1 82  ? 6.854   9.013   12.941  1.00 42.56  ? 706 LYS A CE  1 
ATOM   666  N  NZ  . LYS A 1 82  ? 6.687   10.273  12.169  1.00 48.87  ? 706 LYS A NZ  1 
ATOM   667  N  N   . TYR A 1 83  ? 4.137   3.999   14.040  1.00 30.21  ? 707 TYR A N   1 
ATOM   668  C  CA  . TYR A 1 83  ? 3.101   4.326   15.043  1.00 31.10  ? 707 TYR A CA  1 
ATOM   669  C  C   . TYR A 1 83  ? 2.993   3.295   16.149  1.00 31.70  ? 707 TYR A C   1 
ATOM   670  O  O   . TYR A 1 83  ? 2.918   3.667   17.337  1.00 34.47  ? 707 TYR A O   1 
ATOM   671  C  CB  . TYR A 1 83  ? 1.733   4.547   14.372  1.00 29.87  ? 707 TYR A CB  1 
ATOM   672  C  CG  . TYR A 1 83  ? 0.677   4.885   15.413  1.00 31.51  ? 707 TYR A CG  1 
ATOM   673  C  CD1 . TYR A 1 83  ? 0.582   6.186   15.920  1.00 31.04  ? 707 TYR A CD1 1 
ATOM   674  C  CD2 . TYR A 1 83  ? -0.150  3.886   15.937  1.00 31.35  ? 707 TYR A CD2 1 
ATOM   675  C  CE1 . TYR A 1 83  ? -0.337  6.499   16.930  1.00 32.58  ? 707 TYR A CE1 1 
ATOM   676  C  CE2 . TYR A 1 83  ? -1.073  4.195   16.947  1.00 32.06  ? 707 TYR A CE2 1 
ATOM   677  C  CZ  . TYR A 1 83  ? -1.142  5.516   17.431  1.00 31.52  ? 707 TYR A CZ  1 
ATOM   678  O  OH  . TYR A 1 83  ? -2.061  5.789   18.445  1.00 37.93  ? 707 TYR A OH  1 
ATOM   679  N  N   . ASN A 1 84  ? 2.970   2.027   15.784  1.00 31.87  ? 708 ASN A N   1 
ATOM   680  C  CA  . ASN A 1 84  ? 2.676   0.941   16.706  1.00 29.50  ? 708 ASN A CA  1 
ATOM   681  C  C   . ASN A 1 84  ? 3.926   0.410   17.438  1.00 34.72  ? 708 ASN A C   1 
ATOM   682  O  O   . ASN A 1 84  ? 5.040   0.402   16.888  1.00 29.03  ? 708 ASN A O   1 
ATOM   683  C  CB  . ASN A 1 84  ? 1.988   -0.177  15.997  1.00 28.85  ? 708 ASN A CB  1 
ATOM   684  C  CG  . ASN A 1 84  ? 0.657   0.250   15.444  1.00 29.29  ? 708 ASN A CG  1 
ATOM   685  O  OD1 . ASN A 1 84  ? -0.296  0.328   16.190  1.00 30.03  ? 708 ASN A OD1 1 
ATOM   686  N  ND2 . ASN A 1 84  ? 0.590   0.529   14.159  1.00 29.50  ? 708 ASN A ND2 1 
ATOM   687  N  N   . ALA A 1 85  ? 3.720   -0.007  18.682  1.00 33.92  ? 709 ALA A N   1 
ATOM   688  C  CA  . ALA A 1 85  ? 4.757   -0.718  19.406  1.00 33.35  ? 709 ALA A CA  1 
ATOM   689  C  C   . ALA A 1 85  ? 5.057   -2.046  18.751  1.00 30.06  ? 709 ALA A C   1 
ATOM   690  O  O   . ALA A 1 85  ? 4.163   -2.735  18.178  1.00 29.96  ? 709 ALA A O   1 
ATOM   691  C  CB  . ALA A 1 85  ? 4.302   -0.975  20.826  1.00 31.35  ? 709 ALA A CB  1 
ATOM   692  N  N   . LYS A 1 86  ? 6.298   -2.510  18.932  1.00 30.30  ? 710 LYS A N   1 
ATOM   693  C  CA  . LYS A 1 86  ? 6.721   -3.750  18.315  1.00 30.98  ? 710 LYS A CA  1 
ATOM   694  C  C   . LYS A 1 86  ? 5.867   -4.900  18.701  1.00 37.38  ? 710 LYS A C   1 
ATOM   695  O  O   . LYS A 1 86  ? 5.560   -5.744  17.867  1.00 35.36  ? 710 LYS A O   1 
ATOM   696  C  CB  . LYS A 1 86  ? 8.206   -4.096  18.612  1.00 32.06  ? 710 LYS A CB  1 
ATOM   697  C  CG  . LYS A 1 86  ? 9.137   -3.012  18.124  1.00 29.30  ? 710 LYS A CG  1 
ATOM   698  C  CD  . LYS A 1 86  ? 10.611  -3.373  18.220  1.00 32.72  ? 710 LYS A CD  1 
ATOM   699  C  CE  . LYS A 1 86  ? 11.018  -4.423  17.225  1.00 34.39  ? 710 LYS A CE  1 
ATOM   700  N  NZ  . LYS A 1 86  ? 12.449  -4.860  17.421  1.00 38.57  ? 710 LYS A NZ  1 
ATOM   701  N  N   . ASP A 1 87  ? 5.481   -4.962  19.982  1.00 39.59  ? 711 ASP A N   1 
ATOM   702  C  CA  . ASP A 1 87  ? 4.665   -6.063  20.426  1.00 44.07  ? 711 ASP A CA  1 
ATOM   703  C  C   . ASP A 1 87  ? 3.202   -5.736  20.180  1.00 46.46  ? 711 ASP A C   1 
ATOM   704  O  O   . ASP A 1 87  ? 2.444   -5.481  21.116  1.00 48.86  ? 711 ASP A O   1 
ATOM   705  C  CB  . ASP A 1 87  ? 4.950   -6.364  21.907  1.00 49.11  ? 711 ASP A CB  1 
ATOM   706  C  CG  . ASP A 1 87  ? 4.104   -7.500  22.443  1.00 59.78  ? 711 ASP A CG  1 
ATOM   707  O  OD1 . ASP A 1 87  ? 3.553   -8.288  21.635  1.00 63.11  ? 711 ASP A OD1 1 
ATOM   708  O  OD2 . ASP A 1 87  ? 3.985   -7.602  23.686  1.00 64.80  ? 711 ASP A OD2 1 
ATOM   709  N  N   . THR A 1 88  ? 2.803   -5.730  18.917  1.00 36.86  ? 712 THR A N   1 
ATOM   710  C  CA  . THR A 1 88  ? 1.425   -5.531  18.567  1.00 38.33  ? 712 THR A CA  1 
ATOM   711  C  C   . THR A 1 88  ? 1.086   -6.283  17.290  1.00 40.74  ? 712 THR A C   1 
ATOM   712  O  O   . THR A 1 88  ? 1.926   -6.569  16.452  1.00 35.51  ? 712 THR A O   1 
ATOM   713  C  CB  . THR A 1 88  ? 1.035   -4.055  18.390  1.00 39.45  ? 712 THR A CB  1 
ATOM   714  O  OG1 . THR A 1 88  ? 1.748   -3.462  17.286  1.00 38.93  ? 712 THR A OG1 1 
ATOM   715  C  CG2 . THR A 1 88  ? 1.299   -3.249  19.636  1.00 40.05  ? 712 THR A CG2 1 
ATOM   716  N  N   . ILE A 1 89  ? -0.197  -6.601  17.180  1.00 36.05  ? 713 ILE A N   1 
ATOM   717  C  CA  . ILE A 1 89  ? -0.740  -7.175  15.990  1.00 35.05  ? 713 ILE A CA  1 
ATOM   718  C  C   . ILE A 1 89  ? -0.425  -6.319  14.728  1.00 30.62  ? 713 ILE A C   1 
ATOM   719  O  O   . ILE A 1 89  ? -0.043  -6.890  13.677  1.00 31.35  ? 713 ILE A O   1 
ATOM   720  C  CB  . ILE A 1 89  ? -2.250  -7.355  16.201  1.00 35.73  ? 713 ILE A CB  1 
ATOM   721  C  CG1 . ILE A 1 89  ? -2.857  -8.198  15.128  1.00 39.84  ? 713 ILE A CG1 1 
ATOM   722  C  CG2 . ILE A 1 89  ? -2.995  -6.014  16.278  1.00 38.71  ? 713 ILE A CG2 1 
ATOM   723  C  CD1 . ILE A 1 89  ? -4.359  -8.298  15.352  1.00 44.40  ? 713 ILE A CD1 1 
ATOM   724  N  N   . PHE A 1 90  ? -0.517  -4.994  14.858  1.00 28.97  ? 714 PHE A N   1 
ATOM   725  C  CA  . PHE A 1 90  ? -0.387  -4.082  13.729  1.00 28.02  ? 714 PHE A CA  1 
ATOM   726  C  C   . PHE A 1 90  ? 1.080   -4.106  13.235  1.00 28.10  ? 714 PHE A C   1 
ATOM   727  O  O   . PHE A 1 90  ? 1.341   -4.231  12.045  1.00 27.44  ? 714 PHE A O   1 
ATOM   728  C  CB  . PHE A 1 90  ? -0.782  -2.657  14.106  1.00 31.29  ? 714 PHE A CB  1 
ATOM   729  C  CG  . PHE A 1 90  ? -2.214  -2.526  14.581  1.00 33.58  ? 714 PHE A CG  1 
ATOM   730  C  CD1 . PHE A 1 90  ? -3.251  -2.824  13.731  1.00 34.57  ? 714 PHE A CD1 1 
ATOM   731  C  CD2 . PHE A 1 90  ? -2.493  -2.125  15.872  1.00 36.80  ? 714 PHE A CD2 1 
ATOM   732  C  CE1 . PHE A 1 90  ? -4.564  -2.746  14.178  1.00 35.17  ? 714 PHE A CE1 1 
ATOM   733  C  CE2 . PHE A 1 90  ? -3.826  -2.022  16.311  1.00 37.72  ? 714 PHE A CE2 1 
ATOM   734  C  CZ  . PHE A 1 90  ? -4.829  -2.342  15.445  1.00 34.05  ? 714 PHE A CZ  1 
ATOM   735  N  N   . TYR A 1 91  ? 2.026   -3.997  14.169  1.00 28.30  ? 715 TYR A N   1 
ATOM   736  C  CA  . TYR A 1 91  ? 3.470   -4.021  13.814  1.00 26.98  ? 715 TYR A CA  1 
ATOM   737  C  C   . TYR A 1 91  ? 3.839   -5.347  13.148  1.00 27.78  ? 715 TYR A C   1 
ATOM   738  O  O   . TYR A 1 91  ? 4.476   -5.375  12.078  1.00 27.36  ? 715 TYR A O   1 
ATOM   739  C  CB  . TYR A 1 91  ? 4.334   -3.756  15.061  1.00 27.12  ? 715 TYR A CB  1 
ATOM   740  C  CG  . TYR A 1 91  ? 5.808   -3.461  14.766  1.00 23.28  ? 715 TYR A CG  1 
ATOM   741  C  CD1 . TYR A 1 91  ? 6.700   -4.503  14.517  1.00 26.28  ? 715 TYR A CD1 1 
ATOM   742  C  CD2 . TYR A 1 91  ? 6.318   -2.166  14.824  1.00 23.31  ? 715 TYR A CD2 1 
ATOM   743  C  CE1 . TYR A 1 91  ? 8.036   -4.224  14.245  1.00 24.95  ? 715 TYR A CE1 1 
ATOM   744  C  CE2 . TYR A 1 91  ? 7.650   -1.891  14.534  1.00 25.48  ? 715 TYR A CE2 1 
ATOM   745  C  CZ  . TYR A 1 91  ? 8.502   -2.939  14.297  1.00 24.31  ? 715 TYR A CZ  1 
ATOM   746  O  OH  . TYR A 1 91  ? 9.852   -2.667  14.014  1.00 26.54  ? 715 TYR A OH  1 
ATOM   747  N  N   . ARG A 1 92  ? 3.442   -6.454  13.738  1.00 28.90  ? 716 ARG A N   1 
ATOM   748  C  CA  . ARG A 1 92  ? 3.739   -7.750  13.175  1.00 28.85  ? 716 ARG A CA  1 
ATOM   749  C  C   . ARG A 1 92  ? 3.146   -7.902  11.778  1.00 27.78  ? 716 ARG A C   1 
ATOM   750  O  O   . ARG A 1 92  ? 3.793   -8.470  10.897  1.00 28.27  ? 716 ARG A O   1 
ATOM   751  C  CB  . ARG A 1 92  ? 3.278   -8.900  14.095  1.00 37.57  ? 716 ARG A CB  1 
ATOM   752  C  CG  . ARG A 1 92  ? 4.095   -9.018  15.397  1.00 41.18  ? 716 ARG A CG  1 
ATOM   753  C  CD  . ARG A 1 92  ? 3.771   -10.332 16.136  1.00 44.86  ? 716 ARG A CD  1 
ATOM   754  N  NE  . ARG A 1 92  ? 2.507   -10.237 16.871  1.00 49.88  ? 716 ARG A NE  1 
ATOM   755  C  CZ  . ARG A 1 92  ? 2.326   -9.564  18.017  1.00 50.66  ? 716 ARG A CZ  1 
ATOM   756  N  NH1 . ARG A 1 92  ? 1.123   -9.533  18.579  1.00 49.89  ? 716 ARG A NH1 1 
ATOM   757  N  NH2 . ARG A 1 92  ? 3.340   -8.922  18.609  1.00 52.54  ? 716 ARG A NH2 1 
ATOM   758  N  N   . ALA A 1 93  ? 1.929   -7.402  11.578  1.00 26.86  ? 717 ALA A N   1 
ATOM   759  C  CA  . ALA A 1 93  ? 1.276   -7.457  10.278  1.00 27.25  ? 717 ALA A CA  1 
ATOM   760  C  C   . ALA A 1 93  ? 2.036   -6.655  9.244   1.00 28.25  ? 717 ALA A C   1 
ATOM   761  O  O   . ALA A 1 93  ? 2.164   -7.108  8.115   1.00 26.86  ? 717 ALA A O   1 
ATOM   762  C  CB  . ALA A 1 93  ? -0.162  -6.932  10.353  1.00 29.14  ? 717 ALA A CB  1 
ATOM   763  N  N   . ALA A 1 94  ? 2.513   -5.471  9.641   1.00 26.57  ? 718 ALA A N   1 
ATOM   764  C  CA  . ALA A 1 94  ? 3.305   -4.604  8.707   1.00 24.64  ? 718 ALA A CA  1 
ATOM   765  C  C   . ALA A 1 94  ? 4.615   -5.256  8.317   1.00 24.15  ? 718 ALA A C   1 
ATOM   766  O  O   . ALA A 1 94  ? 5.005   -5.200  7.142   1.00 25.17  ? 718 ALA A O   1 
ATOM   767  C  CB  . ALA A 1 94  ? 3.544   -3.283  9.309   1.00 24.22  ? 718 ALA A CB  1 
ATOM   768  N  N   . VAL A 1 95  ? 5.277   -5.929  9.269   1.00 25.83  ? 719 VAL A N   1 
ATOM   769  C  CA  . VAL A 1 95  ? 6.492   -6.672  8.910   1.00 26.84  ? 719 VAL A CA  1 
ATOM   770  C  C   . VAL A 1 95  ? 6.181   -7.801  7.921   1.00 25.38  ? 719 VAL A C   1 
ATOM   771  O  O   . VAL A 1 95  ? 6.883   -7.986  6.932   1.00 27.00  ? 719 VAL A O   1 
ATOM   772  C  CB  . VAL A 1 95  ? 7.191   -7.216  10.193  1.00 26.25  ? 719 VAL A CB  1 
ATOM   773  C  CG1 . VAL A 1 95  ? 8.301   -8.183  9.814   1.00 28.75  ? 719 VAL A CG1 1 
ATOM   774  C  CG2 . VAL A 1 95  ? 7.705   -6.064  11.013  1.00 26.96  ? 719 VAL A CG2 1 
ATOM   775  N  N   . ARG A 1 96  ? 5.100   -8.527  8.123   1.00 26.30  ? 720 ARG A N   1 
ATOM   776  C  CA  . ARG A 1 96  ? 4.748   -9.572  7.215   1.00 30.69  ? 720 ARG A CA  1 
ATOM   777  C  C   . ARG A 1 96  ? 4.368   -8.998  5.850   1.00 29.42  ? 720 ARG A C   1 
ATOM   778  O  O   . ARG A 1 96  ? 4.750   -9.546  4.824   1.00 30.69  ? 720 ARG A O   1 
ATOM   779  C  CB  . ARG A 1 96  ? 3.617   -10.403 7.792   1.00 38.83  ? 720 ARG A CB  1 
ATOM   780  C  CG  . ARG A 1 96  ? 3.442   -11.795 7.200   1.00 52.73  ? 720 ARG A CG  1 
ATOM   781  C  CD  . ARG A 1 96  ? 2.312   -12.520 7.953   1.00 64.68  ? 720 ARG A CD  1 
ATOM   782  N  NE  . ARG A 1 96  ? 2.636   -12.715 9.388   1.00 72.72  ? 720 ARG A NE  1 
ATOM   783  C  CZ  . ARG A 1 96  ? 1.995   -12.183 10.447  1.00 78.65  ? 720 ARG A CZ  1 
ATOM   784  N  NH1 . ARG A 1 96  ? 2.438   -12.467 11.677  1.00 82.21  ? 720 ARG A NH1 1 
ATOM   785  N  NH2 . ARG A 1 96  ? 0.919   -11.392 10.315  1.00 75.00  ? 720 ARG A NH2 1 
ATOM   786  N  N   . LEU A 1 97  ? 3.637   -7.882  5.833   1.00 26.79  ? 721 LEU A N   1 
ATOM   787  C  CA  . LEU A 1 97  ? 3.276   -7.274  4.562   1.00 26.53  ? 721 LEU A CA  1 
ATOM   788  C  C   . LEU A 1 97  ? 4.507   -6.751  3.797   1.00 24.72  ? 721 LEU A C   1 
ATOM   789  O  O   . LEU A 1 97  ? 4.580   -6.831  2.581   1.00 24.84  ? 721 LEU A O   1 
ATOM   790  C  CB  . LEU A 1 97  ? 2.256   -6.139  4.793   1.00 28.58  ? 721 LEU A CB  1 
ATOM   791  C  CG  . LEU A 1 97  ? 1.648   -5.500  3.535   1.00 27.97  ? 721 LEU A CG  1 
ATOM   792  C  CD1 . LEU A 1 97  ? 0.896   -6.474  2.671   1.00 30.75  ? 721 LEU A CD1 1 
ATOM   793  C  CD2 . LEU A 1 97  ? 0.740   -4.351  3.946   1.00 27.20  ? 721 LEU A CD2 1 
ATOM   794  N  N   . ARG A 1 98  ? 5.476   -6.218  4.519   1.00 25.66  ? 722 ARG A N   1 
ATOM   795  C  CA  . ARG A 1 98  ? 6.733   -5.787  3.938   1.00 27.43  ? 722 ARG A CA  1 
ATOM   796  C  C   . ARG A 1 98  ? 7.384   -6.924  3.170   1.00 26.85  ? 722 ARG A C   1 
ATOM   797  O  O   . ARG A 1 98  ? 7.797   -6.760  1.996   1.00 28.04  ? 722 ARG A O   1 
ATOM   798  C  CB  . ARG A 1 98  ? 7.669   -5.323  5.014   1.00 26.15  ? 722 ARG A CB  1 
ATOM   799  C  CG  . ARG A 1 98  ? 8.883   -4.614  4.455   1.00 28.56  ? 722 ARG A CG  1 
ATOM   800  C  CD  . ARG A 1 98  ? 9.781   -4.047  5.550   1.00 30.10  ? 722 ARG A CD  1 
ATOM   801  N  NE  . ARG A 1 98  ? 10.307  -5.148  6.404   1.00 30.34  ? 722 ARG A NE  1 
ATOM   802  C  CZ  . ARG A 1 98  ? 10.664  -5.053  7.690   1.00 32.03  ? 722 ARG A CZ  1 
ATOM   803  N  NH1 . ARG A 1 98  ? 10.617  -3.893  8.351   1.00 33.62  ? 722 ARG A NH1 1 
ATOM   804  N  NH2 . ARG A 1 98  ? 11.068  -6.155  8.312   1.00 32.04  ? 722 ARG A NH2 1 
ATOM   805  N  N   . GLU A 1 99  ? 7.443   -8.069  3.834   1.00 30.78  ? 723 GLU A N   1 
ATOM   806  C  CA  . GLU A 1 99  ? 8.085   -9.269  3.259   1.00 33.59  ? 723 GLU A CA  1 
ATOM   807  C  C   . GLU A 1 99  ? 7.316   -9.796  2.042   1.00 34.66  ? 723 GLU A C   1 
ATOM   808  O  O   . GLU A 1 99  ? 7.872   -9.975  0.952   1.00 34.93  ? 723 GLU A O   1 
ATOM   809  C  CB  . GLU A 1 99  ? 8.191   -10.375 4.312   1.00 37.77  ? 723 GLU A CB  1 
ATOM   810  C  CG  . GLU A 1 99  ? 9.103   -10.042 5.488   1.00 46.69  ? 723 GLU A CG  1 
ATOM   811  C  CD  . GLU A 1 99  ? 8.887   -10.963 6.710   1.00 54.83  ? 723 GLU A CD  1 
ATOM   812  O  OE1 . GLU A 1 99  ? 7.863   -11.712 6.776   1.00 56.60  ? 723 GLU A OE1 1 
ATOM   813  O  OE2 . GLU A 1 99  ? 9.742   -10.931 7.638   1.00 56.81  ? 723 GLU A OE2 1 
ATOM   814  N  N   . GLN A 1 100 ? 6.025   -10.017 2.227   1.00 31.76  ? 724 GLN A N   1 
ATOM   815  C  CA  . GLN A 1 100 ? 5.240   -10.618 1.187   1.00 30.90  ? 724 GLN A CA  1 
ATOM   816  C  C   . GLN A 1 100 ? 4.955   -9.658  0.051   1.00 30.97  ? 724 GLN A C   1 
ATOM   817  O  O   . GLN A 1 100 ? 4.894   -10.064 -1.124  1.00 33.29  ? 724 GLN A O   1 
ATOM   818  C  CB  . GLN A 1 100 ? 3.956   -11.136 1.771   1.00 36.37  ? 724 GLN A CB  1 
ATOM   819  C  CG  . GLN A 1 100 ? 4.167   -12.197 2.829   1.00 40.78  ? 724 GLN A CG  1 
ATOM   820  C  CD  . GLN A 1 100 ? 2.854   -12.698 3.338   1.00 47.58  ? 724 GLN A CD  1 
ATOM   821  O  OE1 . GLN A 1 100 ? 2.107   -11.965 3.975   1.00 55.05  ? 724 GLN A OE1 1 
ATOM   822  N  NE2 . GLN A 1 100 ? 2.532   -13.945 3.013   1.00 58.13  ? 724 GLN A NE2 1 
ATOM   823  N  N   . GLY A 1 101 ? 4.735   -8.393  0.398   1.00 31.55  ? 725 GLY A N   1 
ATOM   824  C  CA  . GLY A 1 101 ? 4.447   -7.307  -0.574  1.00 34.65  ? 725 GLY A CA  1 
ATOM   825  C  C   . GLY A 1 101 ? 5.656   -6.969  -1.408  1.00 35.42  ? 725 GLY A C   1 
ATOM   826  O  O   . GLY A 1 101 ? 5.582   -6.707  -2.627  1.00 34.46  ? 725 GLY A O   1 
ATOM   827  N  N   . GLY A 1 102 ? 6.812   -7.015  -0.767  1.00 36.52  ? 726 GLY A N   1 
ATOM   828  C  CA  . GLY A 1 102 ? 8.064   -6.845  -1.478  1.00 35.84  ? 726 GLY A CA  1 
ATOM   829  C  C   . GLY A 1 102 ? 8.265   -7.821  -2.623  1.00 37.37  ? 726 GLY A C   1 
ATOM   830  O  O   . GLY A 1 102 ? 8.745   -7.437  -3.694  1.00 40.13  ? 726 GLY A O   1 
ATOM   831  N  N   . ALA A 1 103 ? 7.908   -9.085  -2.394  1.00 37.67  ? 727 ALA A N   1 
ATOM   832  C  CA  . ALA A 1 103 ? 7.963   -10.131 -3.413  1.00 37.63  ? 727 ALA A CA  1 
ATOM   833  C  C   . ALA A 1 103 ? 6.996   -9.804  -4.585  1.00 35.37  ? 727 ALA A C   1 
ATOM   834  O  O   . ALA A 1 103 ? 7.347   -9.912  -5.753  1.00 35.06  ? 727 ALA A O   1 
ATOM   835  C  CB  . ALA A 1 103 ? 7.612   -11.465 -2.805  1.00 41.24  ? 727 ALA A CB  1 
ATOM   836  N  N   . VAL A 1 104 ? 5.806   -9.326  -4.245  1.00 33.81  ? 728 VAL A N   1 
ATOM   837  C  CA  . VAL A 1 104 ? 4.841   -8.913  -5.260  1.00 31.83  ? 728 VAL A CA  1 
ATOM   838  C  C   . VAL A 1 104 ? 5.371   -7.771  -6.117  1.00 30.49  ? 728 VAL A C   1 
ATOM   839  O  O   . VAL A 1 104 ? 5.269   -7.782  -7.349  1.00 33.70  ? 728 VAL A O   1 
ATOM   840  C  CB  . VAL A 1 104 ? 3.475   -8.535  -4.603  1.00 32.31  ? 728 VAL A CB  1 
ATOM   841  C  CG1 . VAL A 1 104 ? 2.558   -7.833  -5.600  1.00 31.41  ? 728 VAL A CG1 1 
ATOM   842  C  CG2 . VAL A 1 104 ? 2.824   -9.759  -3.964  1.00 31.75  ? 728 VAL A CG2 1 
ATOM   843  N  N   . LEU A 1 105 ? 5.906   -6.735  -5.479  1.00 31.97  ? 729 LEU A N   1 
ATOM   844  C  CA  . LEU A 1 105 ? 6.351   -5.550  -6.188  1.00 30.48  ? 729 LEU A CA  1 
ATOM   845  C  C   . LEU A 1 105 ? 7.607   -5.828  -7.025  1.00 32.84  ? 729 LEU A C   1 
ATOM   846  O  O   . LEU A 1 105 ? 7.840   -5.170  -8.040  1.00 32.69  ? 729 LEU A O   1 
ATOM   847  C  CB  . LEU A 1 105 ? 6.642   -4.455  -5.191  1.00 33.02  ? 729 LEU A CB  1 
ATOM   848  C  CG  . LEU A 1 105 ? 5.393   -3.850  -4.550  1.00 34.60  ? 729 LEU A CG  1 
ATOM   849  C  CD1 . LEU A 1 105 ? 5.792   -3.114  -3.288  1.00 38.18  ? 729 LEU A CD1 1 
ATOM   850  C  CD2 . LEU A 1 105 ? 4.593   -2.954  -5.496  1.00 35.86  ? 729 LEU A CD2 1 
ATOM   851  N  N   . ARG A 1 106 ? 8.403   -6.790  -6.579  1.00 34.39  ? 730 ARG A N   1 
ATOM   852  C  CA  . ARG A 1 106 ? 9.613   -7.174  -7.298  1.00 38.90  ? 730 ARG A CA  1 
ATOM   853  C  C   . ARG A 1 106 ? 9.201   -7.736  -8.668  1.00 39.55  ? 730 ARG A C   1 
ATOM   854  O  O   . ARG A 1 106 ? 9.709   -7.293  -9.709  1.00 41.63  ? 730 ARG A O   1 
ATOM   855  C  CB  . ARG A 1 106 ? 10.386  -8.194  -6.458  1.00 49.69  ? 730 ARG A CB  1 
ATOM   856  C  CG  . ARG A 1 106 ? 11.826  -8.477  -6.867  1.00 59.72  ? 730 ARG A CG  1 
ATOM   857  C  CD  . ARG A 1 106 ? 12.550  -9.139  -5.692  1.00 67.96  ? 730 ARG A CD  1 
ATOM   858  N  NE  . ARG A 1 106 ? 13.709  -9.937  -6.102  1.00 83.25  ? 730 ARG A NE  1 
ATOM   859  C  CZ  . ARG A 1 106 ? 14.626  -10.446 -5.269  1.00 90.00  ? 730 ARG A CZ  1 
ATOM   860  N  NH1 . ARG A 1 106 ? 14.541  -10.255 -3.955  1.00 93.07  ? 730 ARG A NH1 1 
ATOM   861  N  NH2 . ARG A 1 106 ? 15.644  -11.151 -5.756  1.00 93.91  ? 730 ARG A NH2 1 
ATOM   862  N  N   . GLN A 1 107 ? 8.245   -8.664  -8.645  1.00 39.82  ? 731 GLN A N   1 
ATOM   863  C  CA  . GLN A 1 107 ? 7.686   -9.246  -9.865  1.00 39.73  ? 731 GLN A CA  1 
ATOM   864  C  C   . GLN A 1 107 ? 7.059   -8.166  -10.720 1.00 41.32  ? 731 GLN A C   1 
ATOM   865  O  O   . GLN A 1 107 ? 7.369   -8.067  -11.920 1.00 40.10  ? 731 GLN A O   1 
ATOM   866  C  CB  . GLN A 1 107 ? 6.656   -10.327 -9.560  1.00 43.80  ? 731 GLN A CB  1 
ATOM   867  C  CG  . GLN A 1 107 ? 7.181   -11.521 -8.778  1.00 48.08  ? 731 GLN A CG  1 
ATOM   868  N  N   . ALA A 1 108 ? 6.191   -7.337  -10.123 1.00 34.59  ? 732 ALA A N   1 
ATOM   869  C  CA  . ALA A 1 108 ? 5.463   -6.328  -10.904 1.00 35.23  ? 732 ALA A CA  1 
ATOM   870  C  C   . ALA A 1 108 ? 6.378   -5.296  -11.563 1.00 39.81  ? 732 ALA A C   1 
ATOM   871  O  O   . ALA A 1 108 ? 6.077   -4.752  -12.628 1.00 39.18  ? 732 ALA A O   1 
ATOM   872  C  CB  . ALA A 1 108 ? 4.439   -5.619  -10.034 1.00 34.05  ? 732 ALA A CB  1 
ATOM   873  N  N   . ARG A 1 109 ? 7.493   -4.985  -10.907 1.00 36.46  ? 733 ARG A N   1 
ATOM   874  C  CA  . ARG A 1 109 ? 8.423   -4.023  -11.451 1.00 40.06  ? 733 ARG A CA  1 
ATOM   875  C  C   . ARG A 1 109 ? 9.058   -4.542  -12.730 1.00 38.00  ? 733 ARG A C   1 
ATOM   876  O  O   . ARG A 1 109 ? 9.279   -3.756  -13.647 1.00 48.91  ? 733 ARG A O   1 
ATOM   877  C  CB  . ARG A 1 109 ? 9.530   -3.736  -10.447 1.00 40.46  ? 733 ARG A CB  1 
ATOM   878  C  CG  . ARG A 1 109 ? 10.519  -2.729  -10.962 1.00 45.99  ? 733 ARG A CG  1 
ATOM   879  C  CD  . ARG A 1 109 ? 11.542  -2.451  -9.882  1.00 48.40  ? 733 ARG A CD  1 
ATOM   880  N  NE  . ARG A 1 109 ? 11.036  -1.544  -8.855  1.00 45.78  ? 733 ARG A NE  1 
ATOM   881  C  CZ  . ARG A 1 109 ? 10.822  -0.246  -9.039  1.00 50.68  ? 733 ARG A CZ  1 
ATOM   882  N  NH1 . ARG A 1 109 ? 11.022  0.315   -10.232 1.00 55.58  ? 733 ARG A NH1 1 
ATOM   883  N  NH2 . ARG A 1 109 ? 10.384  0.498   -8.032  1.00 50.86  ? 733 ARG A NH2 1 
ATOM   884  N  N   . ARG A 1 110 ? 9.356   -5.839  -12.786 1.00 41.42  ? 734 ARG A N   1 
ATOM   885  C  CA  . ARG A 1 110 ? 9.944   -6.435  -13.984 1.00 45.87  ? 734 ARG A CA  1 
ATOM   886  C  C   . ARG A 1 110 ? 9.015   -6.217  -15.179 1.00 51.62  ? 734 ARG A C   1 
ATOM   887  O  O   . ARG A 1 110 ? 9.485   -5.893  -16.265 1.00 54.17  ? 734 ARG A O   1 
ATOM   888  C  CB  . ARG A 1 110 ? 10.186  -7.925  -13.805 1.00 48.95  ? 734 ARG A CB  1 
ATOM   889  C  CG  . ARG A 1 110 ? 11.319  -8.302  -12.858 1.00 56.52  ? 734 ARG A CG  1 
ATOM   890  C  CD  . ARG A 1 110 ? 11.384  -9.820  -12.729 1.00 64.34  ? 734 ARG A CD  1 
ATOM   891  N  NE  . ARG A 1 110 ? 11.573  -10.293 -11.348 1.00 77.69  ? 734 ARG A NE  1 
ATOM   892  C  CZ  . ARG A 1 110 ? 11.217  -11.506 -10.894 1.00 94.50  ? 734 ARG A CZ  1 
ATOM   893  N  NH1 . ARG A 1 110 ? 11.444  -11.830 -9.620  1.00 99.99  ? 734 ARG A NH1 1 
ATOM   894  N  NH2 . ARG A 1 110 ? 10.630  -12.407 -11.691 1.00 95.15  ? 734 ARG A NH2 1 
ATOM   895  N  N   . GLN A 1 111 ? 7.698   -6.374  -14.976 1.00 54.60  ? 735 GLN A N   1 
ATOM   896  C  CA  . GLN A 1 111 ? 6.703   -6.109  -16.052 1.00 53.43  ? 735 GLN A CA  1 
ATOM   897  C  C   . GLN A 1 111 ? 6.653   -4.662  -16.460 1.00 49.90  ? 735 GLN A C   1 
ATOM   898  O  O   . GLN A 1 111 ? 6.550   -4.342  -17.642 1.00 55.82  ? 735 GLN A O   1 
ATOM   899  C  CB  . GLN A 1 111 ? 5.282   -6.490  -15.639 1.00 56.23  ? 735 GLN A CB  1 
ATOM   900  C  CG  . GLN A 1 111 ? 4.877   -7.898  -16.006 1.00 64.59  ? 735 GLN A CG  1 
ATOM   901  C  CD  . GLN A 1 111 ? 5.557   -8.915  -15.149 1.00 67.58  ? 735 GLN A CD  1 
ATOM   902  O  OE1 . GLN A 1 111 ? 6.377   -8.577  -14.308 1.00 75.75  ? 735 GLN A OE1 1 
ATOM   903  N  NE2 . GLN A 1 111 ? 5.229   -10.177 -15.360 1.00 77.96  ? 735 GLN A NE2 1 
ATOM   904  N  N   . ALA A 1 112 ? 6.690   -3.775  -15.484 1.00 44.30  ? 736 ALA A N   1 
ATOM   905  C  CA  . ALA A 1 112 ? 6.594   -2.371  -15.773 1.00 43.66  ? 736 ALA A CA  1 
ATOM   906  C  C   . ALA A 1 112 ? 7.832   -1.942  -16.569 1.00 53.92  ? 736 ALA A C   1 
ATOM   907  O  O   . ALA A 1 112 ? 7.756   -0.965  -17.317 1.00 62.20  ? 736 ALA A O   1 
ATOM   908  C  CB  . ALA A 1 112 ? 6.466   -1.564  -14.506 1.00 45.02  ? 736 ALA A CB  1 
ATOM   909  N  N   . GLU A 1 113 ? 8.943   -2.672  -16.397 1.00 56.85  ? 737 GLU A N   1 
ATOM   910  C  CA  . GLU A 1 113 ? 10.209  -2.384  -17.101 1.00 65.59  ? 737 GLU A CA  1 
ATOM   911  C  C   . GLU A 1 113 ? 10.143  -2.803  -18.573 1.00 68.89  ? 737 GLU A C   1 
ATOM   912  O  O   . GLU A 1 113 ? 10.765  -2.173  -19.425 1.00 71.81  ? 737 GLU A O   1 
ATOM   913  C  CB  . GLU A 1 113 ? 11.405  -3.081  -16.416 1.00 68.26  ? 737 GLU A CB  1 
ATOM   914  C  CG  . GLU A 1 113 ? 11.919  -2.392  -15.153 1.00 72.01  ? 737 GLU A CG  1 
ATOM   915  C  CD  . GLU A 1 113 ? 12.767  -3.307  -14.249 1.00 80.95  ? 737 GLU A CD  1 
ATOM   916  O  OE1 . GLU A 1 113 ? 12.965  -4.501  -14.594 1.00 83.78  ? 737 GLU A OE1 1 
ATOM   917  O  OE2 . GLU A 1 113 ? 13.240  -2.835  -13.177 1.00 86.24  ? 737 GLU A OE2 1 
ATOM   918  N  N   . LYS A 1 114 ? 9.390   -3.863  -18.866 1.00 73.30  ? 738 LYS A N   1 
ATOM   919  C  CA  . LYS A 1 114 ? 9.169   -4.312  -20.248 1.00 75.44  ? 738 LYS A CA  1 
ATOM   920  C  C   . LYS A 1 114 ? 8.186   -3.419  -21.023 1.00 74.88  ? 738 LYS A C   1 
ATOM   921  O  O   . LYS A 1 114 ? 7.883   -3.683  -22.182 1.00 73.13  ? 738 LYS A O   1 
ATOM   922  C  CB  . LYS A 1 114 ? 8.610   -5.740  -20.257 1.00 82.34  ? 738 LYS A CB  1 
ATOM   923  C  CG  . LYS A 1 114 ? 9.495   -6.793  -19.611 1.00 86.70  ? 738 LYS A CG  1 
ATOM   924  C  CD  . LYS A 1 114 ? 8.766   -8.126  -19.572 1.00 91.31  ? 738 LYS A CD  1 
ATOM   925  C  CE  . LYS A 1 114 ? 9.364   -9.071  -18.547 1.00 97.92  ? 738 LYS A CE  1 
ATOM   926  N  NZ  . LYS A 1 114 ? 8.418   -10.174 -18.210 1.00 103.19 ? 738 LYS A NZ  1 
ATOM   927  N  N   . MET A 1 115 ? 7.716   -2.346  -20.402 1.00 78.08  ? 739 MET A N   1 
ATOM   928  C  CA  . MET A 1 115 ? 6.487   -1.697  -20.818 1.00 77.95  ? 739 MET A CA  1 
ATOM   929  C  C   . MET A 1 115 ? 6.740   -0.250  -21.253 1.00 81.28  ? 739 MET A C   1 
ATOM   930  O  O   . MET A 1 115 ? 6.253   0.704   -20.645 1.00 79.31  ? 739 MET A O   1 
ATOM   931  C  CB  . MET A 1 115 ? 5.505   -1.805  -19.645 1.00 72.04  ? 739 MET A CB  1 
ATOM   932  C  CG  . MET A 1 115 ? 4.062   -1.458  -19.909 1.00 65.71  ? 739 MET A CG  1 
ATOM   933  S  SD  . MET A 1 115 ? 3.167   -1.732  -18.367 1.00 56.32  ? 739 MET A SD  1 
ATOM   934  C  CE  . MET A 1 115 ? 2.988   -3.513  -18.359 1.00 55.61  ? 739 MET A CE  1 
ATOM   935  N  N   . GLY A 1 116 ? 7.504   -0.107  -22.330 1.00 91.18  ? 740 GLY A N   1 
ATOM   936  C  CA  . GLY A 1 116 ? 7.761   1.193   -22.946 1.00 98.02  ? 740 GLY A CA  1 
ATOM   937  C  C   . GLY A 1 116 ? 9.025   1.839   -22.416 1.00 102.77 ? 740 GLY A C   1 
ATOM   938  O  O   . GLY A 1 116 ? 8.998   2.520   -21.390 1.00 117.20 ? 740 GLY A O   1 
HETATM 939  C  CAZ . 5XE B 2 .   ? -8.962  -2.932  14.102  1.00 54.50  ? 801 5XE A CAZ 1 
HETATM 940  C  CAT . 5XE B 2 .   ? -8.462  -2.906  15.391  1.00 46.48  ? 801 5XE A CAT 1 
HETATM 941  C  CAU . 5XE B 2 .   ? -8.069  -4.106  15.911  1.00 48.64  ? 801 5XE A CAU 1 
HETATM 942  C  CAV . 5XE B 2 .   ? -7.587  -4.137  17.197  1.00 58.22  ? 801 5XE A CAV 1 
HETATM 943  BR BR  . 5XE B 2 .   ? -7.025  -5.742  17.903  1.00 106.85 ? 801 5XE A BR  1 
HETATM 944  C  CAW . 5XE B 2 .   ? -7.473  -3.002  17.971  1.00 53.01  ? 801 5XE A CAW 1 
HETATM 945  C  CAX . 5XE B 2 .   ? -7.866  -1.791  17.457  1.00 49.57  ? 801 5XE A CAX 1 
HETATM 946  C  CAR . 5XE B 2 .   ? -8.361  -1.748  16.165  1.00 43.30  ? 801 5XE A CAR 1 
HETATM 947  S  SAA . 5XE B 2 .   ? -8.803  -0.177  15.626  1.00 40.34  ? 801 5XE A SAA 1 
HETATM 948  O  OAC . 5XE B 2 .   ? -10.302 0.027   15.976  1.00 48.78  ? 801 5XE A OAC 1 
HETATM 949  O  OAD . 5XE B 2 .   ? -7.931  0.809   16.385  1.00 36.36  ? 801 5XE A OAD 1 
HETATM 950  N  NAB . 5XE B 2 .   ? -8.505  0.039   13.995  1.00 35.21  ? 801 5XE A NAB 1 
HETATM 951  C  CAE . 5XE B 2 .   ? -7.213  0.095   13.509  1.00 29.29  ? 801 5XE A CAE 1 
HETATM 952  C  CAF . 5XE B 2 .   ? -6.082  0.741   14.048  1.00 29.11  ? 801 5XE A CAF 1 
HETATM 953  C  CAG . 5XE B 2 .   ? -4.904  0.673   13.339  1.00 26.88  ? 801 5XE A CAG 1 
HETATM 954  N  NAL . 5XE B 2 .   ? -3.662  1.174   13.614  1.00 25.80  ? 801 5XE A NAL 1 
HETATM 955  C  CAP . 5XE B 2 .   ? -3.174  1.933   14.807  1.00 27.65  ? 801 5XE A CAP 1 
HETATM 956  C  CAM . 5XE B 2 .   ? -2.872  0.858   12.570  1.00 26.45  ? 801 5XE A CAM 1 
HETATM 957  O  OAO . 5XE B 2 .   ? -1.682  1.195   12.511  1.00 28.20  ? 801 5XE A OAO 1 
HETATM 958  N  NAN . 5XE B 2 .   ? -3.578  0.187   11.650  1.00 27.82  ? 801 5XE A NAN 1 
HETATM 959  C  CAQ . 5XE B 2 .   ? -3.009  -0.301  10.369  1.00 27.44  ? 801 5XE A CAQ 1 
HETATM 960  C  CAH . 5XE B 2 .   ? -4.834  0.090   12.109  1.00 27.04  ? 801 5XE A CAH 1 
HETATM 961  C  CAI . 5XE B 2 .   ? -5.889  -0.490  11.541  1.00 29.63  ? 801 5XE A CAI 1 
HETATM 962  C  CAJ . 5XE B 2 .   ? -7.099  -0.482  12.249  1.00 31.79  ? 801 5XE A CAJ 1 
HETATM 963  O  OAK . 5XE B 2 .   ? -8.236  -1.033  11.772  1.00 36.16  ? 801 5XE A OAK 1 
HETATM 964  C  CAS . 5XE B 2 .   ? -8.067  -2.052  10.782  1.00 40.99  ? 801 5XE A CAS 1 
HETATM 965  O  O   . HOH C 3 .   ? -7.042  -7.855  2.257   1.00 28.40  ? 901 HOH A O   1 
HETATM 966  O  O   . HOH C 3 .   ? 10.999  -3.084  -6.950  1.00 53.70  ? 902 HOH A O   1 
HETATM 967  O  O   . HOH C 3 .   ? 7.096   -7.366  16.683  1.00 47.58  ? 903 HOH A O   1 
HETATM 968  O  O   . HOH C 3 .   ? 0.976   -9.802  4.714   1.00 45.27  ? 904 HOH A O   1 
HETATM 969  O  O   . HOH C 3 .   ? -0.448  2.724   10.549  1.00 26.83  ? 905 HOH A O   1 
HETATM 970  O  O   . HOH C 3 .   ? 2.892   9.652   -1.246  1.00 48.36  ? 906 HOH A O   1 
HETATM 971  O  O   . HOH C 3 .   ? -6.476  -5.319  2.477   1.00 32.72  ? 907 HOH A O   1 
HETATM 972  O  O   . HOH C 3 .   ? -5.071  6.616   5.014   1.00 32.31  ? 908 HOH A O   1 
HETATM 973  O  O   . HOH C 3 .   ? -1.376  5.032   7.467   1.00 26.30  ? 909 HOH A O   1 
HETATM 974  O  O   . HOH C 3 .   ? 11.431  -8.894  7.465   1.00 41.50  ? 910 HOH A O   1 
HETATM 975  O  O   . HOH C 3 .   ? 1.276   -7.748  -10.745 1.00 34.80  ? 911 HOH A O   1 
HETATM 976  O  O   . HOH C 3 .   ? 12.383  -6.147  10.628  1.00 35.28  ? 912 HOH A O   1 
HETATM 977  O  O   . HOH C 3 .   ? 6.116   6.531   7.558   1.00 36.00  ? 913 HOH A O   1 
HETATM 978  O  O   . HOH C 3 .   ? -5.288  0.858   7.924   1.00 26.86  ? 914 HOH A O   1 
HETATM 979  O  O   . HOH C 3 .   ? 8.938   0.134   5.060   1.00 50.84  ? 915 HOH A O   1 
HETATM 980  O  O   . HOH C 3 .   ? -11.421 3.950   8.506   1.00 38.37  ? 916 HOH A O   1 
HETATM 981  O  O   . HOH C 3 .   ? -2.863  1.644   6.596   1.00 25.86  ? 917 HOH A O   1 
HETATM 982  O  O   . HOH C 3 .   ? -1.182  -11.906 -3.564  1.00 40.79  ? 918 HOH A O   1 
HETATM 983  O  O   . HOH C 3 .   ? -3.206  -8.757  7.667   1.00 41.70  ? 919 HOH A O   1 
HETATM 984  O  O   . HOH C 3 .   ? 7.233   5.878   1.004   1.00 34.75  ? 920 HOH A O   1 
HETATM 985  O  O   . HOH C 3 .   ? 3.459   -9.390  -8.697  1.00 36.63  ? 921 HOH A O   1 
HETATM 986  O  O   . HOH C 3 .   ? 0.222   -8.683  6.906   1.00 38.45  ? 922 HOH A O   1 
HETATM 987  O  O   . HOH C 3 .   ? -0.487  2.162   7.876   1.00 26.45  ? 923 HOH A O   1 
HETATM 988  O  O   . HOH C 3 .   ? -9.503  -1.511  0.345   1.00 34.32  ? 924 HOH A O   1 
HETATM 989  O  O   . HOH C 3 .   ? -9.075  0.791   8.995   1.00 40.88  ? 925 HOH A O   1 
HETATM 990  O  O   . HOH C 3 .   ? -0.752  -5.208  -18.144 1.00 39.60  ? 926 HOH A O   1 
HETATM 991  O  O   . HOH C 3 .   ? -5.777  7.605   9.023   1.00 34.45  ? 927 HOH A O   1 
HETATM 992  O  O   . HOH C 3 .   ? 3.645   9.572   7.066   1.00 33.85  ? 928 HOH A O   1 
HETATM 993  O  O   . HOH C 3 .   ? 8.039   4.941   3.524   1.00 35.45  ? 929 HOH A O   1 
HETATM 994  O  O   . HOH C 3 .   ? 9.493   3.729   -5.091  1.00 52.51  ? 930 HOH A O   1 
HETATM 995  O  O   . HOH C 3 .   ? -6.603  -12.101 1.524   1.00 44.77  ? 931 HOH A O   1 
HETATM 996  O  O   . HOH C 3 .   ? 8.570   -4.198  1.032   1.00 40.41  ? 932 HOH A O   1 
HETATM 997  O  O   . HOH C 3 .   ? -2.774  6.042   -11.882 1.00 42.45  ? 933 HOH A O   1 
HETATM 998  O  O   . HOH C 3 .   ? 5.955   -10.196 11.629  1.00 48.77  ? 934 HOH A O   1 
HETATM 999  O  O   . HOH C 3 .   ? -7.700  -3.892  -5.125  1.00 43.83  ? 935 HOH A O   1 
HETATM 1000 O  O   . HOH C 3 .   ? 11.036  -1.419  6.942   0.50 29.04  ? 936 HOH A O   1 
HETATM 1001 O  O   . HOH C 3 .   ? 11.028  -5.072  12.890  1.00 38.37  ? 937 HOH A O   1 
HETATM 1002 O  O   . HOH C 3 .   ? -11.023 -1.076  13.044  1.00 42.02  ? 938 HOH A O   1 
HETATM 1003 O  O   . HOH C 3 .   ? -2.765  10.053  -1.718  1.00 41.22  ? 939 HOH A O   1 
HETATM 1004 O  O   . HOH C 3 .   ? 6.690   -3.531  22.230  1.00 41.48  ? 940 HOH A O   1 
HETATM 1005 O  O   . HOH C 3 .   ? 7.918   -1.129  20.946  1.00 32.08  ? 941 HOH A O   1 
HETATM 1006 O  O   . HOH C 3 .   ? 8.653   5.236   15.896  1.00 46.06  ? 942 HOH A O   1 
HETATM 1007 O  O   . HOH C 3 .   ? -7.146  -3.253  -7.648  1.00 36.76  ? 943 HOH A O   1 
HETATM 1008 O  O   . HOH C 3 .   ? 1.251   0.737   20.144  1.00 35.56  ? 944 HOH A O   1 
HETATM 1009 O  O   . HOH C 3 .   ? -8.585  -1.238  7.347   1.00 35.88  ? 945 HOH A O   1 
HETATM 1010 O  O   . HOH C 3 .   ? 1.185   1.208   -20.657 1.00 45.15  ? 946 HOH A O   1 
HETATM 1011 O  O   . HOH C 3 .   ? -10.155 7.746   9.952   1.00 49.49  ? 947 HOH A O   1 
HETATM 1012 O  O   . HOH C 3 .   ? -4.338  5.492   7.311   1.00 29.07  ? 948 HOH A O   1 
HETATM 1013 O  O   . HOH C 3 .   ? 12.717  -5.890  20.240  1.00 46.56  ? 949 HOH A O   1 
HETATM 1014 O  O   . HOH C 3 .   ? -7.718  4.133   -13.751 1.00 56.83  ? 950 HOH A O   1 
HETATM 1015 O  O   . HOH C 3 .   ? 3.423   6.493   18.517  1.00 53.35  ? 951 HOH A O   1 
HETATM 1016 O  O   . HOH C 3 .   ? 5.140   10.512  9.427   1.00 36.57  ? 952 HOH A O   1 
HETATM 1017 O  O   . HOH C 3 .   ? -2.221  -5.589  19.363  1.00 44.35  ? 953 HOH A O   1 
HETATM 1018 O  O   . HOH C 3 .   ? -1.467  -14.751 -1.596  1.00 51.25  ? 954 HOH A O   1 
HETATM 1019 O  O   . HOH C 3 .   ? 11.472  -7.519  4.586   1.00 44.63  ? 955 HOH A O   1 
HETATM 1020 O  O   . HOH C 3 .   ? -1.873  -14.381 1.482   1.00 53.28  ? 956 HOH A O   1 
HETATM 1021 O  O   . HOH C 3 .   ? -12.687 -6.246  7.001   1.00 45.67  ? 957 HOH A O   1 
HETATM 1022 O  O   . HOH C 3 .   ? -10.850 9.038   -6.167  0.50 53.59  ? 958 HOH A O   1 
HETATM 1023 O  O   . HOH C 3 .   ? -5.339  0.890   18.645  1.00 56.11  ? 959 HOH A O   1 
HETATM 1024 O  O   . HOH C 3 .   ? 13.053  -8.779  9.675   1.00 47.48  ? 960 HOH A O   1 
HETATM 1025 O  O   . HOH C 3 .   ? -10.578 5.193   21.925  1.00 64.57  ? 961 HOH A O   1 
HETATM 1026 O  O   . HOH C 3 .   ? 0.852   -12.499 -5.714  1.00 40.71  ? 962 HOH A O   1 
HETATM 1027 O  O   . HOH C 3 .   ? -8.243  -7.196  -4.007  1.00 50.74  ? 963 HOH A O   1 
HETATM 1028 O  O   . HOH C 3 .   ? 7.034   8.596   1.011   1.00 47.69  ? 964 HOH A O   1 
HETATM 1029 O  O   . HOH C 3 .   ? 9.497   -7.553  18.184  1.00 47.01  ? 965 HOH A O   1 
HETATM 1030 O  O   . HOH C 3 .   ? 8.747   -5.173  22.467  1.00 38.48  ? 966 HOH A O   1 
HETATM 1031 O  O   . HOH C 3 .   ? -2.466  13.220  3.955   1.00 51.30  ? 967 HOH A O   1 
HETATM 1032 O  O   . HOH C 3 .   ? -6.491  8.848   4.868   1.00 42.23  ? 968 HOH A O   1 
HETATM 1033 O  O   . HOH C 3 .   ? 7.478   -8.342  14.059  1.00 43.04  ? 969 HOH A O   1 
HETATM 1034 O  O   . HOH C 3 .   ? -6.617  9.616   7.708   1.00 44.56  ? 970 HOH A O   1 
HETATM 1035 O  O   . HOH C 3 .   ? 10.169  7.237   11.991  1.00 55.11  ? 971 HOH A O   1 
HETATM 1036 O  O   . HOH C 3 .   ? 10.224  4.817   13.758  1.00 39.45  ? 972 HOH A O   1 
HETATM 1037 O  O   . HOH C 3 .   ? 7.091   1.383   21.695  1.00 35.78  ? 973 HOH A O   1 
# 
